data_2KM8
#
_entry.id   2KM8
#
loop_
_entity.id
_entity.type
_entity.pdbx_description
1 polymer "5'-R(P*UP*AP*UP*AP*UP*AP*UP*AP*AP*UP*AP*AP*U)-3'"
2 polymer "mRNA 3'-end-processing protein RNA15"
3 polymer 'Nuclear polyadenylated RNA-binding protein 4'
#
loop_
_entity_poly.entity_id
_entity_poly.type
_entity_poly.pdbx_seq_one_letter_code
_entity_poly.pdbx_strand_id
1 'polyribonucleotide' UAUAUAUAAUAAU A
2 'polypeptide(L)'
;NPPSRVVYLGSIPYDQTEEQILDLCSNVGPVINLKMMFDPQTGRSKGYAFIEFRDLESSASAVRNLNGYQLGSRFLKCGY
SSNS
;
B
3 'polypeptide(L)'
;KESCKMFIGGLNWDTTEDNLREYFGKYGTVTDLKIMKDPATGRSRGFGFLSFEKPSSVDEVVKTQHILDGKVIDPKRAIP
RDEQDKTGKIFVGGIGPDVRPKEFEEFFSQWGTIIDAQLMLDKDTGQSRGFGFVTYDSADAVDRVCQNKFIDFKDRKIEI
KRAEPRH
;
C
#
# COMPACT_ATOMS: atom_id res chain seq x y z
N ASN B 1 9.55 11.09 7.98
CA ASN B 1 8.59 10.01 8.33
C ASN B 1 9.26 9.03 9.29
N PRO B 2 9.39 9.42 10.53
CA PRO B 2 10.01 8.57 11.59
C PRO B 2 9.21 7.30 11.85
N PRO B 3 9.71 6.43 12.69
CA PRO B 3 9.04 5.15 13.04
C PRO B 3 8.01 5.30 14.17
N SER B 4 7.86 6.47 14.73
CA SER B 4 6.89 6.65 15.85
C SER B 4 6.50 8.13 15.95
N ARG B 5 5.22 8.39 16.12
CA ARG B 5 4.75 9.81 16.23
C ARG B 5 3.23 9.81 16.46
N VAL B 6 2.53 8.85 15.91
CA VAL B 6 1.05 8.81 16.06
C VAL B 6 0.62 7.43 16.57
N VAL B 7 -0.59 7.30 17.07
CA VAL B 7 -1.06 5.98 17.56
C VAL B 7 -2.32 5.59 16.78
N TYR B 8 -2.42 4.36 16.35
CA TYR B 8 -3.63 3.93 15.60
C TYR B 8 -4.50 3.06 16.50
N LEU B 9 -5.71 3.47 16.76
CA LEU B 9 -6.62 2.67 17.61
C LEU B 9 -7.67 2.06 16.69
N GLY B 10 -7.58 0.77 16.40
CA GLY B 10 -8.56 0.14 15.47
C GLY B 10 -9.56 -0.75 16.20
N SER B 11 -9.14 -1.90 16.66
CA SER B 11 -10.09 -2.81 17.36
C SER B 11 -10.51 -2.21 18.69
N ILE B 12 -11.47 -1.34 18.67
CA ILE B 12 -11.95 -0.72 19.93
C ILE B 12 -13.46 -0.50 19.80
N PRO B 13 -14.27 -1.06 20.68
CA PRO B 13 -15.75 -0.91 20.59
C PRO B 13 -16.20 0.51 20.92
N TYR B 14 -17.42 0.83 20.59
CA TYR B 14 -17.94 2.20 20.88
C TYR B 14 -17.90 2.44 22.38
N ASP B 15 -17.40 1.51 23.14
CA ASP B 15 -17.33 1.71 24.62
C ASP B 15 -16.40 2.87 24.92
N GLN B 16 -15.31 2.99 24.19
CA GLN B 16 -14.35 4.11 24.45
C GLN B 16 -14.16 4.90 23.15
N THR B 17 -14.59 6.13 23.12
CA THR B 17 -14.46 6.95 21.88
C THR B 17 -13.41 8.07 22.05
N GLU B 18 -13.69 9.23 21.54
CA GLU B 18 -12.71 10.35 21.64
C GLU B 18 -12.48 10.74 23.11
N GLU B 19 -13.46 10.55 23.94
CA GLU B 19 -13.28 10.90 25.38
C GLU B 19 -12.34 9.93 26.06
N GLN B 20 -12.62 8.67 25.98
CA GLN B 20 -11.75 7.66 26.64
C GLN B 20 -10.39 7.60 25.96
N ILE B 21 -10.37 7.51 24.65
CA ILE B 21 -9.05 7.47 23.96
C ILE B 21 -8.27 8.72 24.38
N LEU B 22 -8.88 9.88 24.24
CA LEU B 22 -8.20 11.15 24.62
C LEU B 22 -7.35 10.96 25.89
N ASP B 23 -7.62 9.97 26.69
CA ASP B 23 -6.78 9.76 27.90
C ASP B 23 -6.18 8.35 27.91
N LEU B 24 -6.77 7.39 27.27
CA LEU B 24 -6.12 6.05 27.27
C LEU B 24 -4.72 6.24 26.69
N CYS B 25 -4.61 7.07 25.68
CA CYS B 25 -3.26 7.32 25.08
C CYS B 25 -2.56 8.41 25.87
N SER B 26 -3.09 9.60 25.89
CA SER B 26 -2.43 10.72 26.63
C SER B 26 -1.84 10.20 27.93
N ASN B 27 -2.32 9.07 28.42
CA ASN B 27 -1.80 8.51 29.71
C ASN B 27 -0.27 8.44 29.68
N VAL B 28 0.34 9.58 29.71
CA VAL B 28 1.83 9.67 29.71
C VAL B 28 2.25 11.14 29.55
N GLY B 29 1.50 11.93 28.85
CA GLY B 29 1.89 13.35 28.67
C GLY B 29 0.89 14.05 27.74
N PRO B 30 1.30 15.10 27.09
CA PRO B 30 0.42 15.86 26.16
C PRO B 30 0.23 15.14 24.82
N VAL B 31 -0.80 15.48 24.11
CA VAL B 31 -1.07 14.83 22.79
C VAL B 31 -1.08 15.92 21.72
N ILE B 32 -1.80 15.73 20.64
CA ILE B 32 -1.86 16.80 19.59
C ILE B 32 -3.18 16.70 18.85
N ASN B 33 -3.40 15.62 18.15
CA ASN B 33 -4.68 15.49 17.38
C ASN B 33 -5.39 14.20 17.74
N LEU B 34 -6.69 14.21 17.73
CA LEU B 34 -7.45 12.98 18.02
C LEU B 34 -8.63 12.92 17.05
N LYS B 35 -8.82 11.81 16.40
CA LYS B 35 -9.97 11.69 15.46
C LYS B 35 -10.64 10.34 15.65
N MET B 36 -11.94 10.27 15.52
CA MET B 36 -12.65 8.97 15.71
C MET B 36 -13.68 8.78 14.59
N MET B 37 -13.75 7.61 14.00
CA MET B 37 -14.77 7.36 12.93
C MET B 37 -15.00 5.84 12.81
N PHE B 38 -16.04 5.45 12.11
CA PHE B 38 -16.33 4.01 11.93
C PHE B 38 -16.37 3.71 10.43
N ASP B 39 -16.83 2.54 10.04
CA ASP B 39 -16.85 2.18 8.60
C ASP B 39 -18.23 2.36 7.96
N PRO B 40 -18.69 3.56 7.71
CA PRO B 40 -20.00 3.79 7.05
C PRO B 40 -19.99 3.31 5.60
N GLN B 41 -18.88 3.50 4.92
CA GLN B 41 -18.76 3.07 3.51
C GLN B 41 -17.98 1.75 3.41
N THR B 42 -16.75 1.76 3.88
CA THR B 42 -15.93 0.52 3.83
C THR B 42 -16.73 -0.65 4.39
N GLY B 43 -17.47 -0.41 5.45
CA GLY B 43 -18.29 -1.50 6.05
C GLY B 43 -17.38 -2.48 6.80
N ARG B 44 -16.24 -2.02 7.26
CA ARG B 44 -15.30 -2.93 7.97
C ARG B 44 -14.83 -2.29 9.28
N SER B 45 -14.06 -1.24 9.19
CA SER B 45 -13.54 -0.57 10.41
C SER B 45 -14.67 -0.29 11.40
N LYS B 46 -14.57 -0.83 12.59
CA LYS B 46 -15.63 -0.58 13.60
C LYS B 46 -15.29 0.70 14.36
N GLY B 47 -14.32 0.63 15.24
CA GLY B 47 -13.92 1.84 16.01
C GLY B 47 -12.48 2.23 15.65
N TYR B 48 -12.32 3.13 14.72
CA TYR B 48 -10.95 3.57 14.33
C TYR B 48 -10.71 5.01 14.74
N ALA B 49 -9.62 5.27 15.39
CA ALA B 49 -9.34 6.67 15.80
C ALA B 49 -7.85 6.95 15.66
N PHE B 50 -7.51 8.12 15.17
CA PHE B 50 -6.05 8.46 14.98
C PHE B 50 -5.64 9.47 16.08
N ILE B 51 -4.64 9.13 16.86
CA ILE B 51 -4.20 10.07 17.95
C ILE B 51 -2.76 10.53 17.75
N GLU B 52 -2.54 11.70 17.19
CA GLU B 52 -1.13 12.16 16.98
C GLU B 52 -0.56 12.80 18.25
N PHE B 53 0.63 12.41 18.62
CA PHE B 53 1.28 12.96 19.86
C PHE B 53 2.17 14.16 19.52
N ARG B 54 2.71 14.80 20.53
CA ARG B 54 3.57 16.01 20.32
C ARG B 54 4.69 15.71 19.34
N ASP B 55 5.31 14.57 19.44
CA ASP B 55 6.41 14.23 18.52
C ASP B 55 7.26 13.12 19.13
N LEU B 56 8.27 12.69 18.44
CA LEU B 56 9.14 11.60 18.95
C LEU B 56 9.34 11.77 20.47
N GLU B 57 9.17 12.95 20.97
CA GLU B 57 9.33 13.17 22.43
C GLU B 57 8.16 12.50 23.18
N SER B 58 6.99 13.08 23.10
CA SER B 58 5.83 12.48 23.79
C SER B 58 5.58 11.10 23.18
N SER B 59 5.70 10.97 21.89
CA SER B 59 5.47 9.65 21.24
C SER B 59 6.51 8.66 21.76
N ALA B 60 7.72 9.11 22.01
CA ALA B 60 8.75 8.18 22.55
C ALA B 60 8.24 7.62 23.87
N SER B 61 7.93 8.53 24.76
CA SER B 61 7.44 8.11 26.12
C SER B 61 6.08 7.40 26.05
N ALA B 62 5.22 7.80 25.16
CA ALA B 62 3.89 7.16 25.06
C ALA B 62 3.98 5.85 24.28
N VAL B 63 4.36 5.92 23.05
CA VAL B 63 4.43 4.67 22.26
C VAL B 63 5.34 3.67 22.97
N ARG B 64 6.43 4.11 23.52
CA ARG B 64 7.33 3.16 24.24
C ARG B 64 6.62 2.67 25.50
N ASN B 65 6.13 3.57 26.31
CA ASN B 65 5.42 3.12 27.56
C ASN B 65 4.12 2.41 27.18
N LEU B 66 3.37 2.95 26.25
CA LEU B 66 2.10 2.30 25.87
C LEU B 66 1.91 2.39 24.34
N ASN B 67 1.78 1.26 23.69
CA ASN B 67 1.58 1.23 22.22
C ASN B 67 0.63 0.08 21.91
N GLY B 68 1.00 -1.10 22.33
CA GLY B 68 0.13 -2.28 22.10
C GLY B 68 -0.11 -2.94 23.47
N TYR B 69 -1.27 -2.77 24.04
CA TYR B 69 -1.53 -3.38 25.36
C TYR B 69 -2.94 -3.97 25.36
N GLN B 70 -3.13 -5.05 26.06
CA GLN B 70 -4.47 -5.72 26.10
C GLN B 70 -5.61 -4.69 26.01
N LEU B 71 -6.06 -4.39 24.82
CA LEU B 71 -7.17 -3.42 24.67
C LEU B 71 -8.04 -3.82 23.46
N GLY B 72 -9.32 -3.96 23.67
CA GLY B 72 -10.20 -4.34 22.53
C GLY B 72 -9.79 -5.71 21.98
N SER B 73 -9.94 -5.93 20.70
CA SER B 73 -9.55 -7.26 20.12
C SER B 73 -8.10 -7.19 19.62
N ARG B 74 -7.60 -6.00 19.42
CA ARG B 74 -6.21 -5.83 18.94
C ARG B 74 -5.54 -4.81 19.83
N PHE B 75 -4.26 -4.77 19.85
CA PHE B 75 -3.55 -3.81 20.74
C PHE B 75 -3.21 -2.54 19.96
N LEU B 76 -3.41 -1.40 20.58
CA LEU B 76 -3.09 -0.12 19.88
C LEU B 76 -1.78 -0.30 19.10
N LYS B 77 -1.66 0.33 17.96
CA LYS B 77 -0.43 0.16 17.14
C LYS B 77 0.39 1.45 17.16
N CYS B 78 1.69 1.34 17.00
CA CYS B 78 2.55 2.56 16.99
C CYS B 78 2.43 3.26 15.64
N GLY B 79 1.77 4.39 15.60
CA GLY B 79 1.60 5.12 14.33
C GLY B 79 2.79 6.05 14.07
N TYR B 80 2.85 6.66 12.92
CA TYR B 80 3.99 7.57 12.60
C TYR B 80 3.55 8.64 11.60
N SER B 81 2.65 8.32 10.72
CA SER B 81 2.19 9.32 9.69
C SER B 81 2.13 10.73 10.29
N SER B 82 2.48 11.72 9.52
CA SER B 82 2.44 13.11 10.04
C SER B 82 1.78 14.03 9.01
N ASN B 83 0.98 14.96 9.46
CA ASN B 83 0.30 15.89 8.51
C ASN B 83 0.92 17.28 8.62
N SER B 84 1.38 17.83 7.54
CA SER B 84 1.99 19.19 7.59
C SER B 84 1.06 20.15 8.32
N LYS C 1 23.77 -12.23 -0.78
CA LYS C 1 23.66 -11.38 0.45
C LYS C 1 23.10 -10.01 0.08
N GLU C 2 23.78 -9.31 -0.80
CA GLU C 2 23.30 -7.96 -1.20
C GLU C 2 21.92 -8.07 -1.87
N SER C 3 21.69 -9.13 -2.60
CA SER C 3 20.36 -9.28 -3.29
C SER C 3 19.89 -10.74 -3.18
N CYS C 4 18.62 -10.94 -2.95
CA CYS C 4 18.08 -12.33 -2.85
C CYS C 4 16.64 -12.27 -2.35
N LYS C 5 16.33 -11.39 -1.45
CA LYS C 5 14.93 -11.27 -0.94
C LYS C 5 14.14 -10.40 -1.92
N MET C 6 12.91 -10.74 -2.20
CA MET C 6 12.10 -9.90 -3.14
C MET C 6 10.80 -9.49 -2.46
N PHE C 7 10.07 -8.60 -3.06
CA PHE C 7 8.77 -8.16 -2.46
C PHE C 7 7.63 -8.44 -3.45
N ILE C 8 7.16 -9.65 -3.52
CA ILE C 8 6.05 -9.97 -4.45
C ILE C 8 4.95 -8.94 -4.24
N GLY C 9 4.43 -8.37 -5.30
CA GLY C 9 3.36 -7.36 -5.15
C GLY C 9 2.23 -7.64 -6.14
N GLY C 10 1.05 -7.19 -5.84
CA GLY C 10 -0.10 -7.41 -6.77
C GLY C 10 -0.55 -8.87 -6.65
N LEU C 11 -0.36 -9.45 -5.50
CA LEU C 11 -0.78 -10.88 -5.32
C LEU C 11 -2.30 -10.97 -5.31
N ASN C 12 -2.83 -12.01 -5.89
CA ASN C 12 -4.31 -12.17 -5.90
C ASN C 12 -4.78 -12.46 -4.48
N TRP C 13 -5.89 -11.90 -4.08
CA TRP C 13 -6.37 -12.15 -2.69
C TRP C 13 -6.69 -13.64 -2.48
N ASP C 14 -5.94 -14.52 -3.09
CA ASP C 14 -6.21 -15.98 -2.91
C ASP C 14 -4.95 -16.79 -3.21
N THR C 15 -3.92 -16.64 -2.43
CA THR C 15 -2.65 -17.40 -2.70
C THR C 15 -2.11 -18.02 -1.40
N THR C 16 -1.38 -19.10 -1.52
CA THR C 16 -0.81 -19.77 -0.31
C THR C 16 0.71 -19.77 -0.43
N GLU C 17 1.42 -20.10 0.63
CA GLU C 17 2.91 -20.12 0.55
C GLU C 17 3.36 -21.30 -0.30
N ASP C 18 3.17 -22.50 0.17
CA ASP C 18 3.60 -23.69 -0.63
C ASP C 18 3.13 -23.52 -2.07
N ASN C 19 1.97 -22.95 -2.25
CA ASN C 19 1.47 -22.73 -3.64
C ASN C 19 2.32 -21.66 -4.32
N LEU C 20 2.48 -20.53 -3.69
CA LEU C 20 3.29 -19.44 -4.28
C LEU C 20 4.68 -19.95 -4.61
N ARG C 21 5.26 -20.74 -3.75
CA ARG C 21 6.62 -21.27 -4.02
C ARG C 21 6.56 -22.22 -5.21
N GLU C 22 5.79 -23.28 -5.10
CA GLU C 22 5.70 -24.24 -6.24
C GLU C 22 5.54 -23.45 -7.53
N TYR C 23 4.90 -22.30 -7.46
CA TYR C 23 4.73 -21.48 -8.69
C TYR C 23 6.04 -20.78 -9.03
N PHE C 24 6.65 -20.14 -8.06
CA PHE C 24 7.91 -19.41 -8.33
C PHE C 24 9.09 -20.36 -8.55
N GLY C 25 9.33 -21.35 -7.71
CA GLY C 25 10.51 -22.24 -7.95
C GLY C 25 10.55 -22.81 -9.38
N LYS C 26 9.94 -22.15 -10.32
CA LYS C 26 9.98 -22.60 -11.72
C LYS C 26 11.19 -21.95 -12.39
N TYR C 27 11.75 -20.95 -11.75
CA TYR C 27 12.93 -20.24 -12.31
C TYR C 27 14.22 -20.89 -11.82
N GLY C 28 14.45 -20.87 -10.53
CA GLY C 28 15.70 -21.49 -10.01
C GLY C 28 15.40 -22.21 -8.69
N THR C 29 16.11 -21.87 -7.64
CA THR C 29 15.87 -22.54 -6.34
C THR C 29 15.54 -21.49 -5.27
N VAL C 30 14.69 -21.83 -4.34
CA VAL C 30 14.32 -20.86 -3.27
C VAL C 30 14.51 -21.53 -1.90
N THR C 31 14.97 -20.79 -0.93
CA THR C 31 15.18 -21.41 0.42
C THR C 31 13.98 -21.13 1.33
N ASP C 32 13.41 -19.96 1.24
CA ASP C 32 12.25 -19.64 2.11
C ASP C 32 11.51 -18.40 1.61
N LEU C 33 10.28 -18.22 2.00
CA LEU C 33 9.51 -17.03 1.55
C LEU C 33 8.41 -16.76 2.58
N LYS C 34 8.03 -15.52 2.80
CA LYS C 34 6.96 -15.25 3.81
C LYS C 34 5.72 -14.67 3.13
N ILE C 35 4.81 -15.51 2.72
CA ILE C 35 3.57 -15.00 2.06
C ILE C 35 2.55 -14.62 3.13
N MET C 36 1.82 -13.55 2.92
CA MET C 36 0.83 -13.13 3.94
C MET C 36 -0.57 -13.62 3.55
N LYS C 37 -0.97 -13.41 2.32
CA LYS C 37 -2.33 -13.85 1.88
C LYS C 37 -2.77 -15.09 2.66
N ASP C 38 -3.90 -15.01 3.29
CA ASP C 38 -4.39 -16.17 4.10
C ASP C 38 -5.88 -16.41 3.81
N PRO C 39 -6.18 -17.19 2.80
CA PRO C 39 -7.59 -17.50 2.44
C PRO C 39 -8.31 -18.23 3.57
N ALA C 40 -7.56 -18.86 4.44
CA ALA C 40 -8.17 -19.60 5.59
C ALA C 40 -8.72 -18.61 6.61
N THR C 41 -7.91 -17.68 7.05
CA THR C 41 -8.40 -16.67 8.05
C THR C 41 -9.39 -15.72 7.38
N GLY C 42 -9.17 -15.39 6.15
CA GLY C 42 -10.09 -14.46 5.46
C GLY C 42 -9.34 -13.73 4.35
N ARG C 43 -8.53 -12.76 4.69
CA ARG C 43 -7.79 -12.02 3.63
C ARG C 43 -6.70 -11.14 4.28
N SER C 44 -5.67 -10.83 3.54
CA SER C 44 -4.58 -9.98 4.08
C SER C 44 -3.93 -9.22 2.92
N ARG C 45 -3.10 -8.25 3.20
CA ARG C 45 -2.46 -7.50 2.09
C ARG C 45 -1.93 -8.51 1.07
N GLY C 46 -2.00 -8.21 -0.20
CA GLY C 46 -1.50 -9.19 -1.21
C GLY C 46 -0.05 -8.90 -1.56
N PHE C 47 0.86 -9.51 -0.86
CA PHE C 47 2.30 -9.32 -1.15
C PHE C 47 3.02 -10.58 -0.71
N GLY C 48 4.26 -10.78 -1.07
CA GLY C 48 4.93 -12.03 -0.63
C GLY C 48 6.44 -11.83 -0.51
N PHE C 49 7.06 -12.20 0.57
CA PHE C 49 8.54 -12.04 0.62
C PHE C 49 9.15 -13.30 0.02
N LEU C 50 9.92 -13.16 -1.03
CA LEU C 50 10.53 -14.37 -1.65
C LEU C 50 12.04 -14.39 -1.35
N SER C 51 12.45 -15.23 -0.44
CA SER C 51 13.89 -15.31 -0.07
C SER C 51 14.64 -16.13 -1.11
N PHE C 52 14.85 -15.60 -2.28
CA PHE C 52 15.58 -16.37 -3.32
C PHE C 52 17.03 -16.55 -2.90
N GLU C 53 17.44 -17.76 -2.66
CA GLU C 53 18.85 -18.00 -2.25
C GLU C 53 19.78 -17.51 -3.36
N LYS C 54 19.51 -17.89 -4.57
CA LYS C 54 20.39 -17.46 -5.70
C LYS C 54 19.96 -16.06 -6.19
N PRO C 55 20.66 -14.99 -5.82
CA PRO C 55 20.29 -13.62 -6.27
C PRO C 55 19.84 -13.58 -7.75
N SER C 56 20.25 -14.54 -8.54
CA SER C 56 19.84 -14.54 -9.98
C SER C 56 18.32 -14.66 -10.12
N SER C 57 17.74 -15.69 -9.56
CA SER C 57 16.26 -15.88 -9.66
C SER C 57 15.57 -14.53 -9.48
N VAL C 58 16.09 -13.69 -8.64
CA VAL C 58 15.45 -12.36 -8.42
C VAL C 58 15.54 -11.52 -9.70
N ASP C 59 16.67 -11.54 -10.35
CA ASP C 59 16.84 -10.73 -11.59
C ASP C 59 15.83 -11.18 -12.66
N GLU C 60 15.75 -12.45 -12.93
CA GLU C 60 14.80 -12.93 -13.97
C GLU C 60 13.37 -12.86 -13.43
N VAL C 61 13.19 -13.05 -12.15
CA VAL C 61 11.82 -13.00 -11.59
C VAL C 61 11.22 -11.61 -11.81
N VAL C 62 11.94 -10.58 -11.44
CA VAL C 62 11.41 -9.20 -11.63
C VAL C 62 11.49 -8.83 -13.11
N LYS C 63 12.44 -9.38 -13.82
CA LYS C 63 12.57 -9.06 -15.27
C LYS C 63 11.64 -9.97 -16.07
N THR C 64 10.68 -10.59 -15.44
CA THR C 64 9.74 -11.48 -16.18
C THR C 64 8.31 -11.22 -15.72
N GLN C 65 7.35 -11.36 -16.60
CA GLN C 65 5.93 -11.12 -16.20
C GLN C 65 5.23 -12.47 -16.01
N HIS C 66 4.46 -12.62 -14.97
CA HIS C 66 3.76 -13.91 -14.73
C HIS C 66 2.34 -13.66 -14.24
N ILE C 67 1.52 -14.67 -14.22
CA ILE C 67 0.13 -14.49 -13.73
C ILE C 67 -0.27 -15.72 -12.90
N LEU C 68 -0.35 -15.57 -11.61
CA LEU C 68 -0.72 -16.72 -10.73
C LEU C 68 -2.22 -17.03 -10.89
N ASP C 69 -3.07 -16.20 -10.36
CA ASP C 69 -4.53 -16.46 -10.50
C ASP C 69 -5.01 -15.91 -11.84
N GLY C 70 -4.13 -15.34 -12.60
CA GLY C 70 -4.52 -14.77 -13.92
C GLY C 70 -5.04 -13.34 -13.71
N LYS C 71 -4.81 -12.79 -12.54
CA LYS C 71 -5.29 -11.40 -12.28
C LYS C 71 -4.20 -10.40 -12.68
N VAL C 72 -3.20 -10.23 -11.86
CA VAL C 72 -2.10 -9.28 -12.19
C VAL C 72 -1.14 -9.19 -11.00
N ILE C 73 0.04 -9.72 -11.15
CA ILE C 73 1.03 -9.68 -10.04
C ILE C 73 2.23 -8.82 -10.44
N ASP C 74 2.83 -8.17 -9.48
CA ASP C 74 4.02 -7.31 -9.79
C ASP C 74 5.19 -7.74 -8.90
N PRO C 75 6.08 -8.56 -9.42
CA PRO C 75 7.26 -9.05 -8.65
C PRO C 75 8.43 -8.06 -8.75
N LYS C 76 8.95 -7.63 -7.64
CA LYS C 76 10.10 -6.69 -7.66
C LYS C 76 11.08 -7.03 -6.55
N ARG C 77 12.36 -6.89 -6.79
CA ARG C 77 13.36 -7.19 -5.73
C ARG C 77 13.05 -6.34 -4.51
N ALA C 78 13.43 -6.77 -3.33
CA ALA C 78 13.14 -5.95 -2.12
C ALA C 78 13.48 -4.49 -2.43
N ILE C 79 12.64 -3.57 -2.00
CA ILE C 79 12.91 -2.12 -2.27
C ILE C 79 13.16 -1.39 -0.94
N PRO C 80 14.15 -0.53 -0.88
CA PRO C 80 14.44 0.25 0.37
C PRO C 80 13.17 0.88 0.96
N ARG C 81 13.03 0.84 2.25
CA ARG C 81 11.83 1.44 2.90
C ARG C 81 11.70 2.93 2.55
N ASP C 82 12.77 3.66 2.59
CA ASP C 82 12.69 5.12 2.27
C ASP C 82 12.27 5.30 0.81
N GLU C 83 12.76 4.47 -0.07
CA GLU C 83 12.37 4.60 -1.50
C GLU C 83 10.89 4.30 -1.65
N GLN C 84 10.39 3.31 -0.96
CA GLN C 84 8.95 2.96 -1.07
C GLN C 84 8.11 4.14 -0.59
N ASP C 85 8.48 4.75 0.50
CA ASP C 85 7.71 5.90 1.02
C ASP C 85 7.80 7.08 0.04
N LYS C 86 8.95 7.30 -0.53
CA LYS C 86 9.11 8.44 -1.47
C LYS C 86 8.21 8.24 -2.70
N THR C 87 8.10 7.03 -3.18
CA THR C 87 7.24 6.78 -4.37
C THR C 87 5.85 7.39 -4.15
N GLY C 88 5.29 7.96 -5.18
CA GLY C 88 3.93 8.57 -5.06
C GLY C 88 2.98 7.87 -6.03
N LYS C 89 1.69 7.98 -5.81
CA LYS C 89 0.74 7.30 -6.72
C LYS C 89 -0.44 8.22 -7.06
N ILE C 90 -0.78 8.29 -8.32
CA ILE C 90 -1.91 9.17 -8.73
C ILE C 90 -2.99 8.33 -9.39
N PHE C 91 -4.22 8.73 -9.23
CA PHE C 91 -5.36 8.01 -9.83
C PHE C 91 -5.85 8.78 -11.06
N VAL C 92 -6.01 8.09 -12.17
CA VAL C 92 -6.45 8.77 -13.41
C VAL C 92 -7.95 8.55 -13.62
N GLY C 93 -8.66 9.59 -13.96
CA GLY C 93 -10.14 9.48 -14.18
C GLY C 93 -10.45 9.54 -15.68
N GLY C 94 -11.56 8.99 -16.08
CA GLY C 94 -11.93 9.03 -17.53
C GLY C 94 -10.86 8.33 -18.37
N ILE C 95 -11.27 7.61 -19.38
CA ILE C 95 -10.28 6.91 -20.23
C ILE C 95 -10.95 6.52 -21.56
N GLY C 96 -10.18 6.18 -22.56
CA GLY C 96 -10.77 5.79 -23.87
C GLY C 96 -11.79 4.67 -23.67
N PRO C 97 -12.75 4.56 -24.57
CA PRO C 97 -13.80 3.51 -24.48
C PRO C 97 -13.22 2.09 -24.54
N ASP C 98 -12.09 1.93 -25.18
CA ASP C 98 -11.47 0.59 -25.26
C ASP C 98 -9.95 0.73 -25.28
N VAL C 99 -9.37 1.04 -24.15
CA VAL C 99 -7.88 1.21 -24.10
C VAL C 99 -7.26 0.08 -23.27
N ARG C 100 -6.21 -0.50 -23.78
CA ARG C 100 -5.53 -1.61 -23.04
C ARG C 100 -4.36 -1.03 -22.23
N PRO C 101 -3.95 -1.71 -21.20
CA PRO C 101 -2.83 -1.26 -20.34
C PRO C 101 -1.54 -1.07 -21.14
N LYS C 102 -1.44 -1.70 -22.28
CA LYS C 102 -0.21 -1.54 -23.11
C LYS C 102 0.07 -0.05 -23.30
N GLU C 103 -0.82 0.64 -23.96
CA GLU C 103 -0.60 2.10 -24.14
C GLU C 103 -0.49 2.72 -22.76
N PHE C 104 -1.60 3.10 -22.18
CA PHE C 104 -1.61 3.72 -20.81
C PHE C 104 -0.23 3.60 -20.12
N GLU C 105 0.20 2.40 -19.81
CA GLU C 105 1.53 2.22 -19.14
C GLU C 105 2.62 2.85 -20.02
N GLU C 106 2.58 2.62 -21.30
CA GLU C 106 3.58 3.25 -22.19
C GLU C 106 3.28 4.76 -22.25
N PHE C 107 2.03 5.10 -22.30
CA PHE C 107 1.65 6.55 -22.34
C PHE C 107 2.39 7.29 -21.24
N PHE C 108 1.98 7.16 -20.01
CA PHE C 108 2.66 7.92 -18.93
C PHE C 108 4.17 7.63 -18.92
N SER C 109 4.56 6.44 -19.30
CA SER C 109 6.01 6.08 -19.28
C SER C 109 6.90 7.24 -19.72
N GLN C 110 6.51 8.03 -20.69
CA GLN C 110 7.40 9.14 -21.13
C GLN C 110 7.82 9.97 -19.91
N TRP C 111 7.13 11.05 -19.65
CA TRP C 111 7.52 11.92 -18.50
C TRP C 111 7.37 11.15 -17.18
N GLY C 112 8.16 11.51 -16.19
CA GLY C 112 8.08 10.81 -14.88
C GLY C 112 8.22 9.30 -15.07
N THR C 113 9.38 8.75 -14.77
CA THR C 113 9.55 7.28 -14.95
C THR C 113 8.38 6.59 -14.24
N ILE C 114 7.83 5.57 -14.84
CA ILE C 114 6.66 4.90 -14.20
C ILE C 114 7.13 3.63 -13.47
N ILE C 115 7.21 3.68 -12.17
CA ILE C 115 7.65 2.48 -11.41
C ILE C 115 6.52 1.43 -11.42
N ASP C 116 5.32 1.83 -11.09
CA ASP C 116 4.19 0.86 -11.09
C ASP C 116 2.92 1.55 -11.59
N ALA C 117 2.59 1.38 -12.85
CA ALA C 117 1.38 2.03 -13.41
C ALA C 117 0.52 0.98 -14.11
N GLN C 118 -0.71 1.31 -14.42
CA GLN C 118 -1.57 0.32 -15.13
C GLN C 118 -3.03 0.76 -15.12
N LEU C 119 -3.80 0.17 -16.00
CA LEU C 119 -5.26 0.47 -16.07
C LEU C 119 -5.98 -0.65 -15.33
N MET C 120 -7.06 -0.38 -14.64
CA MET C 120 -7.77 -1.48 -13.94
C MET C 120 -8.85 -2.02 -14.88
N LEU C 121 -9.32 -3.22 -14.65
CA LEU C 121 -10.36 -3.78 -15.55
C LEU C 121 -11.35 -4.60 -14.72
N ASP C 122 -12.56 -4.71 -15.19
CA ASP C 122 -13.55 -5.50 -14.43
C ASP C 122 -12.94 -6.85 -14.08
N LYS C 123 -12.08 -7.35 -14.92
CA LYS C 123 -11.42 -8.67 -14.64
C LYS C 123 -10.75 -8.62 -13.28
N ASP C 124 -10.12 -7.52 -12.96
CA ASP C 124 -9.44 -7.42 -11.64
C ASP C 124 -10.46 -7.56 -10.52
N THR C 125 -11.64 -7.04 -10.70
CA THR C 125 -12.68 -7.16 -9.63
C THR C 125 -14.07 -7.00 -10.26
N GLY C 126 -14.22 -6.10 -11.19
CA GLY C 126 -15.56 -5.88 -11.83
C GLY C 126 -15.95 -4.40 -11.73
N GLN C 127 -14.99 -3.51 -11.73
CA GLN C 127 -15.31 -2.06 -11.62
C GLN C 127 -14.81 -1.32 -12.87
N SER C 128 -15.01 -1.88 -14.03
CA SER C 128 -14.54 -1.21 -15.28
C SER C 128 -15.27 0.13 -15.46
N ARG C 129 -15.48 0.85 -14.39
CA ARG C 129 -16.18 2.16 -14.50
C ARG C 129 -15.44 3.05 -15.50
N GLY C 130 -14.14 2.94 -15.56
CA GLY C 130 -13.35 3.79 -16.50
C GLY C 130 -12.29 4.55 -15.71
N PHE C 131 -11.19 3.92 -15.36
CA PHE C 131 -10.18 4.66 -14.56
C PHE C 131 -8.75 4.23 -14.90
N GLY C 132 -7.79 4.75 -14.19
CA GLY C 132 -6.37 4.38 -14.46
C GLY C 132 -5.52 4.67 -13.21
N PHE C 133 -4.33 4.13 -13.15
CA PHE C 133 -3.46 4.37 -11.96
C PHE C 133 -2.03 4.62 -12.44
N VAL C 134 -1.25 5.38 -11.72
CA VAL C 134 0.17 5.60 -12.16
C VAL C 134 1.05 5.74 -10.92
N THR C 135 2.25 5.20 -10.94
CA THR C 135 3.13 5.32 -9.74
C THR C 135 4.51 5.83 -10.15
N TYR C 136 5.00 6.85 -9.49
CA TYR C 136 6.35 7.39 -9.82
C TYR C 136 7.25 7.18 -8.60
N ASP C 137 8.54 7.12 -8.78
CA ASP C 137 9.44 6.92 -7.61
C ASP C 137 9.65 8.25 -6.88
N SER C 138 8.82 9.22 -7.15
CA SER C 138 8.96 10.54 -6.47
C SER C 138 7.63 11.28 -6.54
N ALA C 139 7.50 12.35 -5.81
CA ALA C 139 6.22 13.13 -5.87
C ALA C 139 6.43 14.33 -6.78
N ASP C 140 7.66 14.62 -7.11
CA ASP C 140 7.93 15.78 -8.00
C ASP C 140 7.15 15.61 -9.31
N ALA C 141 7.23 14.46 -9.91
CA ALA C 141 6.49 14.24 -11.19
C ALA C 141 4.99 14.41 -10.93
N VAL C 142 4.52 13.93 -9.81
CA VAL C 142 3.07 14.08 -9.50
C VAL C 142 2.71 15.56 -9.60
N ASP C 143 3.36 16.39 -8.84
CA ASP C 143 3.07 17.86 -8.90
C ASP C 143 3.31 18.36 -10.33
N ARG C 144 4.23 17.76 -11.02
CA ARG C 144 4.53 18.21 -12.41
C ARG C 144 3.30 17.97 -13.28
N VAL C 145 2.90 16.76 -13.47
CA VAL C 145 1.70 16.48 -14.31
C VAL C 145 0.46 17.06 -13.61
N CYS C 146 0.51 17.24 -12.32
CA CYS C 146 -0.66 17.79 -11.60
C CYS C 146 -1.19 19.03 -12.32
N GLN C 147 -0.37 20.03 -12.52
CA GLN C 147 -0.85 21.24 -13.24
C GLN C 147 -1.56 20.80 -14.52
N ASN C 148 -1.24 19.63 -14.98
CA ASN C 148 -1.91 19.09 -16.21
C ASN C 148 -3.00 18.12 -15.79
N LYS C 149 -4.08 18.58 -15.20
CA LYS C 149 -5.14 17.64 -14.78
C LYS C 149 -5.63 16.88 -16.01
N PHE C 150 -6.52 17.46 -16.78
CA PHE C 150 -7.02 16.74 -17.98
C PHE C 150 -5.90 16.65 -19.02
N ILE C 151 -5.62 15.46 -19.49
CA ILE C 151 -4.56 15.28 -20.51
C ILE C 151 -5.16 14.66 -21.77
N ASP C 152 -4.68 15.03 -22.93
CA ASP C 152 -5.25 14.46 -24.18
C ASP C 152 -4.79 13.01 -24.33
N PHE C 153 -5.71 12.08 -24.27
CA PHE C 153 -5.36 10.64 -24.41
C PHE C 153 -5.99 10.11 -25.70
N LYS C 154 -5.82 8.84 -25.99
CA LYS C 154 -6.37 8.24 -27.26
C LYS C 154 -7.48 9.11 -27.85
N ASP C 155 -8.70 8.97 -27.37
CA ASP C 155 -9.81 9.78 -27.93
C ASP C 155 -10.56 10.50 -26.81
N ARG C 156 -10.37 10.07 -25.58
CA ARG C 156 -11.06 10.75 -24.45
C ARG C 156 -10.03 11.29 -23.47
N LYS C 157 -10.12 12.55 -23.15
CA LYS C 157 -9.15 13.15 -22.20
C LYS C 157 -9.13 12.32 -20.91
N ILE C 158 -8.14 12.51 -20.08
CA ILE C 158 -8.06 11.75 -18.81
C ILE C 158 -7.91 12.74 -17.65
N GLU C 159 -8.80 12.70 -16.71
CA GLU C 159 -8.71 13.66 -15.56
C GLU C 159 -7.74 13.13 -14.51
N ILE C 160 -6.55 13.66 -14.45
CA ILE C 160 -5.58 13.16 -13.44
C ILE C 160 -5.99 13.61 -12.04
N LYS C 161 -5.73 12.80 -11.05
CA LYS C 161 -6.06 13.19 -9.66
C LYS C 161 -5.13 12.44 -8.70
N ARG C 162 -4.84 12.98 -7.55
CA ARG C 162 -3.93 12.26 -6.62
C ARG C 162 -4.54 10.90 -6.27
N ALA C 163 -3.73 9.91 -5.99
CA ALA C 163 -4.28 8.58 -5.65
C ALA C 163 -5.34 8.75 -4.56
N GLU C 164 -5.24 9.78 -3.78
CA GLU C 164 -6.24 10.03 -2.70
C GLU C 164 -5.89 11.29 -1.92
N PRO C 165 -4.67 11.41 -1.46
CA PRO C 165 -4.21 12.60 -0.67
C PRO C 165 -4.59 13.91 -1.35
N ARG C 166 -5.60 14.57 -0.86
CA ARG C 166 -6.03 15.87 -1.47
C ARG C 166 -4.87 16.87 -1.38
N HIS C 167 -4.11 16.81 -0.33
CA HIS C 167 -2.96 17.76 -0.20
C HIS C 167 -3.49 19.18 -0.04
N ASN B 1 7.91 11.76 7.19
CA ASN B 1 6.90 11.05 8.03
C ASN B 1 7.58 9.96 8.84
N PRO B 2 8.22 10.33 9.91
CA PRO B 2 8.93 9.36 10.81
C PRO B 2 7.97 8.35 11.45
N PRO B 3 8.47 7.50 12.30
CA PRO B 3 7.66 6.46 12.97
C PRO B 3 7.00 6.97 14.27
N SER B 4 6.77 8.25 14.38
CA SER B 4 6.14 8.78 15.62
C SER B 4 5.38 10.08 15.33
N ARG B 5 4.08 10.00 15.33
CA ARG B 5 3.24 11.21 15.09
C ARG B 5 1.83 10.92 15.56
N VAL B 6 1.35 9.73 15.30
CA VAL B 6 -0.02 9.37 15.76
C VAL B 6 -0.02 7.93 16.27
N VAL B 7 -0.97 7.60 17.09
CA VAL B 7 -1.02 6.22 17.64
C VAL B 7 -2.20 5.49 16.99
N TYR B 8 -1.98 4.27 16.57
CA TYR B 8 -3.09 3.51 15.92
C TYR B 8 -3.71 2.54 16.93
N LEU B 9 -4.96 2.74 17.24
CA LEU B 9 -5.67 1.84 18.19
C LEU B 9 -6.55 0.87 17.38
N GLY B 10 -6.45 -0.41 17.62
CA GLY B 10 -7.29 -1.35 16.82
C GLY B 10 -7.71 -2.57 17.67
N SER B 11 -6.76 -3.24 18.27
CA SER B 11 -7.10 -4.44 19.08
C SER B 11 -7.84 -4.02 20.36
N ILE B 12 -8.57 -2.94 20.30
CA ILE B 12 -9.31 -2.46 21.49
C ILE B 12 -10.81 -2.69 21.30
N PRO B 13 -11.51 -3.18 22.32
CA PRO B 13 -12.97 -3.41 22.21
C PRO B 13 -13.77 -2.16 22.58
N TYR B 14 -15.06 -2.25 22.61
CA TYR B 14 -15.88 -1.06 22.98
C TYR B 14 -15.64 -0.70 24.44
N ASP B 15 -14.81 -1.45 25.13
CA ASP B 15 -14.55 -1.12 26.55
C ASP B 15 -13.83 0.23 26.64
N GLN B 16 -12.82 0.44 25.82
CA GLN B 16 -12.11 1.75 25.86
C GLN B 16 -12.48 2.56 24.63
N THR B 17 -13.37 3.49 24.79
CA THR B 17 -13.80 4.34 23.63
C THR B 17 -13.06 5.67 23.65
N GLU B 18 -13.63 6.69 23.09
CA GLU B 18 -13.00 8.02 23.09
C GLU B 18 -12.71 8.48 24.52
N GLU B 19 -13.47 7.98 25.45
CA GLU B 19 -13.27 8.38 26.87
C GLU B 19 -11.95 7.82 27.41
N GLN B 20 -11.76 6.54 27.37
CA GLN B 20 -10.51 5.93 27.92
C GLN B 20 -9.28 6.30 27.08
N ILE B 21 -9.41 6.30 25.78
CA ILE B 21 -8.22 6.69 24.98
C ILE B 21 -7.92 8.14 25.33
N LEU B 22 -8.92 8.98 25.24
CA LEU B 22 -8.72 10.41 25.60
C LEU B 22 -8.25 10.48 27.06
N ASP B 23 -8.76 9.62 27.90
CA ASP B 23 -8.37 9.64 29.33
C ASP B 23 -6.85 9.53 29.45
N LEU B 24 -6.36 8.33 29.23
CA LEU B 24 -4.90 8.06 29.37
C LEU B 24 -4.09 8.95 28.43
N CYS B 25 -4.49 9.07 27.20
CA CYS B 25 -3.70 9.92 26.28
C CYS B 25 -3.68 11.36 26.80
N SER B 26 -4.82 11.99 26.75
CA SER B 26 -4.93 13.42 27.20
C SER B 26 -3.96 13.70 28.36
N ASN B 27 -3.69 12.72 29.18
CA ASN B 27 -2.75 12.94 30.30
C ASN B 27 -1.31 12.89 29.78
N VAL B 28 -1.01 11.95 28.93
CA VAL B 28 0.36 11.84 28.40
C VAL B 28 0.88 13.22 28.05
N GLY B 29 0.20 13.93 27.19
CA GLY B 29 0.69 15.27 26.80
C GLY B 29 -0.42 16.03 26.06
N PRO B 30 -0.06 17.03 25.30
CA PRO B 30 -1.02 17.86 24.53
C PRO B 30 -1.48 17.19 23.23
N VAL B 31 -2.43 16.30 23.33
CA VAL B 31 -2.93 15.59 22.11
C VAL B 31 -3.28 16.63 21.04
N ILE B 32 -3.97 16.22 20.02
CA ILE B 32 -4.37 17.18 18.94
C ILE B 32 -5.56 16.59 18.17
N ASN B 33 -5.40 15.42 17.62
CA ASN B 33 -6.51 14.79 16.85
C ASN B 33 -6.95 13.48 17.50
N LEU B 34 -8.21 13.27 17.71
CA LEU B 34 -8.66 11.97 18.29
C LEU B 34 -9.82 11.46 17.45
N LYS B 35 -9.74 10.26 16.96
CA LYS B 35 -10.86 9.73 16.14
C LYS B 35 -11.14 8.27 16.51
N MET B 36 -12.39 7.92 16.61
CA MET B 36 -12.77 6.52 16.95
C MET B 36 -13.78 6.01 15.91
N MET B 37 -13.59 4.82 15.40
CA MET B 37 -14.53 4.29 14.37
C MET B 37 -14.54 2.75 14.42
N PHE B 38 -15.65 2.15 14.07
CA PHE B 38 -15.76 0.65 14.10
C PHE B 38 -15.74 0.12 12.65
N ASP B 39 -15.88 -1.17 12.47
CA ASP B 39 -15.87 -1.73 11.08
C ASP B 39 -17.29 -2.11 10.59
N PRO B 40 -18.14 -1.14 10.30
CA PRO B 40 -19.51 -1.41 9.78
C PRO B 40 -19.52 -2.41 8.61
N GLN B 41 -18.95 -2.03 7.49
CA GLN B 41 -18.93 -2.92 6.30
C GLN B 41 -17.75 -3.88 6.37
N THR B 42 -16.57 -3.37 6.53
CA THR B 42 -15.38 -4.26 6.60
C THR B 42 -15.64 -5.33 7.66
N GLY B 43 -16.27 -4.96 8.74
CA GLY B 43 -16.59 -5.95 9.81
C GLY B 43 -15.30 -6.56 10.36
N ARG B 44 -14.18 -6.10 9.89
CA ARG B 44 -12.89 -6.67 10.38
C ARG B 44 -12.68 -6.34 11.86
N SER B 45 -13.04 -5.18 12.34
CA SER B 45 -12.82 -4.90 13.78
C SER B 45 -13.79 -3.84 14.32
N LYS B 46 -14.10 -3.94 15.58
CA LYS B 46 -15.02 -2.95 16.20
C LYS B 46 -14.25 -2.17 17.28
N GLY B 47 -13.44 -1.22 16.90
CA GLY B 47 -12.67 -0.44 17.89
C GLY B 47 -11.40 0.12 17.25
N TYR B 48 -11.54 0.84 16.17
CA TYR B 48 -10.33 1.43 15.51
C TYR B 48 -10.29 2.93 15.82
N ALA B 49 -9.18 3.41 16.33
CA ALA B 49 -9.10 4.87 16.66
C ALA B 49 -7.70 5.40 16.38
N PHE B 50 -7.60 6.63 15.97
CA PHE B 50 -6.26 7.23 15.68
C PHE B 50 -6.09 8.52 16.49
N ILE B 51 -4.98 8.64 17.18
CA ILE B 51 -4.76 9.85 18.02
C ILE B 51 -3.47 10.57 17.64
N GLU B 52 -3.54 11.72 17.01
CA GLU B 52 -2.28 12.41 16.63
C GLU B 52 -1.86 13.40 17.71
N PHE B 53 -0.60 13.37 18.05
CA PHE B 53 -0.08 14.29 19.09
C PHE B 53 0.56 15.53 18.44
N ARG B 54 0.91 16.48 19.25
CA ARG B 54 1.50 17.76 18.76
C ARG B 54 2.54 17.52 17.66
N ASP B 55 3.38 16.52 17.80
CA ASP B 55 4.42 16.21 16.75
C ASP B 55 5.43 15.22 17.31
N LEU B 56 6.42 14.90 16.54
CA LEU B 56 7.47 13.95 17.02
C LEU B 56 7.80 14.23 18.49
N GLU B 57 7.53 15.40 18.97
CA GLU B 57 7.85 15.69 20.41
C GLU B 57 6.88 14.91 21.31
N SER B 58 5.67 15.35 21.37
CA SER B 58 4.66 14.64 22.20
C SER B 58 4.52 13.23 21.63
N SER B 59 4.49 13.10 20.34
CA SER B 59 4.37 11.75 19.72
C SER B 59 5.58 10.91 20.10
N ALA B 60 6.71 11.52 20.31
CA ALA B 60 7.91 10.74 20.72
C ALA B 60 7.67 10.16 22.11
N SER B 61 7.48 11.03 23.07
CA SER B 61 7.24 10.56 24.47
C SER B 61 5.98 9.69 24.55
N ALA B 62 4.93 10.16 23.94
CA ALA B 62 3.64 9.41 23.94
C ALA B 62 3.76 8.14 23.12
N VAL B 63 3.92 8.24 21.84
CA VAL B 63 3.96 7.00 21.03
C VAL B 63 4.97 6.03 21.67
N ARG B 64 6.01 6.53 22.30
CA ARG B 64 6.98 5.60 22.95
C ARG B 64 6.28 4.86 24.09
N ASN B 65 5.65 5.54 25.01
CA ASN B 65 4.95 4.79 26.09
C ASN B 65 3.67 4.18 25.52
N LEU B 66 2.96 4.93 24.72
CA LEU B 66 1.69 4.40 24.12
C LEU B 66 2.01 3.51 22.92
N ASN B 67 3.26 3.37 22.57
CA ASN B 67 3.59 2.49 21.40
C ASN B 67 2.84 1.18 21.60
N GLY B 68 3.38 0.29 22.37
CA GLY B 68 2.71 -1.01 22.62
C GLY B 68 2.72 -1.27 24.13
N TYR B 69 1.58 -1.31 24.80
CA TYR B 69 1.58 -1.53 26.26
C TYR B 69 0.43 -2.48 26.68
N GLN B 70 0.61 -3.24 27.71
CA GLN B 70 -0.46 -4.18 28.13
C GLN B 70 -1.82 -3.46 28.18
N LEU B 71 -2.49 -3.37 27.06
CA LEU B 71 -3.82 -2.69 27.03
C LEU B 71 -4.63 -3.24 25.85
N GLY B 72 -5.70 -3.96 26.12
CA GLY B 72 -6.52 -4.52 25.00
C GLY B 72 -6.00 -5.93 24.65
N SER B 73 -6.49 -6.51 23.58
CA SER B 73 -6.01 -7.89 23.22
C SER B 73 -4.66 -7.80 22.51
N ARG B 74 -4.28 -6.63 22.09
CA ARG B 74 -2.97 -6.45 21.40
C ARG B 74 -2.45 -5.07 21.76
N PHE B 75 -1.20 -4.80 21.56
CA PHE B 75 -0.67 -3.47 21.96
C PHE B 75 -0.72 -2.51 20.76
N LEU B 76 -1.32 -1.37 20.98
CA LEU B 76 -1.42 -0.36 19.88
C LEU B 76 -0.11 -0.31 19.11
N LYS B 77 -0.16 0.13 17.88
CA LYS B 77 1.07 0.21 17.05
C LYS B 77 1.44 1.68 16.79
N CYS B 78 2.71 1.96 16.66
CA CYS B 78 3.15 3.36 16.42
C CYS B 78 2.86 3.74 14.98
N GLY B 79 1.96 4.67 14.78
CA GLY B 79 1.62 5.09 13.40
C GLY B 79 2.12 6.52 13.16
N TYR B 80 2.24 6.91 11.92
CA TYR B 80 2.72 8.28 11.60
C TYR B 80 2.06 8.77 10.31
N SER B 81 1.15 9.69 10.40
CA SER B 81 0.47 10.20 9.18
C SER B 81 0.19 11.70 9.35
N SER B 82 0.58 12.48 8.39
CA SER B 82 0.33 13.95 8.49
C SER B 82 0.90 14.63 7.25
N ASN B 83 0.13 14.74 6.20
CA ASN B 83 0.64 15.39 4.96
C ASN B 83 1.09 16.82 5.27
N SER B 84 0.24 17.61 5.88
CA SER B 84 0.64 19.01 6.21
C SER B 84 1.64 18.99 7.36
N LYS C 1 22.93 -12.54 6.20
CA LYS C 1 23.47 -11.22 5.72
C LYS C 1 22.90 -10.91 4.34
N GLU C 2 23.11 -11.77 3.39
CA GLU C 2 22.59 -11.53 2.02
C GLU C 2 21.36 -12.40 1.77
N SER C 3 20.32 -11.84 1.22
CA SER C 3 19.09 -12.64 0.95
C SER C 3 18.27 -11.94 -0.13
N CYS C 4 17.45 -12.68 -0.84
CA CYS C 4 16.62 -12.05 -1.91
C CYS C 4 15.14 -12.20 -1.55
N LYS C 5 14.63 -11.26 -0.80
CA LYS C 5 13.21 -11.31 -0.40
C LYS C 5 12.40 -10.46 -1.39
N MET C 6 11.15 -10.82 -1.63
CA MET C 6 10.32 -10.02 -2.57
C MET C 6 9.16 -9.40 -1.80
N PHE C 7 8.43 -8.52 -2.43
CA PHE C 7 7.28 -7.88 -1.75
C PHE C 7 6.04 -8.01 -2.65
N ILE C 8 5.54 -9.21 -2.81
CA ILE C 8 4.35 -9.40 -3.68
C ILE C 8 3.23 -8.51 -3.14
N GLY C 9 2.63 -7.73 -4.00
CA GLY C 9 1.53 -6.84 -3.55
C GLY C 9 0.36 -6.91 -4.53
N GLY C 10 -0.64 -6.10 -4.34
CA GLY C 10 -1.81 -6.14 -5.25
C GLY C 10 -2.36 -7.56 -5.30
N LEU C 11 -2.15 -8.31 -4.26
CA LEU C 11 -2.65 -9.71 -4.25
C LEU C 11 -4.17 -9.68 -4.43
N ASN C 12 -4.76 -10.77 -4.80
CA ASN C 12 -6.23 -10.77 -4.96
C ASN C 12 -6.85 -10.61 -3.58
N TRP C 13 -6.79 -11.62 -2.77
CA TRP C 13 -7.33 -11.49 -1.40
C TRP C 13 -7.17 -12.81 -0.65
N ASP C 14 -7.25 -13.92 -1.34
CA ASP C 14 -7.11 -15.24 -0.66
C ASP C 14 -6.17 -16.13 -1.48
N THR C 15 -4.91 -16.18 -1.12
CA THR C 15 -3.95 -17.03 -1.87
C THR C 15 -3.19 -17.91 -0.87
N THR C 16 -2.91 -19.13 -1.24
CA THR C 16 -2.18 -20.04 -0.30
C THR C 16 -0.68 -19.96 -0.57
N GLU C 17 0.14 -20.28 0.40
CA GLU C 17 1.62 -20.20 0.19
C GLU C 17 2.07 -21.17 -0.90
N ASP C 18 1.90 -22.44 -0.70
CA ASP C 18 2.34 -23.42 -1.75
C ASP C 18 1.78 -23.02 -3.11
N ASN C 19 0.61 -22.45 -3.12
CA ASN C 19 0.02 -22.02 -4.40
C ASN C 19 0.81 -20.81 -4.93
N LEU C 20 0.98 -19.84 -4.09
CA LEU C 20 1.74 -18.62 -4.50
C LEU C 20 3.16 -18.99 -4.92
N ARG C 21 3.75 -19.92 -4.24
CA ARG C 21 5.14 -20.31 -4.60
C ARG C 21 5.12 -21.03 -5.96
N GLU C 22 4.43 -22.12 -6.04
CA GLU C 22 4.36 -22.86 -7.33
C GLU C 22 4.02 -21.88 -8.44
N TYR C 23 3.31 -20.83 -8.11
CA TYR C 23 2.96 -19.82 -9.15
C TYR C 23 4.23 -19.08 -9.55
N PHE C 24 4.92 -18.52 -8.59
CA PHE C 24 6.14 -17.73 -8.89
C PHE C 24 7.32 -18.62 -9.32
N GLY C 25 7.58 -19.75 -8.71
CA GLY C 25 8.77 -20.55 -9.15
C GLY C 25 8.71 -20.88 -10.65
N LYS C 26 8.09 -20.03 -11.43
CA LYS C 26 8.02 -20.24 -12.90
C LYS C 26 9.20 -19.49 -13.52
N TYR C 27 9.83 -18.65 -12.74
CA TYR C 27 10.99 -17.86 -13.22
C TYR C 27 12.30 -18.51 -12.78
N GLY C 28 12.41 -18.82 -11.51
CA GLY C 28 13.66 -19.46 -11.02
C GLY C 28 13.31 -20.47 -9.92
N THR C 29 13.99 -20.41 -8.81
CA THR C 29 13.70 -21.37 -7.70
C THR C 29 13.35 -20.59 -6.43
N VAL C 30 12.39 -21.08 -5.68
CA VAL C 30 11.99 -20.38 -4.43
C VAL C 30 12.26 -21.29 -3.23
N THR C 31 12.82 -20.77 -2.17
CA THR C 31 13.10 -21.61 -0.98
C THR C 31 11.96 -21.48 0.03
N ASP C 32 11.46 -20.29 0.24
CA ASP C 32 10.35 -20.10 1.22
C ASP C 32 9.63 -18.79 0.93
N LEU C 33 8.40 -18.65 1.37
CA LEU C 33 7.65 -17.39 1.13
C LEU C 33 6.85 -17.08 2.40
N LYS C 34 6.77 -15.83 2.80
CA LYS C 34 6.00 -15.51 4.06
C LYS C 34 4.66 -14.86 3.70
N ILE C 35 3.63 -15.66 3.58
CA ILE C 35 2.28 -15.12 3.23
C ILE C 35 1.31 -15.40 4.38
N MET C 36 0.39 -14.52 4.62
CA MET C 36 -0.57 -14.74 5.75
C MET C 36 -1.88 -13.99 5.47
N LYS C 37 -2.56 -14.31 4.41
CA LYS C 37 -3.84 -13.61 4.11
C LYS C 37 -4.90 -13.99 5.16
N ASP C 38 -6.04 -13.35 5.14
CA ASP C 38 -7.08 -13.68 6.16
C ASP C 38 -7.34 -15.19 6.12
N PRO C 39 -7.22 -15.88 7.24
CA PRO C 39 -7.44 -17.35 7.30
C PRO C 39 -8.92 -17.74 7.22
N ALA C 40 -9.80 -16.77 7.23
CA ALA C 40 -11.26 -17.10 7.17
C ALA C 40 -11.79 -16.92 5.74
N THR C 41 -12.18 -15.72 5.39
CA THR C 41 -12.71 -15.49 4.02
C THR C 41 -11.61 -14.91 3.12
N GLY C 42 -10.52 -14.48 3.69
CA GLY C 42 -9.43 -13.91 2.86
C GLY C 42 -9.77 -12.47 2.49
N ARG C 43 -10.67 -11.84 3.21
CA ARG C 43 -11.03 -10.43 2.88
C ARG C 43 -10.25 -9.47 3.75
N SER C 44 -9.00 -9.31 3.44
CA SER C 44 -8.12 -8.39 4.22
C SER C 44 -6.82 -8.18 3.44
N ARG C 45 -6.00 -7.27 3.87
CA ARG C 45 -4.69 -7.00 3.17
C ARG C 45 -4.13 -8.31 2.59
N GLY C 46 -3.22 -8.23 1.67
CA GLY C 46 -2.63 -9.48 1.11
C GLY C 46 -1.23 -9.17 0.59
N PHE C 47 -0.22 -9.65 1.29
CA PHE C 47 1.18 -9.38 0.85
C PHE C 47 1.96 -10.70 0.83
N GLY C 48 3.04 -10.76 0.07
CA GLY C 48 3.81 -12.03 0.01
C GLY C 48 5.32 -11.75 0.12
N PHE C 49 5.96 -12.23 1.14
CA PHE C 49 7.45 -12.01 1.23
C PHE C 49 8.13 -13.18 0.53
N LEU C 50 8.25 -13.12 -0.76
CA LEU C 50 8.88 -14.25 -1.51
C LEU C 50 10.38 -14.34 -1.25
N SER C 51 10.78 -15.29 -0.44
CA SER C 51 12.23 -15.47 -0.13
C SER C 51 12.88 -16.17 -1.33
N PHE C 52 13.13 -15.44 -2.39
CA PHE C 52 13.72 -16.05 -3.61
C PHE C 52 15.13 -16.57 -3.32
N GLU C 53 15.38 -17.83 -3.53
CA GLU C 53 16.73 -18.38 -3.27
C GLU C 53 17.72 -17.77 -4.26
N LYS C 54 17.39 -17.75 -5.53
CA LYS C 54 18.34 -17.19 -6.52
C LYS C 54 18.01 -15.70 -6.78
N PRO C 55 18.92 -14.79 -6.50
CA PRO C 55 18.67 -13.34 -6.70
C PRO C 55 18.41 -12.98 -8.17
N SER C 56 18.47 -13.92 -9.08
CA SER C 56 18.22 -13.60 -10.50
C SER C 56 16.72 -13.37 -10.74
N SER C 57 15.94 -14.41 -10.68
CA SER C 57 14.47 -14.29 -10.90
C SER C 57 13.95 -13.00 -10.26
N VAL C 58 14.61 -12.51 -9.25
CA VAL C 58 14.13 -11.25 -8.57
C VAL C 58 14.15 -10.09 -9.57
N ASP C 59 14.91 -10.21 -10.61
CA ASP C 59 14.96 -9.12 -11.63
C ASP C 59 13.87 -9.35 -12.67
N GLU C 60 13.73 -10.56 -13.12
CA GLU C 60 12.69 -10.90 -14.12
C GLU C 60 11.30 -10.84 -13.46
N VAL C 61 11.23 -11.09 -12.18
CA VAL C 61 9.92 -11.09 -11.50
C VAL C 61 9.27 -9.70 -11.61
N VAL C 62 9.99 -8.66 -11.31
CA VAL C 62 9.39 -7.30 -11.42
C VAL C 62 9.37 -6.87 -12.87
N LYS C 63 10.42 -7.17 -13.61
CA LYS C 63 10.45 -6.77 -15.03
C LYS C 63 9.25 -7.44 -15.74
N THR C 64 9.07 -8.71 -15.54
CA THR C 64 7.95 -9.43 -16.20
C THR C 64 6.63 -9.17 -15.47
N GLN C 65 5.54 -9.30 -16.18
CA GLN C 65 4.19 -9.08 -15.56
C GLN C 65 3.43 -10.41 -15.49
N HIS C 66 2.76 -10.67 -14.41
CA HIS C 66 2.00 -11.94 -14.29
C HIS C 66 0.62 -11.67 -13.69
N ILE C 67 -0.29 -12.61 -13.83
CA ILE C 67 -1.65 -12.42 -13.24
C ILE C 67 -2.04 -13.68 -12.47
N LEU C 68 -2.28 -13.57 -11.19
CA LEU C 68 -2.65 -14.76 -10.38
C LEU C 68 -3.80 -15.52 -11.06
N ASP C 69 -4.99 -14.98 -11.02
CA ASP C 69 -6.15 -15.66 -11.67
C ASP C 69 -6.82 -14.71 -12.64
N GLY C 70 -6.11 -13.71 -13.08
CA GLY C 70 -6.71 -12.74 -14.04
C GLY C 70 -7.24 -11.53 -13.25
N LYS C 71 -6.95 -11.46 -11.98
CA LYS C 71 -7.43 -10.31 -11.17
C LYS C 71 -6.40 -9.17 -11.27
N VAL C 72 -5.31 -9.27 -10.56
CA VAL C 72 -4.27 -8.20 -10.62
C VAL C 72 -3.23 -8.42 -9.52
N ILE C 73 -1.97 -8.30 -9.84
CA ILE C 73 -0.90 -8.49 -8.82
C ILE C 73 0.20 -7.43 -9.03
N ASP C 74 0.97 -7.17 -8.02
CA ASP C 74 2.06 -6.16 -8.16
C ASP C 74 3.35 -6.72 -7.51
N PRO C 75 4.25 -7.27 -8.30
CA PRO C 75 5.52 -7.86 -7.81
C PRO C 75 6.66 -6.83 -7.71
N LYS C 76 7.25 -6.68 -6.55
CA LYS C 76 8.38 -5.71 -6.41
C LYS C 76 9.44 -6.30 -5.47
N ARG C 77 10.69 -6.13 -5.79
CA ARG C 77 11.76 -6.68 -4.89
C ARG C 77 11.76 -5.94 -3.56
N ALA C 78 12.17 -6.59 -2.50
CA ALA C 78 12.19 -5.90 -1.19
C ALA C 78 12.80 -4.51 -1.37
N ILE C 79 12.23 -3.52 -0.76
CA ILE C 79 12.78 -2.14 -0.92
C ILE C 79 12.87 -1.43 0.45
N PRO C 80 14.05 -1.04 0.88
CA PRO C 80 14.23 -0.34 2.17
C PRO C 80 13.19 0.76 2.36
N ARG C 81 12.90 1.13 3.58
CA ARG C 81 11.89 2.20 3.81
C ARG C 81 12.32 3.50 3.14
N ASP C 82 13.55 3.89 3.29
CA ASP C 82 14.00 5.17 2.67
C ASP C 82 13.86 5.08 1.14
N GLU C 83 14.23 3.97 0.56
CA GLU C 83 14.11 3.84 -0.91
C GLU C 83 12.63 3.73 -1.31
N GLN C 84 11.85 3.02 -0.54
CA GLN C 84 10.41 2.88 -0.87
C GLN C 84 9.78 4.28 -0.93
N ASP C 85 10.16 5.14 -0.03
CA ASP C 85 9.59 6.51 -0.02
C ASP C 85 9.96 7.24 -1.31
N LYS C 86 11.14 7.02 -1.82
CA LYS C 86 11.55 7.72 -3.07
C LYS C 86 10.54 7.41 -4.18
N THR C 87 10.45 6.17 -4.59
CA THR C 87 9.50 5.79 -5.68
C THR C 87 8.24 6.66 -5.60
N GLY C 88 7.67 6.99 -6.73
CA GLY C 88 6.43 7.83 -6.73
C GLY C 88 5.38 7.18 -7.62
N LYS C 89 4.13 7.32 -7.30
CA LYS C 89 3.08 6.70 -8.15
C LYS C 89 1.90 7.66 -8.30
N ILE C 90 1.45 7.88 -9.51
CA ILE C 90 0.30 8.80 -9.73
C ILE C 90 -0.81 8.08 -10.48
N PHE C 91 -2.03 8.49 -10.27
CA PHE C 91 -3.18 7.86 -10.95
C PHE C 91 -3.73 8.82 -12.02
N VAL C 92 -4.03 8.28 -13.18
CA VAL C 92 -4.55 9.15 -14.28
C VAL C 92 -6.03 8.85 -14.52
N GLY C 93 -6.80 9.86 -14.84
CA GLY C 93 -8.26 9.67 -15.08
C GLY C 93 -8.63 10.12 -16.49
N GLY C 94 -9.83 9.81 -16.93
CA GLY C 94 -10.25 10.23 -18.29
C GLY C 94 -9.85 9.17 -19.32
N ILE C 95 -9.56 7.98 -18.88
CA ILE C 95 -9.16 6.90 -19.83
C ILE C 95 -10.21 5.77 -19.79
N GLY C 96 -10.59 5.27 -20.93
CA GLY C 96 -11.60 4.17 -20.97
C GLY C 96 -10.91 2.86 -21.37
N PRO C 97 -11.65 1.79 -21.42
CA PRO C 97 -11.09 0.44 -21.79
C PRO C 97 -10.69 0.38 -23.27
N ASP C 98 -11.23 1.24 -24.08
CA ASP C 98 -10.89 1.23 -25.53
C ASP C 98 -9.37 1.34 -25.71
N VAL C 99 -8.71 2.09 -24.88
CA VAL C 99 -7.24 2.24 -25.01
C VAL C 99 -6.55 0.98 -24.47
N ARG C 100 -5.42 0.63 -25.03
CA ARG C 100 -4.68 -0.56 -24.55
C ARG C 100 -3.46 -0.09 -23.77
N PRO C 101 -2.92 -0.92 -22.91
CA PRO C 101 -1.72 -0.57 -22.10
C PRO C 101 -0.53 -0.23 -22.99
N LYS C 102 -0.55 -0.69 -24.22
CA LYS C 102 0.57 -0.37 -25.14
C LYS C 102 0.61 1.14 -25.35
N GLU C 103 -0.49 1.72 -25.75
CA GLU C 103 -0.51 3.19 -25.96
C GLU C 103 -0.20 3.90 -24.65
N PHE C 104 -0.74 3.45 -23.57
CA PHE C 104 -0.48 4.11 -22.26
C PHE C 104 1.03 4.15 -21.98
N GLU C 105 1.66 3.02 -21.91
CA GLU C 105 3.13 2.98 -21.65
C GLU C 105 3.86 3.74 -22.76
N GLU C 106 3.56 3.44 -23.99
CA GLU C 106 4.23 4.14 -25.12
C GLU C 106 3.97 5.64 -24.98
N PHE C 107 2.93 5.98 -24.29
CA PHE C 107 2.59 7.42 -24.09
C PHE C 107 3.46 8.00 -22.96
N PHE C 108 3.09 7.75 -21.73
CA PHE C 108 3.90 8.32 -20.60
C PHE C 108 5.38 7.96 -20.77
N SER C 109 5.65 6.80 -21.32
CA SER C 109 7.08 6.35 -21.48
C SER C 109 8.02 7.52 -21.79
N GLN C 110 7.61 8.48 -22.60
CA GLN C 110 8.54 9.59 -22.93
C GLN C 110 9.01 10.29 -21.64
N TRP C 111 8.34 11.31 -21.19
CA TRP C 111 8.80 12.00 -19.95
C TRP C 111 8.66 11.07 -18.74
N GLY C 112 9.50 11.25 -17.76
CA GLY C 112 9.44 10.41 -16.54
C GLY C 112 9.61 8.92 -16.88
N THR C 113 10.81 8.39 -16.77
CA THR C 113 11.02 6.96 -17.09
C THR C 113 9.95 6.15 -16.38
N ILE C 114 9.37 5.18 -17.04
CA ILE C 114 8.28 4.40 -16.38
C ILE C 114 8.84 3.12 -15.73
N ILE C 115 9.11 3.15 -14.45
CA ILE C 115 9.62 1.94 -13.79
C ILE C 115 8.51 0.89 -13.76
N ASP C 116 7.29 1.31 -13.52
CA ASP C 116 6.15 0.35 -13.49
C ASP C 116 4.84 1.11 -13.68
N ALA C 117 4.37 1.23 -14.90
CA ALA C 117 3.10 1.97 -15.15
C ALA C 117 2.11 1.06 -15.89
N GLN C 118 0.89 1.50 -16.06
CA GLN C 118 -0.10 0.66 -16.79
C GLN C 118 -1.51 1.22 -16.64
N LEU C 119 -2.37 0.82 -17.55
CA LEU C 119 -3.79 1.26 -17.50
C LEU C 119 -4.64 0.07 -17.05
N MET C 120 -5.76 0.29 -16.43
CA MET C 120 -6.58 -0.87 -15.98
C MET C 120 -7.53 -1.32 -17.10
N LEU C 121 -8.34 -2.32 -16.87
CA LEU C 121 -9.27 -2.80 -17.94
C LEU C 121 -10.52 -3.47 -17.30
N ASP C 122 -11.22 -4.28 -18.07
CA ASP C 122 -12.46 -4.92 -17.54
C ASP C 122 -12.15 -5.84 -16.35
N LYS C 123 -11.80 -7.07 -16.61
CA LYS C 123 -11.50 -8.01 -15.49
C LYS C 123 -10.00 -8.19 -15.34
N ASP C 124 -9.28 -8.09 -16.42
CA ASP C 124 -7.82 -8.28 -16.37
C ASP C 124 -7.21 -7.27 -15.40
N THR C 125 -7.71 -6.07 -15.40
CA THR C 125 -7.15 -5.04 -14.48
C THR C 125 -8.22 -4.02 -14.09
N GLY C 126 -8.32 -3.73 -12.83
CA GLY C 126 -9.31 -2.72 -12.36
C GLY C 126 -10.71 -3.02 -12.92
N GLN C 127 -11.32 -2.05 -13.53
CA GLN C 127 -12.70 -2.28 -14.09
C GLN C 127 -12.87 -1.56 -15.44
N SER C 128 -13.65 -2.15 -16.32
CA SER C 128 -13.86 -1.59 -17.70
C SER C 128 -13.43 -0.13 -17.78
N ARG C 129 -13.90 0.71 -16.90
CA ARG C 129 -13.43 2.12 -16.93
C ARG C 129 -11.96 2.10 -16.49
N GLY C 130 -11.21 1.20 -17.06
CA GLY C 130 -9.80 1.03 -16.67
C GLY C 130 -9.15 2.39 -16.43
N PHE C 131 -8.99 2.76 -15.20
CA PHE C 131 -8.37 4.06 -14.89
C PHE C 131 -6.90 4.01 -15.31
N GLY C 132 -6.08 4.90 -14.85
CA GLY C 132 -4.64 4.87 -15.28
C GLY C 132 -3.71 4.96 -14.08
N PHE C 133 -2.55 4.36 -14.17
CA PHE C 133 -1.57 4.41 -13.06
C PHE C 133 -0.18 4.61 -13.65
N VAL C 134 0.72 5.23 -12.92
CA VAL C 134 2.09 5.42 -13.46
C VAL C 134 3.08 5.37 -12.30
N THR C 135 4.25 4.81 -12.50
CA THR C 135 5.24 4.76 -11.39
C THR C 135 6.59 5.29 -11.91
N TYR C 136 7.15 6.26 -11.26
CA TYR C 136 8.47 6.79 -11.70
C TYR C 136 9.49 6.51 -10.58
N ASP C 137 10.72 6.22 -10.91
CA ASP C 137 11.71 5.94 -9.83
C ASP C 137 11.78 7.14 -8.88
N SER C 138 11.94 8.32 -9.43
CA SER C 138 12.02 9.53 -8.57
C SER C 138 10.65 10.21 -8.55
N ALA C 139 10.52 11.29 -7.82
CA ALA C 139 9.22 12.01 -7.76
C ALA C 139 9.35 13.34 -8.52
N ASP C 140 10.55 13.72 -8.85
CA ASP C 140 10.72 15.00 -9.60
C ASP C 140 9.79 14.97 -10.81
N ALA C 141 9.74 13.86 -11.50
CA ALA C 141 8.83 13.77 -12.68
C ALA C 141 7.38 13.89 -12.21
N VAL C 142 7.07 13.40 -11.04
CA VAL C 142 5.67 13.53 -10.55
C VAL C 142 5.33 15.01 -10.46
N ASP C 143 6.06 15.75 -9.67
CA ASP C 143 5.81 17.20 -9.54
C ASP C 143 5.91 17.86 -10.92
N ARG C 144 6.70 17.29 -11.79
CA ARG C 144 6.85 17.86 -13.15
C ARG C 144 5.50 17.76 -13.87
N VAL C 145 5.01 16.57 -14.09
CA VAL C 145 3.70 16.41 -14.78
C VAL C 145 2.58 17.00 -13.91
N CYS C 146 2.76 17.01 -12.62
CA CYS C 146 1.69 17.58 -11.74
C CYS C 146 1.22 18.91 -12.32
N GLN C 147 2.13 19.83 -12.54
CA GLN C 147 1.72 21.14 -13.12
C GLN C 147 0.83 20.88 -14.33
N ASN C 148 0.97 19.72 -14.92
CA ASN C 148 0.11 19.37 -16.08
C ASN C 148 -1.01 18.46 -15.58
N LYS C 149 -1.97 19.00 -14.87
CA LYS C 149 -3.10 18.15 -14.36
C LYS C 149 -3.93 17.62 -15.52
N PHE C 150 -3.71 18.15 -16.70
CA PHE C 150 -4.47 17.66 -17.88
C PHE C 150 -3.49 17.41 -19.03
N ILE C 151 -3.46 16.20 -19.53
CA ILE C 151 -2.53 15.89 -20.64
C ILE C 151 -3.34 15.44 -21.86
N ASP C 152 -2.86 15.73 -23.04
CA ASP C 152 -3.60 15.32 -24.25
C ASP C 152 -3.51 13.80 -24.39
N PHE C 153 -4.41 13.22 -25.13
CA PHE C 153 -4.40 11.74 -25.31
C PHE C 153 -5.34 11.41 -26.46
N LYS C 154 -5.63 10.16 -26.67
CA LYS C 154 -6.54 9.77 -27.81
C LYS C 154 -7.76 10.72 -27.89
N ASP C 155 -8.80 10.31 -28.53
CA ASP C 155 -10.00 11.19 -28.66
C ASP C 155 -10.59 11.51 -27.28
N ARG C 156 -9.76 11.67 -26.29
CA ARG C 156 -10.29 12.00 -24.92
C ARG C 156 -9.12 12.45 -24.03
N LYS C 157 -9.12 13.70 -23.64
CA LYS C 157 -8.02 14.21 -22.76
C LYS C 157 -7.95 13.36 -21.49
N ILE C 158 -6.92 13.52 -20.70
CA ILE C 158 -6.81 12.73 -19.45
C ILE C 158 -6.41 13.64 -18.28
N GLU C 159 -6.72 13.24 -17.07
CA GLU C 159 -6.38 14.08 -15.89
C GLU C 159 -5.29 13.38 -15.07
N ILE C 160 -4.55 14.11 -14.29
CA ILE C 160 -3.47 13.48 -13.47
C ILE C 160 -3.73 13.75 -11.98
N LYS C 161 -3.45 12.80 -11.14
CA LYS C 161 -3.65 13.02 -9.67
C LYS C 161 -2.75 12.05 -8.91
N ARG C 162 -2.39 12.37 -7.71
CA ARG C 162 -1.48 11.45 -6.94
C ARG C 162 -2.16 10.08 -6.77
N ALA C 163 -1.39 9.02 -6.82
CA ALA C 163 -1.97 7.66 -6.65
C ALA C 163 -2.44 7.49 -5.21
N GLU C 164 -2.05 8.38 -4.33
CA GLU C 164 -2.46 8.26 -2.91
C GLU C 164 -3.07 9.60 -2.44
N PRO C 165 -4.34 9.78 -2.65
CA PRO C 165 -5.05 11.03 -2.24
C PRO C 165 -4.89 11.31 -0.74
N ARG C 166 -4.75 12.54 -0.36
CA ARG C 166 -4.61 12.88 1.08
C ARG C 166 -5.15 14.29 1.33
N HIS C 167 -6.28 14.39 1.98
CA HIS C 167 -6.87 15.72 2.25
C HIS C 167 -6.47 16.17 3.67
N ASN B 1 8.19 13.65 6.85
CA ASN B 1 7.50 12.33 6.81
C ASN B 1 8.33 11.29 7.54
N PRO B 2 8.59 11.51 8.80
CA PRO B 2 9.40 10.58 9.64
C PRO B 2 8.68 9.24 9.88
N PRO B 3 9.42 8.22 10.19
CA PRO B 3 8.85 6.86 10.45
C PRO B 3 8.04 6.78 11.74
N SER B 4 8.01 7.84 12.51
CA SER B 4 7.24 7.81 13.79
C SER B 4 6.72 9.21 14.10
N ARG B 5 5.44 9.32 14.39
CA ARG B 5 4.85 10.65 14.72
C ARG B 5 3.34 10.46 14.99
N VAL B 6 2.72 9.53 14.30
CA VAL B 6 1.26 9.30 14.52
C VAL B 6 1.04 7.90 15.08
N VAL B 7 0.00 7.69 15.84
CA VAL B 7 -0.26 6.32 16.35
C VAL B 7 -1.40 5.75 15.53
N TYR B 8 -1.24 4.55 15.05
CA TYR B 8 -2.29 3.92 14.20
C TYR B 8 -3.08 2.92 15.02
N LEU B 9 -4.34 3.18 15.21
CA LEU B 9 -5.19 2.21 15.95
C LEU B 9 -5.99 1.44 14.93
N GLY B 10 -5.98 0.14 15.00
CA GLY B 10 -6.74 -0.67 14.00
C GLY B 10 -7.99 -1.25 14.64
N SER B 11 -8.05 -2.55 14.81
CA SER B 11 -9.25 -3.16 15.43
C SER B 11 -9.30 -2.79 16.91
N ILE B 12 -10.43 -2.32 17.37
CA ILE B 12 -10.56 -1.94 18.81
C ILE B 12 -12.05 -1.84 19.14
N PRO B 13 -12.50 -2.42 20.23
CA PRO B 13 -13.93 -2.37 20.60
C PRO B 13 -14.42 -0.93 20.80
N TYR B 14 -15.66 -0.68 20.47
CA TYR B 14 -16.22 0.68 20.64
C TYR B 14 -16.21 1.04 22.11
N ASP B 15 -15.68 0.18 22.93
CA ASP B 15 -15.63 0.47 24.39
C ASP B 15 -14.87 1.78 24.60
N GLN B 16 -13.83 2.02 23.83
CA GLN B 16 -13.05 3.28 23.98
C GLN B 16 -13.10 4.10 22.70
N THR B 17 -13.74 5.24 22.72
CA THR B 17 -13.82 6.07 21.49
C THR B 17 -12.89 7.29 21.63
N GLU B 18 -13.33 8.43 21.15
CA GLU B 18 -12.49 9.64 21.24
C GLU B 18 -12.20 10.01 22.70
N GLU B 19 -13.11 9.72 23.59
CA GLU B 19 -12.90 10.08 25.02
C GLU B 19 -11.87 9.19 25.70
N GLN B 20 -12.09 7.90 25.72
CA GLN B 20 -11.12 7.01 26.40
C GLN B 20 -9.81 7.00 25.63
N ILE B 21 -9.86 7.02 24.33
CA ILE B 21 -8.58 7.05 23.56
C ILE B 21 -7.85 8.33 23.94
N LEU B 22 -8.51 9.45 23.84
CA LEU B 22 -7.89 10.77 24.19
C LEU B 22 -6.97 10.61 25.41
N ASP B 23 -7.14 9.58 26.20
CA ASP B 23 -6.21 9.41 27.37
C ASP B 23 -5.54 8.04 27.34
N LEU B 24 -6.11 7.05 26.72
CA LEU B 24 -5.41 5.74 26.68
C LEU B 24 -4.06 5.98 25.99
N CYS B 25 -4.06 6.78 24.96
CA CYS B 25 -2.78 7.08 24.25
C CYS B 25 -2.07 8.21 24.95
N SER B 26 -2.67 9.38 24.96
CA SER B 26 -2.02 10.56 25.59
C SER B 26 -1.35 10.16 26.90
N ASN B 27 -1.65 8.99 27.43
CA ASN B 27 -1.02 8.55 28.73
C ASN B 27 0.52 8.68 28.63
N VAL B 28 0.97 9.89 28.50
CA VAL B 28 2.41 10.19 28.40
C VAL B 28 2.58 11.66 28.00
N GLY B 29 1.68 12.16 27.20
CA GLY B 29 1.77 13.60 26.78
C GLY B 29 0.47 14.01 26.08
N PRO B 30 0.21 15.28 26.00
CA PRO B 30 -1.03 15.80 25.34
C PRO B 30 -0.95 15.67 23.82
N VAL B 31 -1.47 14.59 23.28
CA VAL B 31 -1.42 14.40 21.81
C VAL B 31 -1.83 15.69 21.11
N ILE B 32 -1.55 15.80 19.83
CA ILE B 32 -1.93 17.03 19.10
C ILE B 32 -3.23 16.82 18.33
N ASN B 33 -3.34 15.72 17.61
CA ASN B 33 -4.59 15.49 16.82
C ASN B 33 -5.19 14.12 17.16
N LEU B 34 -6.49 14.02 17.22
CA LEU B 34 -7.13 12.71 17.52
C LEU B 34 -8.23 12.45 16.49
N LYS B 35 -8.22 11.30 15.87
CA LYS B 35 -9.28 10.99 14.87
C LYS B 35 -9.77 9.55 15.04
N MET B 36 -11.06 9.37 15.00
CA MET B 36 -11.63 7.99 15.14
C MET B 36 -12.59 7.71 13.97
N MET B 37 -12.45 6.57 13.34
CA MET B 37 -13.35 6.24 12.18
C MET B 37 -13.53 4.72 12.06
N PHE B 38 -14.61 4.31 11.46
CA PHE B 38 -14.88 2.84 11.29
C PHE B 38 -14.93 2.51 9.79
N ASP B 39 -15.21 1.28 9.44
CA ASP B 39 -15.27 0.88 8.00
C ASP B 39 -16.72 0.82 7.50
N PRO B 40 -17.18 1.81 6.77
CA PRO B 40 -18.55 1.81 6.20
C PRO B 40 -18.57 1.15 4.82
N GLN B 41 -17.81 1.69 3.90
CA GLN B 41 -17.76 1.10 2.54
C GLN B 41 -16.77 -0.07 2.54
N THR B 42 -15.59 0.13 3.06
CA THR B 42 -14.59 -0.97 3.10
C THR B 42 -15.18 -2.16 3.88
N GLY B 43 -15.81 -1.89 4.99
CA GLY B 43 -16.42 -3.01 5.79
C GLY B 43 -15.31 -3.85 6.42
N ARG B 44 -14.15 -3.28 6.63
CA ARG B 44 -13.02 -4.04 7.24
C ARG B 44 -12.60 -3.40 8.56
N SER B 45 -12.04 -2.23 8.52
CA SER B 45 -11.57 -1.56 9.77
C SER B 45 -12.74 -1.37 10.73
N LYS B 46 -12.67 -1.96 11.89
CA LYS B 46 -13.76 -1.80 12.87
C LYS B 46 -13.60 -0.45 13.57
N GLY B 47 -12.65 -0.35 14.46
CA GLY B 47 -12.43 0.94 15.18
C GLY B 47 -11.03 1.47 14.85
N TYR B 48 -10.88 2.10 13.71
CA TYR B 48 -9.55 2.66 13.33
C TYR B 48 -9.43 4.11 13.80
N ALA B 49 -8.34 4.45 14.44
CA ALA B 49 -8.20 5.86 14.92
C ALA B 49 -6.73 6.32 14.78
N PHE B 50 -6.53 7.56 14.39
CA PHE B 50 -5.13 8.07 14.25
C PHE B 50 -4.89 9.18 15.28
N ILE B 51 -3.89 9.00 16.10
CA ILE B 51 -3.61 10.02 17.14
C ILE B 51 -2.23 10.66 16.93
N GLU B 52 -2.18 11.85 16.40
CA GLU B 52 -0.85 12.48 16.13
C GLU B 52 -0.27 13.11 17.41
N PHE B 53 0.94 12.76 17.73
CA PHE B 53 1.59 13.31 18.96
C PHE B 53 2.40 14.57 18.64
N ARG B 54 2.92 15.22 19.66
CA ARG B 54 3.71 16.46 19.45
C ARG B 54 4.78 16.25 18.38
N ASP B 55 5.43 15.12 18.40
CA ASP B 55 6.49 14.85 17.40
C ASP B 55 7.37 13.71 17.91
N LEU B 56 8.35 13.33 17.15
CA LEU B 56 9.23 12.20 17.59
C LEU B 56 9.53 12.31 19.09
N GLU B 57 9.35 13.46 19.68
CA GLU B 57 9.61 13.57 21.15
C GLU B 57 8.50 12.82 21.91
N SER B 58 7.34 13.39 21.96
CA SER B 58 6.22 12.71 22.66
C SER B 58 5.98 11.38 21.95
N SER B 59 6.04 11.39 20.64
CA SER B 59 5.82 10.14 19.86
C SER B 59 6.88 9.11 20.23
N ALA B 60 8.09 9.56 20.51
CA ALA B 60 9.17 8.62 20.90
C ALA B 60 8.75 7.93 22.19
N SER B 61 8.53 8.71 23.21
CA SER B 61 8.15 8.14 24.55
C SER B 61 6.78 7.45 24.49
N ALA B 62 5.87 7.97 23.74
CA ALA B 62 4.52 7.35 23.67
C ALA B 62 4.56 6.14 22.75
N VAL B 63 4.84 6.32 21.50
CA VAL B 63 4.85 5.17 20.56
C VAL B 63 5.74 4.06 21.14
N ARG B 64 6.85 4.41 21.73
CA ARG B 64 7.74 3.34 22.31
C ARG B 64 7.06 2.71 23.52
N ASN B 65 6.56 3.51 24.43
CA ASN B 65 5.89 2.93 25.63
C ASN B 65 4.47 2.47 25.26
N LEU B 66 3.73 3.32 24.60
CA LEU B 66 2.33 2.97 24.21
C LEU B 66 2.32 2.37 22.79
N ASN B 67 3.40 1.76 22.38
CA ASN B 67 3.43 1.17 21.02
C ASN B 67 2.24 0.22 20.90
N GLY B 68 2.37 -0.97 21.41
CA GLY B 68 1.25 -1.94 21.34
C GLY B 68 1.14 -2.65 22.69
N TYR B 69 0.03 -2.56 23.38
CA TYR B 69 -0.09 -3.24 24.69
C TYR B 69 -1.45 -3.94 24.77
N GLN B 70 -1.49 -5.10 25.38
CA GLN B 70 -2.77 -5.87 25.52
C GLN B 70 -3.98 -4.94 25.52
N LEU B 71 -4.52 -4.70 24.37
CA LEU B 71 -5.71 -3.80 24.27
C LEU B 71 -6.57 -4.21 23.07
N GLY B 72 -7.83 -4.43 23.27
CA GLY B 72 -8.71 -4.83 22.14
C GLY B 72 -8.04 -5.93 21.34
N SER B 73 -8.64 -6.34 20.24
CA SER B 73 -8.04 -7.41 19.41
C SER B 73 -6.73 -6.94 18.80
N ARG B 74 -6.49 -5.65 18.78
CA ARG B 74 -5.23 -5.13 18.19
C ARG B 74 -4.63 -4.07 19.12
N PHE B 75 -3.34 -3.97 19.10
CA PHE B 75 -2.66 -2.98 19.98
C PHE B 75 -2.22 -1.76 19.17
N LEU B 76 -2.31 -0.60 19.77
CA LEU B 76 -1.87 0.64 19.05
C LEU B 76 -0.59 0.34 18.26
N LYS B 77 -0.38 1.04 17.17
CA LYS B 77 0.85 0.77 16.37
C LYS B 77 1.51 2.11 15.97
N CYS B 78 2.70 2.05 15.43
CA CYS B 78 3.41 3.30 15.02
C CYS B 78 2.75 3.86 13.75
N GLY B 79 3.29 4.91 13.20
CA GLY B 79 2.68 5.48 11.96
C GLY B 79 3.16 6.93 11.79
N TYR B 80 2.77 7.58 10.73
CA TYR B 80 3.22 9.00 10.52
C TYR B 80 2.16 9.79 9.75
N SER B 81 1.09 9.17 9.33
CA SER B 81 0.03 9.89 8.56
C SER B 81 -0.13 11.34 9.07
N SER B 82 0.64 12.25 8.54
CA SER B 82 0.53 13.66 9.00
C SER B 82 -0.90 14.16 8.79
N ASN B 83 -1.52 13.78 7.70
CA ASN B 83 -2.91 14.23 7.44
C ASN B 83 -3.78 13.02 7.07
N SER B 84 -4.92 12.89 7.67
CA SER B 84 -5.81 11.72 7.34
C SER B 84 -6.38 11.90 5.94
N LYS C 1 24.72 -6.29 -1.19
CA LYS C 1 24.88 -7.76 -1.28
C LYS C 1 23.83 -8.45 -0.39
N GLU C 2 22.97 -7.68 0.22
CA GLU C 2 21.94 -8.30 1.10
C GLU C 2 20.59 -8.32 0.38
N SER C 3 20.52 -8.98 -0.75
CA SER C 3 19.24 -9.07 -1.49
C SER C 3 18.83 -10.54 -1.62
N CYS C 4 17.56 -10.82 -1.52
CA CYS C 4 17.11 -12.23 -1.63
C CYS C 4 15.63 -12.33 -1.24
N LYS C 5 15.18 -11.41 -0.43
CA LYS C 5 13.75 -11.43 -0.01
C LYS C 5 12.91 -10.79 -1.12
N MET C 6 11.76 -11.34 -1.43
CA MET C 6 10.92 -10.73 -2.50
C MET C 6 9.56 -10.35 -1.94
N PHE C 7 8.82 -9.56 -2.66
CA PHE C 7 7.48 -9.14 -2.17
C PHE C 7 6.46 -9.17 -3.31
N ILE C 8 5.99 -10.34 -3.65
CA ILE C 8 4.98 -10.44 -4.74
C ILE C 8 3.81 -9.52 -4.39
N GLY C 9 3.26 -8.86 -5.38
CA GLY C 9 2.14 -7.92 -5.11
C GLY C 9 1.07 -8.10 -6.19
N GLY C 10 -0.09 -7.55 -5.99
CA GLY C 10 -1.18 -7.69 -7.01
C GLY C 10 -1.64 -9.13 -7.07
N LEU C 11 -1.57 -9.84 -5.97
CA LEU C 11 -2.03 -11.25 -5.97
C LEU C 11 -3.54 -11.26 -6.15
N ASN C 12 -4.12 -12.40 -6.33
CA ASN C 12 -5.60 -12.44 -6.52
C ASN C 12 -6.26 -12.03 -5.20
N TRP C 13 -6.23 -12.88 -4.23
CA TRP C 13 -6.84 -12.51 -2.91
C TRP C 13 -6.70 -13.70 -1.95
N ASP C 14 -6.65 -14.90 -2.47
CA ASP C 14 -6.52 -16.10 -1.59
C ASP C 14 -5.47 -17.05 -2.17
N THR C 15 -4.25 -16.92 -1.75
CA THR C 15 -3.17 -17.81 -2.26
C THR C 15 -2.45 -18.47 -1.07
N THR C 16 -2.07 -19.71 -1.22
CA THR C 16 -1.37 -20.41 -0.10
C THR C 16 0.14 -20.20 -0.22
N GLU C 17 0.90 -20.63 0.77
CA GLU C 17 2.38 -20.46 0.72
C GLU C 17 3.01 -21.53 -0.18
N ASP C 18 3.02 -22.77 0.26
CA ASP C 18 3.63 -23.83 -0.59
C ASP C 18 3.23 -23.58 -2.05
N ASN C 19 2.00 -23.82 -2.38
CA ASN C 19 1.56 -23.61 -3.78
C ASN C 19 2.32 -22.41 -4.37
N LEU C 20 2.42 -21.33 -3.62
CA LEU C 20 3.17 -20.15 -4.13
C LEU C 20 4.60 -20.57 -4.52
N ARG C 21 5.37 -21.12 -3.60
CA ARG C 21 6.75 -21.53 -4.00
C ARG C 21 6.66 -22.69 -4.99
N GLU C 22 5.97 -23.74 -4.65
CA GLU C 22 5.84 -24.88 -5.61
C GLU C 22 5.68 -24.32 -7.02
N TYR C 23 5.09 -23.16 -7.13
CA TYR C 23 4.94 -22.52 -8.48
C TYR C 23 6.18 -21.68 -8.80
N PHE C 24 6.72 -20.98 -7.84
CA PHE C 24 7.91 -20.11 -8.08
C PHE C 24 9.22 -20.88 -7.85
N GLY C 25 9.17 -22.18 -7.80
CA GLY C 25 10.42 -22.96 -7.58
C GLY C 25 10.94 -23.42 -8.94
N LYS C 26 10.62 -22.69 -9.98
CA LYS C 26 11.10 -23.07 -11.34
C LYS C 26 12.26 -22.16 -11.73
N TYR C 27 12.77 -21.40 -10.80
CA TYR C 27 13.90 -20.47 -11.11
C TYR C 27 15.18 -20.97 -10.44
N GLY C 28 15.30 -20.76 -9.16
CA GLY C 28 16.52 -21.21 -8.45
C GLY C 28 16.12 -22.06 -7.25
N THR C 29 16.52 -21.67 -6.07
CA THR C 29 16.16 -22.45 -4.85
C THR C 29 15.45 -21.53 -3.86
N VAL C 30 14.43 -22.03 -3.21
CA VAL C 30 13.70 -21.19 -2.21
C VAL C 30 13.95 -21.76 -0.82
N THR C 31 14.16 -20.93 0.17
CA THR C 31 14.42 -21.46 1.54
C THR C 31 13.18 -21.27 2.42
N ASP C 32 12.50 -20.16 2.27
CA ASP C 32 11.30 -19.92 3.12
C ASP C 32 10.45 -18.80 2.49
N LEU C 33 9.24 -18.66 2.94
CA LEU C 33 8.38 -17.58 2.39
C LEU C 33 7.22 -17.32 3.37
N LYS C 34 6.71 -16.11 3.40
CA LYS C 34 5.60 -15.81 4.34
C LYS C 34 4.42 -15.24 3.54
N ILE C 35 3.21 -15.61 3.90
CA ILE C 35 2.03 -15.10 3.16
C ILE C 35 0.78 -15.40 3.99
N MET C 36 0.19 -14.40 4.59
CA MET C 36 -1.03 -14.63 5.43
C MET C 36 -2.23 -13.93 4.80
N LYS C 37 -2.72 -14.43 3.70
CA LYS C 37 -3.91 -13.79 3.04
C LYS C 37 -4.89 -13.34 4.12
N ASP C 38 -5.73 -14.22 4.58
CA ASP C 38 -6.71 -13.85 5.64
C ASP C 38 -6.98 -15.06 6.54
N PRO C 39 -6.47 -15.06 7.74
CA PRO C 39 -6.66 -16.20 8.70
C PRO C 39 -8.13 -16.64 8.79
N ALA C 40 -9.02 -15.94 8.14
CA ALA C 40 -10.46 -16.31 8.21
C ALA C 40 -10.88 -17.01 6.91
N THR C 41 -11.26 -16.27 5.92
CA THR C 41 -11.68 -16.89 4.63
C THR C 41 -10.56 -16.75 3.59
N GLY C 42 -9.93 -15.61 3.54
CA GLY C 42 -8.83 -15.40 2.56
C GLY C 42 -9.10 -14.13 1.75
N ARG C 43 -10.02 -13.32 2.18
CA ARG C 43 -10.32 -12.06 1.44
C ARG C 43 -9.59 -10.89 2.08
N SER C 44 -8.37 -10.67 1.68
CA SER C 44 -7.57 -9.55 2.24
C SER C 44 -6.40 -9.26 1.30
N ARG C 45 -5.97 -8.03 1.22
CA ARG C 45 -4.83 -7.71 0.30
C ARG C 45 -3.77 -8.80 0.41
N GLY C 46 -3.86 -9.81 -0.42
CA GLY C 46 -2.88 -10.92 -0.35
C GLY C 46 -1.56 -10.50 -1.01
N PHE C 47 -0.47 -10.87 -0.39
CA PHE C 47 0.88 -10.54 -0.93
C PHE C 47 1.77 -11.75 -0.73
N GLY C 48 2.94 -11.78 -1.33
CA GLY C 48 3.82 -12.98 -1.14
C GLY C 48 5.23 -12.57 -0.74
N PHE C 49 5.75 -13.17 0.29
CA PHE C 49 7.16 -12.87 0.70
C PHE C 49 8.01 -14.06 0.30
N LEU C 50 8.66 -14.02 -0.84
CA LEU C 50 9.47 -15.18 -1.27
C LEU C 50 10.93 -15.00 -0.82
N SER C 51 11.35 -15.73 0.17
CA SER C 51 12.75 -15.61 0.67
C SER C 51 13.70 -16.34 -0.29
N PHE C 52 14.00 -15.74 -1.41
CA PHE C 52 14.90 -16.41 -2.38
C PHE C 52 16.33 -16.42 -1.85
N GLU C 53 16.82 -17.55 -1.43
CA GLU C 53 18.20 -17.61 -0.91
C GLU C 53 19.17 -17.13 -2.00
N LYS C 54 18.93 -17.51 -3.22
CA LYS C 54 19.84 -17.09 -4.33
C LYS C 54 19.42 -15.70 -4.84
N PRO C 55 20.15 -14.64 -4.51
CA PRO C 55 19.78 -13.26 -4.98
C PRO C 55 19.52 -13.19 -6.49
N SER C 56 20.15 -14.03 -7.27
CA SER C 56 19.93 -13.99 -8.74
C SER C 56 18.50 -14.42 -9.09
N SER C 57 18.12 -15.61 -8.70
CA SER C 57 16.75 -16.11 -9.03
C SER C 57 15.73 -14.98 -8.85
N VAL C 58 16.05 -13.99 -8.07
CA VAL C 58 15.11 -12.86 -7.88
C VAL C 58 15.05 -12.04 -9.18
N ASP C 59 16.18 -11.89 -9.83
CA ASP C 59 16.20 -11.09 -11.09
C ASP C 59 15.22 -11.71 -12.11
N GLU C 60 15.28 -12.99 -12.32
CA GLU C 60 14.33 -13.61 -13.29
C GLU C 60 12.91 -13.57 -12.73
N VAL C 61 12.77 -13.75 -11.45
CA VAL C 61 11.40 -13.74 -10.86
C VAL C 61 10.70 -12.43 -11.22
N VAL C 62 11.36 -11.31 -11.05
CA VAL C 62 10.70 -10.01 -11.39
C VAL C 62 10.72 -9.80 -12.90
N LYS C 63 11.76 -10.20 -13.57
CA LYS C 63 11.83 -9.99 -15.04
C LYS C 63 10.78 -10.87 -15.73
N THR C 64 10.74 -12.14 -15.42
CA THR C 64 9.76 -13.05 -16.07
C THR C 64 8.35 -12.79 -15.55
N GLN C 65 7.36 -12.93 -16.40
CA GLN C 65 5.95 -12.71 -15.98
C GLN C 65 5.30 -14.06 -15.70
N HIS C 66 4.52 -14.16 -14.65
CA HIS C 66 3.86 -15.46 -14.33
C HIS C 66 2.41 -15.23 -13.94
N ILE C 67 1.57 -16.18 -14.21
CA ILE C 67 0.14 -16.05 -13.85
C ILE C 67 -0.28 -17.28 -13.04
N LEU C 68 -0.13 -17.22 -11.75
CA LEU C 68 -0.47 -18.38 -10.86
C LEU C 68 -1.94 -18.78 -11.02
N ASP C 69 -2.85 -17.87 -10.82
CA ASP C 69 -4.30 -18.22 -10.96
C ASP C 69 -4.82 -17.62 -12.26
N GLY C 70 -3.92 -17.18 -13.10
CA GLY C 70 -4.33 -16.54 -14.38
C GLY C 70 -4.81 -15.14 -14.05
N LYS C 71 -4.30 -14.60 -12.97
CA LYS C 71 -4.68 -13.24 -12.55
C LYS C 71 -3.57 -12.26 -12.94
N VAL C 72 -3.46 -11.16 -12.23
CA VAL C 72 -2.40 -10.18 -12.55
C VAL C 72 -1.50 -9.98 -11.33
N ILE C 73 -0.41 -10.69 -11.26
CA ILE C 73 0.51 -10.56 -10.09
C ILE C 73 1.75 -9.77 -10.52
N ASP C 74 2.32 -9.04 -9.61
CA ASP C 74 3.54 -8.24 -9.94
C ASP C 74 4.68 -8.61 -8.99
N PRO C 75 5.61 -9.43 -9.44
CA PRO C 75 6.77 -9.85 -8.61
C PRO C 75 7.80 -8.72 -8.51
N LYS C 76 8.25 -8.40 -7.31
CA LYS C 76 9.25 -7.31 -7.16
C LYS C 76 10.16 -7.57 -5.97
N ARG C 77 11.37 -7.09 -6.01
CA ARG C 77 12.31 -7.29 -4.88
C ARG C 77 11.75 -6.61 -3.63
N ALA C 78 12.03 -7.13 -2.47
CA ALA C 78 11.50 -6.49 -1.23
C ALA C 78 11.90 -5.01 -1.21
N ILE C 79 11.01 -4.16 -0.77
CA ILE C 79 11.32 -2.69 -0.74
C ILE C 79 11.22 -2.18 0.71
N PRO C 80 12.31 -1.71 1.28
CA PRO C 80 12.32 -1.19 2.68
C PRO C 80 11.12 -0.27 2.97
N ARG C 81 10.79 -0.10 4.22
CA ARG C 81 9.64 0.78 4.59
C ARG C 81 9.85 2.19 4.03
N ASP C 82 10.98 2.78 4.32
CA ASP C 82 11.24 4.15 3.82
C ASP C 82 11.22 4.15 2.30
N GLU C 83 11.81 3.15 1.70
CA GLU C 83 11.83 3.10 0.20
C GLU C 83 10.40 2.98 -0.32
N GLN C 84 9.56 2.21 0.32
CA GLN C 84 8.16 2.08 -0.15
C GLN C 84 7.49 3.46 -0.07
N ASP C 85 7.73 4.18 0.99
CA ASP C 85 7.12 5.54 1.13
C ASP C 85 7.98 6.57 0.38
N LYS C 86 9.22 6.26 0.16
CA LYS C 86 10.13 7.23 -0.56
C LYS C 86 9.51 7.62 -1.90
N THR C 87 8.56 6.89 -2.39
CA THR C 87 7.95 7.24 -3.70
C THR C 87 6.59 7.91 -3.45
N GLY C 88 6.06 8.60 -4.44
CA GLY C 88 4.73 9.26 -4.28
C GLY C 88 3.74 8.56 -5.20
N LYS C 89 2.47 8.59 -4.89
CA LYS C 89 1.47 7.91 -5.76
C LYS C 89 0.33 8.86 -6.09
N ILE C 90 0.04 9.03 -7.36
CA ILE C 90 -1.06 9.95 -7.76
C ILE C 90 -2.14 9.13 -8.46
N PHE C 91 -3.37 9.43 -8.17
CA PHE C 91 -4.51 8.72 -8.79
C PHE C 91 -4.78 9.30 -10.19
N VAL C 92 -5.48 8.56 -11.01
CA VAL C 92 -5.81 9.06 -12.38
C VAL C 92 -7.29 8.77 -12.64
N GLY C 93 -8.02 9.74 -13.13
CA GLY C 93 -9.47 9.52 -13.39
C GLY C 93 -9.75 9.59 -14.90
N GLY C 94 -10.77 8.91 -15.35
CA GLY C 94 -11.11 8.94 -16.79
C GLY C 94 -9.97 8.37 -17.63
N ILE C 95 -10.22 7.32 -18.36
CA ILE C 95 -9.16 6.72 -19.22
C ILE C 95 -9.81 6.04 -20.41
N GLY C 96 -9.05 5.71 -21.42
CA GLY C 96 -9.65 5.05 -22.61
C GLY C 96 -10.58 3.92 -22.14
N PRO C 97 -11.67 3.67 -22.83
CA PRO C 97 -12.63 2.59 -22.45
C PRO C 97 -11.91 1.29 -22.08
N ASP C 98 -11.01 0.85 -22.91
CA ASP C 98 -10.28 -0.43 -22.62
C ASP C 98 -8.77 -0.14 -22.59
N VAL C 99 -8.38 1.02 -22.14
CA VAL C 99 -6.94 1.36 -22.10
C VAL C 99 -6.13 0.18 -21.56
N ARG C 100 -4.98 -0.07 -22.11
CA ARG C 100 -4.13 -1.19 -21.63
C ARG C 100 -2.89 -0.62 -20.92
N PRO C 101 -2.27 -1.40 -20.08
CA PRO C 101 -1.07 -0.97 -19.33
C PRO C 101 0.08 -0.63 -20.28
N LYS C 102 0.13 -1.31 -21.40
CA LYS C 102 1.22 -1.03 -22.39
C LYS C 102 1.24 0.48 -22.66
N GLU C 103 0.18 1.01 -23.19
CA GLU C 103 0.14 2.47 -23.42
C GLU C 103 0.25 3.16 -22.07
N PHE C 104 -0.86 3.37 -21.41
CA PHE C 104 -0.87 4.01 -20.04
C PHE C 104 0.57 4.14 -19.48
N GLU C 105 1.17 3.02 -19.13
CA GLU C 105 2.56 3.03 -18.58
C GLU C 105 3.52 3.73 -19.56
N GLU C 106 3.42 3.42 -20.82
CA GLU C 106 4.29 4.08 -21.83
C GLU C 106 3.88 5.54 -21.92
N PHE C 107 2.61 5.79 -21.92
CA PHE C 107 2.09 7.18 -22.01
C PHE C 107 2.70 8.05 -20.92
N PHE C 108 2.24 7.95 -19.69
CA PHE C 108 2.80 8.86 -18.63
C PHE C 108 4.32 8.95 -18.77
N SER C 109 4.97 7.84 -18.89
CA SER C 109 6.47 7.84 -19.00
C SER C 109 6.94 9.07 -19.79
N GLN C 110 6.22 9.46 -20.80
CA GLN C 110 6.65 10.62 -21.65
C GLN C 110 6.91 11.90 -20.83
N TRP C 111 6.60 11.96 -19.55
CA TRP C 111 6.88 13.22 -18.80
C TRP C 111 7.27 12.93 -17.36
N GLY C 112 6.48 12.20 -16.64
CA GLY C 112 6.87 11.90 -15.24
C GLY C 112 7.80 10.69 -15.27
N THR C 113 8.25 10.23 -14.13
CA THR C 113 9.21 9.08 -14.13
C THR C 113 8.50 7.77 -13.77
N ILE C 114 7.18 7.74 -13.69
CA ILE C 114 6.45 6.49 -13.28
C ILE C 114 7.30 5.24 -13.36
N ILE C 115 7.72 4.75 -12.22
CA ILE C 115 8.54 3.51 -12.19
C ILE C 115 7.60 2.31 -12.00
N ASP C 116 6.53 2.48 -11.27
CA ASP C 116 5.59 1.35 -11.03
C ASP C 116 4.22 1.63 -11.67
N ALA C 117 4.17 2.57 -12.59
CA ALA C 117 2.88 2.93 -13.28
C ALA C 117 1.93 1.73 -13.28
N GLN C 118 0.69 1.92 -12.89
CA GLN C 118 -0.23 0.75 -12.85
C GLN C 118 -1.69 1.16 -13.04
N LEU C 119 -2.39 0.47 -13.90
CA LEU C 119 -3.83 0.78 -14.15
C LEU C 119 -4.65 -0.50 -13.97
N MET C 120 -5.90 -0.40 -13.60
CA MET C 120 -6.72 -1.64 -13.40
C MET C 120 -7.38 -2.04 -14.72
N LEU C 121 -7.93 -3.22 -14.78
CA LEU C 121 -8.58 -3.69 -16.04
C LEU C 121 -9.81 -4.54 -15.71
N ASP C 122 -10.53 -4.98 -16.70
CA ASP C 122 -11.73 -5.80 -16.47
C ASP C 122 -11.34 -7.26 -16.16
N LYS C 123 -10.31 -7.75 -16.78
CA LYS C 123 -9.90 -9.16 -16.53
C LYS C 123 -9.65 -9.36 -15.04
N ASP C 124 -9.11 -8.39 -14.36
CA ASP C 124 -8.86 -8.57 -12.91
C ASP C 124 -10.15 -9.00 -12.24
N THR C 125 -11.22 -8.27 -12.45
CA THR C 125 -12.53 -8.66 -11.83
C THR C 125 -13.60 -7.63 -12.20
N GLY C 126 -13.25 -6.63 -12.95
CA GLY C 126 -14.24 -5.58 -13.30
C GLY C 126 -14.00 -4.35 -12.44
N GLN C 127 -12.91 -4.33 -11.72
CA GLN C 127 -12.59 -3.16 -10.85
C GLN C 127 -12.06 -2.01 -11.70
N SER C 128 -12.38 -2.00 -12.96
CA SER C 128 -11.88 -0.91 -13.85
C SER C 128 -13.03 0.03 -14.21
N ARG C 129 -13.66 0.62 -13.23
CA ARG C 129 -14.78 1.55 -13.52
C ARG C 129 -14.30 2.60 -14.52
N GLY C 130 -13.02 2.87 -14.51
CA GLY C 130 -12.47 3.88 -15.47
C GLY C 130 -11.35 4.68 -14.78
N PHE C 131 -10.82 4.17 -13.69
CA PHE C 131 -9.75 4.91 -12.97
C PHE C 131 -8.41 4.20 -13.14
N GLY C 132 -7.36 4.77 -12.62
CA GLY C 132 -6.01 4.15 -12.77
C GLY C 132 -5.07 4.77 -11.73
N PHE C 133 -3.83 4.35 -11.64
CA PHE C 133 -2.92 4.95 -10.62
C PHE C 133 -1.48 4.97 -11.16
N VAL C 134 -0.66 5.85 -10.66
CA VAL C 134 0.75 5.90 -11.13
C VAL C 134 1.65 6.15 -9.92
N THR C 135 2.88 5.69 -9.96
CA THR C 135 3.80 5.92 -8.81
C THR C 135 5.09 6.57 -9.32
N TYR C 136 5.42 7.74 -8.84
CA TYR C 136 6.67 8.40 -9.28
C TYR C 136 7.65 8.37 -8.11
N ASP C 137 8.90 8.07 -8.32
CA ASP C 137 9.87 8.02 -7.19
C ASP C 137 9.92 9.40 -6.53
N SER C 138 10.12 10.42 -7.31
CA SER C 138 10.19 11.80 -6.74
C SER C 138 8.80 12.42 -6.81
N ALA C 139 8.61 13.55 -6.16
CA ALA C 139 7.28 14.21 -6.22
C ALA C 139 7.37 15.40 -7.18
N ASP C 140 8.55 15.75 -7.59
CA ASP C 140 8.69 16.88 -8.54
C ASP C 140 7.79 16.60 -9.74
N ALA C 141 7.85 15.39 -10.26
CA ALA C 141 7.00 15.04 -11.43
C ALA C 141 5.53 15.17 -11.03
N VAL C 142 5.20 14.86 -9.81
CA VAL C 142 3.79 14.97 -9.36
C VAL C 142 3.37 16.44 -9.46
N ASP C 143 4.01 17.30 -8.72
CA ASP C 143 3.67 18.75 -8.76
C ASP C 143 3.76 19.25 -10.21
N ARG C 144 4.62 18.64 -10.98
CA ARG C 144 4.75 19.06 -12.39
C ARG C 144 3.42 18.80 -13.11
N VAL C 145 3.00 17.57 -13.13
CA VAL C 145 1.72 17.23 -13.81
C VAL C 145 0.54 17.91 -13.11
N CYS C 146 0.64 18.18 -11.84
CA CYS C 146 -0.51 18.86 -11.16
C CYS C 146 -0.96 19.99 -12.07
N GLN C 147 -0.03 20.79 -12.51
CA GLN C 147 -0.36 21.92 -13.42
C GLN C 147 -1.32 21.43 -14.52
N ASN C 148 -1.18 20.19 -14.95
CA ASN C 148 -2.14 19.66 -15.96
C ASN C 148 -3.15 18.78 -15.23
N LYS C 149 -4.16 19.34 -14.63
CA LYS C 149 -5.16 18.50 -13.91
C LYS C 149 -6.01 17.77 -14.95
N PHE C 150 -5.95 18.23 -16.18
CA PHE C 150 -6.72 17.57 -17.27
C PHE C 150 -5.75 17.20 -18.39
N ILE C 151 -5.68 15.94 -18.75
CA ILE C 151 -4.74 15.53 -19.84
C ILE C 151 -5.53 14.96 -21.02
N ASP C 152 -5.00 15.11 -22.20
CA ASP C 152 -5.70 14.56 -23.40
C ASP C 152 -5.19 13.13 -23.63
N PHE C 153 -5.91 12.16 -23.16
CA PHE C 153 -5.50 10.74 -23.34
C PHE C 153 -6.38 10.13 -24.43
N LYS C 154 -6.24 8.84 -24.71
CA LYS C 154 -7.09 8.20 -25.77
C LYS C 154 -8.38 8.98 -25.91
N ASP C 155 -8.79 9.29 -27.13
CA ASP C 155 -10.02 10.11 -27.38
C ASP C 155 -10.95 10.16 -26.15
N ARG C 156 -10.51 10.85 -25.13
CA ARG C 156 -11.31 10.97 -23.88
C ARG C 156 -10.51 11.79 -22.86
N LYS C 157 -10.92 12.99 -22.58
CA LYS C 157 -10.17 13.81 -21.59
C LYS C 157 -10.02 13.00 -20.30
N ILE C 158 -9.00 13.26 -19.52
CA ILE C 158 -8.83 12.52 -18.23
C ILE C 158 -8.52 13.51 -17.12
N GLU C 159 -8.86 13.19 -15.90
CA GLU C 159 -8.59 14.14 -14.77
C GLU C 159 -7.59 13.52 -13.79
N ILE C 160 -6.48 14.16 -13.58
CA ILE C 160 -5.44 13.61 -12.66
C ILE C 160 -5.70 14.08 -11.23
N LYS C 161 -5.25 13.35 -10.25
CA LYS C 161 -5.44 13.79 -8.84
C LYS C 161 -4.44 13.05 -7.96
N ARG C 162 -4.16 13.54 -6.78
CA ARG C 162 -3.19 12.82 -5.90
C ARG C 162 -3.83 11.54 -5.37
N ALA C 163 -3.06 10.52 -5.09
CA ALA C 163 -3.66 9.25 -4.56
C ALA C 163 -4.14 9.48 -3.14
N GLU C 164 -3.94 10.66 -2.63
CA GLU C 164 -4.37 10.95 -1.22
C GLU C 164 -4.89 12.39 -1.12
N PRO C 165 -6.14 12.61 -1.43
CA PRO C 165 -6.77 13.96 -1.37
C PRO C 165 -6.59 14.61 0.02
N ARG C 166 -6.28 15.88 0.06
CA ARG C 166 -6.09 16.56 1.37
C ARG C 166 -7.38 16.45 2.20
N HIS C 167 -8.51 16.55 1.56
CA HIS C 167 -9.80 16.46 2.30
C HIS C 167 -9.99 17.72 3.15
N ASN B 1 8.79 12.37 5.70
CA ASN B 1 7.95 11.16 5.98
C ASN B 1 8.64 10.30 7.04
N PRO B 2 8.60 10.75 8.27
CA PRO B 2 9.23 10.02 9.42
C PRO B 2 8.50 8.71 9.75
N PRO B 3 9.20 7.77 10.33
CA PRO B 3 8.61 6.45 10.70
C PRO B 3 7.67 6.55 11.92
N SER B 4 7.45 7.74 12.41
CA SER B 4 6.55 7.91 13.58
C SER B 4 5.96 9.31 13.58
N ARG B 5 4.68 9.42 13.77
CA ARG B 5 4.03 10.77 13.78
C ARG B 5 2.52 10.60 14.03
N VAL B 6 1.91 9.64 13.37
CA VAL B 6 0.45 9.42 13.54
C VAL B 6 0.21 8.02 14.10
N VAL B 7 -0.85 7.81 14.82
CA VAL B 7 -1.12 6.43 15.32
C VAL B 7 -2.63 6.20 15.28
N TYR B 8 -3.06 5.07 14.78
CA TYR B 8 -4.53 4.81 14.69
C TYR B 8 -4.86 3.45 15.30
N LEU B 9 -6.08 3.30 15.73
CA LEU B 9 -6.51 2.01 16.33
C LEU B 9 -7.68 1.46 15.53
N GLY B 10 -7.80 0.15 15.44
CA GLY B 10 -8.93 -0.45 14.67
C GLY B 10 -9.74 -1.40 15.55
N SER B 11 -9.10 -2.24 16.31
CA SER B 11 -9.88 -3.18 17.18
C SER B 11 -10.09 -2.55 18.56
N ILE B 12 -11.14 -1.80 18.71
CA ILE B 12 -11.41 -1.16 20.03
C ILE B 12 -12.93 -1.14 20.27
N PRO B 13 -13.40 -1.64 21.38
CA PRO B 13 -14.85 -1.64 21.68
C PRO B 13 -15.35 -0.25 22.03
N TYR B 14 -16.62 0.00 21.84
CA TYR B 14 -17.17 1.34 22.18
C TYR B 14 -16.96 1.62 23.66
N ASP B 15 -16.27 0.76 24.36
CA ASP B 15 -16.02 1.03 25.80
C ASP B 15 -15.23 2.32 25.93
N GLN B 16 -14.25 2.54 25.07
CA GLN B 16 -13.44 3.80 25.17
C GLN B 16 -13.45 4.52 23.82
N THR B 17 -14.09 5.65 23.74
CA THR B 17 -14.17 6.39 22.45
C THR B 17 -13.27 7.64 22.47
N GLU B 18 -13.69 8.71 21.87
CA GLU B 18 -12.84 9.94 21.83
C GLU B 18 -12.67 10.52 23.23
N GLU B 19 -13.62 10.33 24.09
CA GLU B 19 -13.47 10.90 25.46
C GLU B 19 -12.30 10.24 26.17
N GLN B 20 -12.30 8.95 26.24
CA GLN B 20 -11.20 8.22 26.95
C GLN B 20 -9.90 8.35 26.15
N ILE B 21 -9.95 8.09 24.87
CA ILE B 21 -8.70 8.21 24.07
C ILE B 21 -8.16 9.63 24.25
N LEU B 22 -8.99 10.59 23.98
CA LEU B 22 -8.58 12.04 24.11
C LEU B 22 -7.65 12.24 25.29
N ASP B 23 -7.64 11.35 26.25
CA ASP B 23 -6.70 11.51 27.39
C ASP B 23 -5.82 10.25 27.54
N LEU B 24 -6.23 9.12 27.04
CA LEU B 24 -5.34 7.94 27.17
C LEU B 24 -4.05 8.24 26.43
N CYS B 25 -4.12 8.91 25.32
CA CYS B 25 -2.87 9.23 24.57
C CYS B 25 -2.35 10.61 25.01
N SER B 26 -3.13 11.63 24.74
CA SER B 26 -2.71 13.01 25.09
C SER B 26 -1.96 13.04 26.42
N ASN B 27 -2.14 12.06 27.25
CA ASN B 27 -1.42 12.06 28.55
C ASN B 27 0.08 11.79 28.31
N VAL B 28 0.38 10.65 27.73
CA VAL B 28 1.80 10.27 27.49
C VAL B 28 2.59 11.48 27.00
N GLY B 29 2.13 12.17 25.99
CA GLY B 29 2.89 13.36 25.49
C GLY B 29 1.92 14.28 24.74
N PRO B 30 2.35 15.48 24.45
CA PRO B 30 1.50 16.45 23.71
C PRO B 30 0.86 15.82 22.46
N VAL B 31 -0.41 15.98 22.29
CA VAL B 31 -1.09 15.37 21.12
C VAL B 31 -1.28 16.45 20.03
N ILE B 32 -1.99 16.14 18.99
CA ILE B 32 -2.25 17.15 17.93
C ILE B 32 -3.66 16.96 17.41
N ASN B 33 -4.06 15.73 17.18
CA ASN B 33 -5.45 15.52 16.65
C ASN B 33 -6.02 14.19 17.11
N LEU B 34 -7.33 14.10 17.16
CA LEU B 34 -8.00 12.84 17.55
C LEU B 34 -9.32 12.74 16.78
N LYS B 35 -9.58 11.62 16.15
CA LYS B 35 -10.87 11.51 15.40
C LYS B 35 -11.40 10.07 15.48
N MET B 36 -12.54 9.89 16.08
CA MET B 36 -13.12 8.52 16.19
C MET B 36 -13.99 8.23 14.96
N MET B 37 -13.78 7.11 14.32
CA MET B 37 -14.59 6.78 13.12
C MET B 37 -14.95 5.29 13.11
N PHE B 38 -16.11 4.97 12.64
CA PHE B 38 -16.54 3.54 12.59
C PHE B 38 -16.32 3.02 11.16
N ASP B 39 -16.65 1.77 10.86
CA ASP B 39 -16.43 1.25 9.48
C ASP B 39 -17.79 0.87 8.87
N PRO B 40 -18.61 1.86 8.56
CA PRO B 40 -19.95 1.64 7.93
C PRO B 40 -19.87 1.12 6.50
N GLN B 41 -19.28 1.87 5.62
CA GLN B 41 -19.19 1.45 4.19
C GLN B 41 -18.36 0.17 4.05
N THR B 42 -17.28 0.07 4.77
CA THR B 42 -16.43 -1.14 4.66
C THR B 42 -17.14 -2.33 5.30
N GLY B 43 -17.74 -2.12 6.45
CA GLY B 43 -18.44 -3.23 7.14
C GLY B 43 -17.42 -4.05 7.92
N ARG B 44 -16.17 -3.70 7.82
CA ARG B 44 -15.11 -4.45 8.55
C ARG B 44 -15.33 -4.34 10.06
N SER B 45 -15.74 -3.20 10.54
CA SER B 45 -15.97 -3.06 12.00
C SER B 45 -16.51 -1.67 12.34
N LYS B 46 -16.41 -1.30 13.59
CA LYS B 46 -16.92 0.03 14.00
C LYS B 46 -16.02 0.62 15.08
N GLY B 47 -14.74 0.43 14.97
CA GLY B 47 -13.83 0.99 16.00
C GLY B 47 -12.51 1.48 15.37
N TYR B 48 -12.60 2.47 14.51
CA TYR B 48 -11.37 3.02 13.89
C TYR B 48 -11.18 4.48 14.30
N ALA B 49 -10.06 4.82 14.89
CA ALA B 49 -9.85 6.24 15.33
C ALA B 49 -8.43 6.69 15.00
N PHE B 50 -8.31 7.89 14.46
CA PHE B 50 -6.97 8.42 14.05
C PHE B 50 -6.46 9.50 15.02
N ILE B 51 -5.27 9.31 15.53
CA ILE B 51 -4.67 10.31 16.46
C ILE B 51 -3.41 10.88 15.80
N GLU B 52 -3.03 12.09 16.12
CA GLU B 52 -1.79 12.67 15.55
C GLU B 52 -1.00 13.31 16.69
N PHE B 53 0.30 13.09 16.72
CA PHE B 53 1.13 13.65 17.83
C PHE B 53 1.91 14.89 17.37
N ARG B 54 2.50 15.58 18.32
CA ARG B 54 3.27 16.82 18.02
C ARG B 54 4.37 16.58 16.98
N ASP B 55 5.08 15.49 17.09
CA ASP B 55 6.16 15.20 16.11
C ASP B 55 7.13 14.18 16.70
N LEU B 56 8.18 13.89 15.99
CA LEU B 56 9.17 12.90 16.49
C LEU B 56 9.38 13.07 18.00
N GLU B 57 9.08 14.21 18.54
CA GLU B 57 9.27 14.40 20.01
C GLU B 57 8.24 13.56 20.80
N SER B 58 7.04 14.05 20.88
CA SER B 58 6.00 13.29 21.62
C SER B 58 5.80 11.98 20.89
N SER B 59 5.88 12.01 19.59
CA SER B 59 5.72 10.76 18.81
C SER B 59 6.84 9.81 19.19
N ALA B 60 8.02 10.30 19.41
CA ALA B 60 9.12 9.38 19.81
C ALA B 60 8.74 8.70 21.12
N SER B 61 8.48 9.48 22.13
CA SER B 61 8.13 8.91 23.47
C SER B 61 6.82 8.13 23.45
N ALA B 62 5.89 8.56 22.66
CA ALA B 62 4.58 7.84 22.61
C ALA B 62 4.66 6.66 21.66
N VAL B 63 4.96 6.87 20.43
CA VAL B 63 5.01 5.72 19.51
C VAL B 63 5.94 4.66 20.10
N ARG B 64 7.05 5.05 20.67
CA ARG B 64 7.96 4.03 21.28
C ARG B 64 7.31 3.43 22.53
N ASN B 65 6.77 4.25 23.40
CA ASN B 65 6.12 3.69 24.63
C ASN B 65 4.66 3.39 24.32
N LEU B 66 3.94 4.40 23.93
CA LEU B 66 2.51 4.26 23.60
C LEU B 66 2.34 3.55 22.25
N ASN B 67 3.23 2.66 21.91
CA ASN B 67 3.12 1.93 20.63
C ASN B 67 1.96 0.95 20.73
N GLY B 68 2.14 -0.11 21.46
CA GLY B 68 1.07 -1.11 21.62
C GLY B 68 0.99 -1.53 23.09
N TYR B 69 -0.13 -1.35 23.74
CA TYR B 69 -0.23 -1.77 25.17
C TYR B 69 -1.59 -2.43 25.36
N GLN B 70 -1.66 -3.49 26.13
CA GLN B 70 -2.96 -4.20 26.36
C GLN B 70 -4.13 -3.23 26.28
N LEU B 71 -4.66 -3.04 25.10
CA LEU B 71 -5.81 -2.11 24.92
C LEU B 71 -6.66 -2.57 23.74
N GLY B 72 -7.89 -2.92 23.96
CA GLY B 72 -8.76 -3.36 22.82
C GLY B 72 -8.28 -4.73 22.32
N SER B 73 -8.77 -5.18 21.20
CA SER B 73 -8.33 -6.50 20.66
C SER B 73 -6.99 -6.31 19.94
N ARG B 74 -6.62 -5.09 19.70
CA ARG B 74 -5.32 -4.81 19.03
C ARG B 74 -4.63 -3.69 19.80
N PHE B 75 -3.35 -3.63 19.71
CA PHE B 75 -2.61 -2.56 20.46
C PHE B 75 -2.33 -1.39 19.52
N LEU B 76 -2.59 -0.19 19.97
CA LEU B 76 -2.39 1.02 19.11
C LEU B 76 -1.29 0.79 18.08
N LYS B 77 -1.51 1.21 16.86
CA LYS B 77 -0.49 1.04 15.79
C LYS B 77 0.03 2.42 15.38
N CYS B 78 1.33 2.61 15.40
CA CYS B 78 1.90 3.94 15.04
C CYS B 78 2.17 4.02 13.54
N GLY B 79 1.71 5.07 12.91
CA GLY B 79 1.92 5.23 11.44
C GLY B 79 2.45 6.62 11.13
N TYR B 80 2.47 6.99 9.88
CA TYR B 80 2.97 8.33 9.48
C TYR B 80 2.03 8.92 8.42
N SER B 81 2.08 10.20 8.23
CA SER B 81 1.20 10.85 7.20
C SER B 81 1.49 12.35 7.18
N SER B 82 2.39 12.77 6.33
CA SER B 82 2.72 14.22 6.26
C SER B 82 3.19 14.57 4.86
N ASN B 83 3.29 15.84 4.55
CA ASN B 83 3.75 16.25 3.19
C ASN B 83 4.95 17.18 3.31
N SER B 84 5.43 17.67 2.20
CA SER B 84 6.61 18.59 2.24
C SER B 84 6.35 19.71 3.25
N LYS C 1 23.05 -3.70 1.15
CA LYS C 1 23.32 -4.91 0.32
C LYS C 1 22.01 -5.47 -0.23
N GLU C 2 22.06 -6.16 -1.33
CA GLU C 2 20.80 -6.72 -1.91
C GLU C 2 20.46 -8.04 -1.23
N SER C 3 19.21 -8.28 -0.95
CA SER C 3 18.81 -9.54 -0.28
C SER C 3 18.02 -10.41 -1.27
N CYS C 4 18.20 -11.69 -1.22
CA CYS C 4 17.46 -12.59 -2.15
C CYS C 4 15.99 -12.68 -1.73
N LYS C 5 15.49 -11.65 -1.11
CA LYS C 5 14.06 -11.67 -0.66
C LYS C 5 13.20 -10.81 -1.59
N MET C 6 12.05 -11.30 -1.99
CA MET C 6 11.17 -10.51 -2.90
C MET C 6 9.84 -10.23 -2.20
N PHE C 7 9.12 -9.23 -2.65
CA PHE C 7 7.81 -8.89 -2.01
C PHE C 7 6.70 -8.94 -3.05
N ILE C 8 6.25 -10.10 -3.40
CA ILE C 8 5.14 -10.17 -4.38
C ILE C 8 4.05 -9.22 -3.92
N GLY C 9 3.43 -8.51 -4.82
CA GLY C 9 2.38 -7.55 -4.40
C GLY C 9 1.20 -7.62 -5.39
N GLY C 10 0.08 -7.06 -5.05
CA GLY C 10 -1.08 -7.11 -5.98
C GLY C 10 -1.34 -8.56 -6.34
N LEU C 11 -0.94 -9.48 -5.50
CA LEU C 11 -1.13 -10.92 -5.83
C LEU C 11 -2.59 -11.32 -5.64
N ASN C 12 -3.01 -12.42 -6.21
CA ASN C 12 -4.43 -12.87 -6.06
C ASN C 12 -4.64 -13.44 -4.66
N TRP C 13 -5.59 -12.91 -3.93
CA TRP C 13 -5.85 -13.39 -2.54
C TRP C 13 -5.67 -14.92 -2.45
N ASP C 14 -6.09 -15.66 -3.43
CA ASP C 14 -5.94 -17.15 -3.35
C ASP C 14 -4.53 -17.57 -3.78
N THR C 15 -3.59 -17.54 -2.87
CA THR C 15 -2.20 -17.97 -3.22
C THR C 15 -1.55 -18.64 -2.00
N THR C 16 -0.92 -19.77 -2.19
CA THR C 16 -0.28 -20.45 -1.04
C THR C 16 1.20 -20.69 -1.36
N GLU C 17 2.07 -20.49 -0.40
CA GLU C 17 3.53 -20.65 -0.67
C GLU C 17 3.79 -21.86 -1.58
N ASP C 18 3.64 -23.05 -1.04
CA ASP C 18 3.89 -24.28 -1.86
C ASP C 18 3.40 -24.08 -3.29
N ASN C 19 2.27 -23.45 -3.44
CA ASN C 19 1.76 -23.20 -4.82
C ASN C 19 2.57 -22.04 -5.41
N LEU C 20 2.77 -21.02 -4.62
CA LEU C 20 3.55 -19.85 -5.09
C LEU C 20 4.90 -20.31 -5.65
N ARG C 21 5.67 -21.05 -4.90
CA ARG C 21 6.97 -21.50 -5.44
C ARG C 21 6.72 -22.50 -6.56
N GLU C 22 5.99 -23.55 -6.27
CA GLU C 22 5.72 -24.57 -7.32
C GLU C 22 5.55 -23.86 -8.65
N TYR C 23 5.02 -22.67 -8.62
CA TYR C 23 4.86 -21.89 -9.89
C TYR C 23 6.07 -20.99 -10.13
N PHE C 24 6.71 -20.52 -9.08
CA PHE C 24 7.89 -19.62 -9.27
C PHE C 24 9.21 -20.41 -9.22
N GLY C 25 9.14 -21.70 -9.34
CA GLY C 25 10.40 -22.51 -9.30
C GLY C 25 11.09 -22.45 -10.66
N LYS C 26 10.92 -21.37 -11.39
CA LYS C 26 11.57 -21.24 -12.72
C LYS C 26 12.57 -20.08 -12.68
N TYR C 27 13.03 -19.72 -11.51
CA TYR C 27 13.99 -18.59 -11.41
C TYR C 27 15.22 -19.04 -10.60
N GLY C 28 15.19 -20.24 -10.10
CA GLY C 28 16.35 -20.73 -9.31
C GLY C 28 15.85 -21.76 -8.28
N THR C 29 16.16 -21.56 -7.03
CA THR C 29 15.70 -22.52 -5.98
C THR C 29 15.08 -21.72 -4.84
N VAL C 30 14.13 -22.30 -4.15
CA VAL C 30 13.47 -21.58 -3.02
C VAL C 30 13.99 -22.12 -1.69
N THR C 31 14.35 -21.25 -0.78
CA THR C 31 14.88 -21.71 0.54
C THR C 31 14.01 -21.18 1.69
N ASP C 32 13.40 -20.04 1.53
CA ASP C 32 12.56 -19.49 2.63
C ASP C 32 11.48 -18.57 2.04
N LEU C 33 10.33 -18.46 2.68
CA LEU C 33 9.28 -17.59 2.10
C LEU C 33 8.12 -17.44 3.09
N LYS C 34 7.37 -16.36 3.03
CA LYS C 34 6.21 -16.18 3.95
C LYS C 34 5.05 -15.57 3.16
N ILE C 35 3.94 -16.25 3.06
CA ILE C 35 2.80 -15.69 2.28
C ILE C 35 1.48 -16.01 2.99
N MET C 36 0.52 -15.15 2.84
CA MET C 36 -0.82 -15.38 3.47
C MET C 36 -1.88 -15.39 2.36
N LYS C 37 -3.11 -15.68 2.67
CA LYS C 37 -4.15 -15.69 1.60
C LYS C 37 -5.53 -15.88 2.24
N ASP C 38 -6.52 -15.19 1.76
CA ASP C 38 -7.87 -15.33 2.35
C ASP C 38 -8.50 -16.66 1.90
N PRO C 39 -9.25 -17.30 2.77
CA PRO C 39 -9.93 -18.59 2.43
C PRO C 39 -11.15 -18.34 1.55
N ALA C 40 -11.90 -17.30 1.86
CA ALA C 40 -13.11 -16.99 1.04
C ALA C 40 -13.82 -15.76 1.63
N THR C 41 -13.89 -15.65 2.93
CA THR C 41 -14.55 -14.47 3.55
C THR C 41 -13.58 -13.77 4.50
N GLY C 42 -12.35 -14.20 4.53
CA GLY C 42 -11.35 -13.56 5.44
C GLY C 42 -10.40 -12.70 4.61
N ARG C 43 -10.92 -11.96 3.67
CA ARG C 43 -10.04 -11.09 2.83
C ARG C 43 -8.99 -10.43 3.71
N SER C 44 -7.75 -10.44 3.28
CA SER C 44 -6.67 -9.80 4.09
C SER C 44 -5.52 -9.40 3.16
N ARG C 45 -4.61 -8.61 3.66
CA ARG C 45 -3.46 -8.16 2.82
C ARG C 45 -2.66 -9.37 2.35
N GLY C 46 -2.96 -9.91 1.20
CA GLY C 46 -2.22 -11.09 0.69
C GLY C 46 -0.93 -10.63 0.02
N PHE C 47 0.16 -10.59 0.75
CA PHE C 47 1.45 -10.18 0.15
C PHE C 47 2.32 -11.43 0.09
N GLY C 48 3.27 -11.49 -0.82
CA GLY C 48 4.11 -12.72 -0.89
C GLY C 48 5.55 -12.39 -0.54
N PHE C 49 6.18 -13.17 0.29
CA PHE C 49 7.61 -12.93 0.59
C PHE C 49 8.38 -14.13 0.04
N LEU C 50 8.83 -14.05 -1.18
CA LEU C 50 9.53 -15.22 -1.78
C LEU C 50 11.04 -15.01 -1.71
N SER C 51 11.71 -15.80 -0.91
CA SER C 51 13.19 -15.68 -0.80
C SER C 51 13.83 -16.85 -1.51
N PHE C 52 14.85 -16.63 -2.30
CA PHE C 52 15.51 -17.76 -2.99
C PHE C 52 16.82 -18.06 -2.28
N GLU C 53 17.95 -18.00 -2.94
CA GLU C 53 19.24 -18.25 -2.23
C GLU C 53 20.31 -17.27 -2.77
N LYS C 54 20.02 -16.63 -3.87
CA LYS C 54 20.95 -15.62 -4.47
C LYS C 54 20.11 -14.38 -4.75
N PRO C 55 20.69 -13.26 -5.09
CA PRO C 55 19.94 -12.01 -5.35
C PRO C 55 19.67 -11.78 -6.84
N SER C 56 20.32 -12.53 -7.71
CA SER C 56 20.09 -12.34 -9.17
C SER C 56 18.67 -12.79 -9.52
N SER C 57 18.36 -14.04 -9.30
CA SER C 57 17.01 -14.56 -9.63
C SER C 57 15.94 -13.54 -9.24
N VAL C 58 16.28 -12.64 -8.34
CA VAL C 58 15.28 -11.60 -7.95
C VAL C 58 15.16 -10.58 -9.09
N ASP C 59 16.24 -10.30 -9.76
CA ASP C 59 16.20 -9.31 -10.88
C ASP C 59 15.29 -9.82 -12.01
N GLU C 60 15.48 -11.04 -12.44
CA GLU C 60 14.61 -11.57 -13.54
C GLU C 60 13.19 -11.75 -13.00
N VAL C 61 13.08 -12.26 -11.82
CA VAL C 61 11.74 -12.48 -11.22
C VAL C 61 10.94 -11.17 -11.29
N VAL C 62 11.53 -10.08 -10.91
CA VAL C 62 10.81 -8.78 -10.94
C VAL C 62 10.74 -8.25 -12.37
N LYS C 63 11.78 -8.45 -13.14
CA LYS C 63 11.78 -7.94 -14.54
C LYS C 63 10.94 -8.86 -15.42
N THR C 64 10.23 -9.79 -14.84
CA THR C 64 9.39 -10.70 -15.64
C THR C 64 7.98 -10.72 -15.03
N GLN C 65 6.97 -10.79 -15.86
CA GLN C 65 5.57 -10.81 -15.33
C GLN C 65 5.01 -12.23 -15.46
N HIS C 66 4.34 -12.71 -14.44
CA HIS C 66 3.77 -14.08 -14.50
C HIS C 66 2.31 -14.05 -14.06
N ILE C 67 1.51 -14.98 -14.54
CA ILE C 67 0.08 -15.02 -14.14
C ILE C 67 -0.20 -16.33 -13.40
N LEU C 68 0.02 -16.34 -12.11
CA LEU C 68 -0.23 -17.59 -11.31
C LEU C 68 -1.69 -18.03 -11.46
N ASP C 69 -2.63 -17.27 -10.98
CA ASP C 69 -4.06 -17.70 -11.12
C ASP C 69 -4.67 -17.02 -12.35
N GLY C 70 -3.87 -16.37 -13.13
CA GLY C 70 -4.38 -15.66 -14.33
C GLY C 70 -4.94 -14.32 -13.88
N LYS C 71 -4.60 -13.92 -12.69
CA LYS C 71 -5.07 -12.61 -12.16
C LYS C 71 -3.98 -11.57 -12.41
N VAL C 72 -3.92 -10.53 -11.63
CA VAL C 72 -2.86 -9.51 -11.84
C VAL C 72 -1.91 -9.48 -10.63
N ILE C 73 -0.79 -10.17 -10.73
CA ILE C 73 0.18 -10.17 -9.59
C ILE C 73 1.39 -9.30 -9.98
N ASP C 74 1.86 -8.49 -9.08
CA ASP C 74 3.01 -7.60 -9.38
C ASP C 74 4.23 -8.03 -8.54
N PRO C 75 5.24 -8.62 -9.16
CA PRO C 75 6.44 -9.07 -8.42
C PRO C 75 7.43 -7.92 -8.18
N LYS C 76 8.00 -7.83 -7.01
CA LYS C 76 8.96 -6.72 -6.73
C LYS C 76 10.04 -7.23 -5.78
N ARG C 77 11.18 -6.57 -5.74
CA ARG C 77 12.26 -7.02 -4.83
C ARG C 77 12.06 -6.36 -3.46
N ALA C 78 12.52 -6.99 -2.41
CA ALA C 78 12.34 -6.38 -1.06
C ALA C 78 12.81 -4.92 -1.12
N ILE C 79 11.89 -4.01 -1.22
CA ILE C 79 12.28 -2.57 -1.31
C ILE C 79 12.31 -1.96 0.11
N PRO C 80 13.39 -1.32 0.51
CA PRO C 80 13.50 -0.71 1.85
C PRO C 80 12.26 0.11 2.23
N ARG C 81 11.95 0.17 3.50
CA ARG C 81 10.76 0.93 3.96
C ARG C 81 10.85 2.39 3.50
N ASP C 82 11.99 3.01 3.67
CA ASP C 82 12.14 4.42 3.25
C ASP C 82 11.86 4.51 1.75
N GLU C 83 12.36 3.58 1.00
CA GLU C 83 12.11 3.58 -0.47
C GLU C 83 10.63 3.36 -0.74
N GLN C 84 10.00 2.53 0.04
CA GLN C 84 8.54 2.27 -0.18
C GLN C 84 7.76 3.58 -0.03
N ASP C 85 8.06 4.34 0.98
CA ASP C 85 7.32 5.63 1.19
C ASP C 85 7.78 6.67 0.15
N LYS C 86 9.05 6.72 -0.12
CA LYS C 86 9.59 7.72 -1.09
C LYS C 86 9.23 7.37 -2.54
N THR C 87 8.76 6.18 -2.79
CA THR C 87 8.41 5.83 -4.21
C THR C 87 7.57 6.93 -4.84
N GLY C 88 6.32 7.06 -4.46
CA GLY C 88 5.47 8.13 -5.06
C GLY C 88 4.46 7.48 -6.00
N LYS C 89 3.20 7.44 -5.65
CA LYS C 89 2.20 6.80 -6.56
C LYS C 89 0.89 7.60 -6.58
N ILE C 90 0.34 7.82 -7.75
CA ILE C 90 -0.93 8.60 -7.85
C ILE C 90 -1.97 7.81 -8.63
N PHE C 91 -3.22 8.13 -8.46
CA PHE C 91 -4.30 7.41 -9.18
C PHE C 91 -4.87 8.32 -10.29
N VAL C 92 -5.00 7.79 -11.48
CA VAL C 92 -5.51 8.59 -12.63
C VAL C 92 -7.03 8.40 -12.76
N GLY C 93 -7.75 9.48 -12.89
CA GLY C 93 -9.23 9.41 -13.01
C GLY C 93 -9.70 9.82 -14.41
N GLY C 94 -10.79 9.26 -14.88
CA GLY C 94 -11.33 9.65 -16.21
C GLY C 94 -10.42 9.15 -17.34
N ILE C 95 -10.43 7.86 -17.59
CA ILE C 95 -9.58 7.32 -18.70
C ILE C 95 -10.49 6.66 -19.74
N GLY C 96 -10.13 6.75 -20.99
CA GLY C 96 -10.97 6.13 -22.06
C GLY C 96 -11.46 4.74 -21.59
N PRO C 97 -12.74 4.47 -21.62
CA PRO C 97 -13.28 3.16 -21.19
C PRO C 97 -12.53 1.98 -21.83
N ASP C 98 -12.21 2.10 -23.09
CA ASP C 98 -11.48 1.00 -23.78
C ASP C 98 -9.98 1.29 -23.74
N VAL C 99 -9.58 2.31 -23.05
CA VAL C 99 -8.14 2.66 -22.99
C VAL C 99 -7.30 1.38 -22.82
N ARG C 100 -6.02 1.48 -23.05
CA ARG C 100 -5.14 0.29 -22.88
C ARG C 100 -3.86 0.71 -22.17
N PRO C 101 -3.20 -0.23 -21.53
CA PRO C 101 -1.94 0.05 -20.79
C PRO C 101 -0.80 0.47 -21.73
N LYS C 102 -0.84 0.02 -22.95
CA LYS C 102 0.24 0.41 -23.92
C LYS C 102 0.37 1.93 -23.90
N GLU C 103 -0.64 2.62 -24.33
CA GLU C 103 -0.57 4.10 -24.32
C GLU C 103 -0.36 4.54 -22.88
N PHE C 104 -1.42 4.63 -22.11
CA PHE C 104 -1.31 5.03 -20.67
C PHE C 104 0.15 4.99 -20.18
N GLU C 105 0.70 3.80 -20.03
CA GLU C 105 2.12 3.67 -19.56
C GLU C 105 3.04 4.49 -20.46
N GLU C 106 2.83 4.44 -21.74
CA GLU C 106 3.68 5.23 -22.67
C GLU C 106 3.37 6.72 -22.43
N PHE C 107 2.12 7.06 -22.36
CA PHE C 107 1.73 8.47 -22.14
C PHE C 107 2.49 9.06 -20.96
N PHE C 108 2.19 8.67 -19.76
CA PHE C 108 2.89 9.30 -18.59
C PHE C 108 4.41 9.23 -18.71
N SER C 109 4.94 8.08 -19.09
CA SER C 109 6.43 7.90 -19.19
C SER C 109 7.18 9.22 -19.41
N GLN C 110 6.63 10.14 -20.16
CA GLN C 110 7.32 11.45 -20.40
C GLN C 110 7.82 12.07 -19.09
N TRP C 111 7.10 13.01 -18.56
CA TRP C 111 7.54 13.67 -17.30
C TRP C 111 7.63 12.63 -16.17
N GLY C 112 8.54 12.84 -15.26
CA GLY C 112 8.70 11.88 -14.13
C GLY C 112 8.83 10.44 -14.66
N THR C 113 10.01 9.89 -14.64
CA THR C 113 10.19 8.50 -15.14
C THR C 113 9.14 7.61 -14.48
N ILE C 114 8.59 6.67 -15.19
CA ILE C 114 7.53 5.80 -14.58
C ILE C 114 8.13 4.50 -14.03
N ILE C 115 8.25 4.38 -12.74
CA ILE C 115 8.81 3.14 -12.15
C ILE C 115 7.80 2.00 -12.36
N ASP C 116 6.59 2.17 -11.89
CA ASP C 116 5.56 1.12 -12.06
C ASP C 116 4.22 1.78 -12.36
N ALA C 117 3.80 1.78 -13.60
CA ALA C 117 2.52 2.44 -13.97
C ALA C 117 1.69 1.49 -14.83
N GLN C 118 0.39 1.71 -14.86
CA GLN C 118 -0.48 0.84 -15.71
C GLN C 118 -1.96 1.06 -15.40
N LEU C 119 -2.77 0.44 -16.21
CA LEU C 119 -4.24 0.53 -16.03
C LEU C 119 -4.65 -0.70 -15.22
N MET C 120 -5.66 -0.62 -14.40
CA MET C 120 -6.03 -1.81 -13.58
C MET C 120 -7.16 -2.59 -14.22
N LEU C 121 -7.67 -3.56 -13.52
CA LEU C 121 -8.77 -4.38 -14.08
C LEU C 121 -9.08 -5.52 -13.11
N ASP C 122 -9.95 -5.27 -12.18
CA ASP C 122 -10.31 -6.35 -11.23
C ASP C 122 -11.38 -7.19 -11.89
N LYS C 123 -11.17 -7.55 -13.12
CA LYS C 123 -12.17 -8.36 -13.86
C LYS C 123 -12.75 -9.40 -12.91
N ASP C 124 -11.95 -9.89 -12.01
CA ASP C 124 -12.46 -10.91 -11.06
C ASP C 124 -13.64 -10.30 -10.29
N THR C 125 -13.55 -9.02 -9.99
CA THR C 125 -14.64 -8.34 -9.25
C THR C 125 -14.81 -6.93 -9.81
N GLY C 126 -13.99 -6.02 -9.40
CA GLY C 126 -14.11 -4.65 -9.94
C GLY C 126 -13.81 -4.69 -11.45
N GLN C 127 -13.59 -3.56 -12.04
CA GLN C 127 -13.29 -3.53 -13.50
C GLN C 127 -12.76 -2.16 -13.89
N SER C 128 -12.07 -2.09 -14.99
CA SER C 128 -11.51 -0.80 -15.46
C SER C 128 -12.65 0.19 -15.72
N ARG C 129 -13.32 0.61 -14.69
CA ARG C 129 -14.43 1.58 -14.89
C ARG C 129 -13.91 2.73 -15.75
N GLY C 130 -12.63 2.94 -15.71
CA GLY C 130 -12.01 4.04 -16.51
C GLY C 130 -10.89 4.71 -15.68
N PHE C 131 -10.34 4.01 -14.72
CA PHE C 131 -9.29 4.61 -13.87
C PHE C 131 -7.93 3.95 -14.14
N GLY C 132 -6.89 4.47 -13.56
CA GLY C 132 -5.53 3.91 -13.80
C GLY C 132 -4.57 4.36 -12.69
N PHE C 133 -3.33 3.96 -12.71
CA PHE C 133 -2.40 4.39 -11.62
C PHE C 133 -1.02 4.65 -12.21
N VAL C 134 -0.18 5.41 -11.55
CA VAL C 134 1.19 5.67 -12.08
C VAL C 134 2.16 5.69 -10.89
N THR C 135 3.37 5.19 -11.06
CA THR C 135 4.34 5.21 -9.93
C THR C 135 5.68 5.78 -10.40
N TYR C 136 6.20 6.75 -9.71
CA TYR C 136 7.50 7.36 -10.12
C TYR C 136 8.56 7.05 -9.05
N ASP C 137 9.79 6.82 -9.43
CA ASP C 137 10.83 6.55 -8.39
C ASP C 137 10.95 7.80 -7.53
N SER C 138 11.06 8.94 -8.15
CA SER C 138 11.16 10.21 -7.38
C SER C 138 9.79 10.56 -6.81
N ALA C 139 9.71 10.91 -5.57
CA ALA C 139 8.39 11.29 -5.02
C ALA C 139 8.11 12.69 -5.54
N ASP C 140 9.17 13.45 -5.69
CA ASP C 140 9.04 14.83 -6.22
C ASP C 140 8.22 14.79 -7.51
N ALA C 141 8.42 13.78 -8.32
CA ALA C 141 7.65 13.71 -9.59
C ALA C 141 6.16 13.70 -9.25
N VAL C 142 5.77 12.91 -8.29
CA VAL C 142 4.33 12.91 -7.91
C VAL C 142 3.96 14.35 -7.54
N ASP C 143 4.66 14.92 -6.60
CA ASP C 143 4.39 16.32 -6.18
C ASP C 143 4.43 17.24 -7.41
N ARG C 144 5.09 16.82 -8.46
CA ARG C 144 5.16 17.68 -9.68
C ARG C 144 3.83 17.64 -10.42
N VAL C 145 3.41 16.48 -10.86
CA VAL C 145 2.11 16.38 -11.58
C VAL C 145 0.96 16.74 -10.63
N CYS C 146 1.14 16.52 -9.36
CA CYS C 146 0.07 16.85 -8.39
C CYS C 146 -0.54 18.21 -8.74
N GLN C 147 0.27 19.24 -8.79
CA GLN C 147 -0.26 20.58 -9.14
C GLN C 147 -1.07 20.48 -10.44
N ASN C 148 -0.77 19.49 -11.23
CA ASN C 148 -1.53 19.29 -12.50
C ASN C 148 -2.57 18.20 -12.28
N LYS C 149 -3.77 18.55 -11.89
CA LYS C 149 -4.80 17.49 -11.67
C LYS C 149 -5.32 17.01 -13.03
N PHE C 150 -6.28 17.68 -13.61
CA PHE C 150 -6.83 17.23 -14.92
C PHE C 150 -5.75 17.35 -16.01
N ILE C 151 -5.47 16.28 -16.70
CA ILE C 151 -4.45 16.33 -17.80
C ILE C 151 -5.09 15.82 -19.11
N ASP C 152 -4.79 16.44 -20.21
CA ASP C 152 -5.38 16.00 -21.51
C ASP C 152 -4.88 14.59 -21.85
N PHE C 153 -5.77 13.70 -22.18
CA PHE C 153 -5.34 12.30 -22.51
C PHE C 153 -6.10 11.78 -23.74
N LYS C 154 -5.69 10.64 -24.23
CA LYS C 154 -6.34 10.03 -25.42
C LYS C 154 -7.83 10.36 -25.47
N ASP C 155 -8.61 9.77 -24.60
CA ASP C 155 -10.08 10.05 -24.62
C ASP C 155 -10.35 11.52 -24.28
N ARG C 156 -10.15 11.89 -23.05
CA ARG C 156 -10.39 13.31 -22.65
C ARG C 156 -9.51 13.63 -21.44
N LYS C 157 -9.78 14.73 -20.77
CA LYS C 157 -8.96 15.09 -19.59
C LYS C 157 -9.00 13.94 -18.57
N ILE C 158 -8.04 13.88 -17.70
CA ILE C 158 -8.01 12.79 -16.69
C ILE C 158 -7.73 13.42 -15.32
N GLU C 159 -8.62 13.22 -14.38
CA GLU C 159 -8.43 13.82 -13.04
C GLU C 159 -7.36 13.05 -12.27
N ILE C 160 -6.20 13.61 -12.11
CA ILE C 160 -5.12 12.90 -11.36
C ILE C 160 -5.38 13.06 -9.85
N LYS C 161 -4.92 12.15 -9.04
CA LYS C 161 -5.10 12.32 -7.56
C LYS C 161 -4.05 11.50 -6.83
N ARG C 162 -3.74 11.84 -5.61
CA ARG C 162 -2.72 11.04 -4.87
C ARG C 162 -3.26 9.64 -4.60
N ALA C 163 -2.43 8.63 -4.65
CA ALA C 163 -2.93 7.25 -4.39
C ALA C 163 -2.94 6.96 -2.89
N GLU C 164 -3.42 7.90 -2.11
CA GLU C 164 -3.46 7.68 -0.63
C GLU C 164 -4.88 7.94 -0.11
N PRO C 165 -5.84 7.26 -0.67
CA PRO C 165 -7.28 7.40 -0.25
C PRO C 165 -7.55 6.79 1.13
N ARG C 166 -7.37 5.50 1.26
CA ARG C 166 -7.63 4.85 2.57
C ARG C 166 -6.29 4.50 3.24
N HIS C 167 -5.20 4.84 2.60
CA HIS C 167 -3.87 4.52 3.19
C HIS C 167 -2.99 5.78 3.17
N ASN B 1 8.70 10.10 7.10
CA ASN B 1 7.67 9.52 8.00
C ASN B 1 8.31 8.44 8.89
N PRO B 2 8.97 8.86 9.93
CA PRO B 2 9.66 7.93 10.88
C PRO B 2 8.67 6.93 11.51
N PRO B 3 9.11 6.16 12.47
CA PRO B 3 8.28 5.16 13.15
C PRO B 3 7.55 5.74 14.36
N SER B 4 7.36 7.03 14.39
CA SER B 4 6.66 7.65 15.55
C SER B 4 5.97 8.95 15.11
N ARG B 5 4.68 9.00 15.29
CA ARG B 5 3.91 10.22 14.90
C ARG B 5 2.43 10.01 15.24
N VAL B 6 1.89 8.87 14.88
CA VAL B 6 0.45 8.62 15.19
C VAL B 6 0.28 7.19 15.67
N VAL B 7 -0.79 6.91 16.37
CA VAL B 7 -1.01 5.51 16.86
C VAL B 7 -2.35 5.01 16.29
N TYR B 8 -2.39 3.75 15.92
CA TYR B 8 -3.64 3.18 15.34
C TYR B 8 -4.33 2.30 16.37
N LEU B 9 -5.63 2.33 16.42
CA LEU B 9 -6.36 1.49 17.41
C LEU B 9 -7.47 0.68 16.71
N GLY B 10 -7.39 -0.62 16.74
CA GLY B 10 -8.46 -1.44 16.09
C GLY B 10 -8.89 -2.58 17.03
N SER B 11 -8.07 -2.98 17.94
CA SER B 11 -8.47 -4.08 18.86
C SER B 11 -9.12 -3.47 20.11
N ILE B 12 -10.31 -2.95 19.99
CA ILE B 12 -10.98 -2.33 21.16
C ILE B 12 -12.48 -2.56 21.08
N PRO B 13 -13.09 -3.12 22.09
CA PRO B 13 -14.57 -3.31 22.09
C PRO B 13 -15.26 -1.97 22.32
N TYR B 14 -16.52 -1.88 22.02
CA TYR B 14 -17.24 -0.59 22.23
C TYR B 14 -17.10 -0.13 23.68
N ASP B 15 -16.35 -0.84 24.48
CA ASP B 15 -16.18 -0.42 25.89
C ASP B 15 -15.41 0.90 25.96
N GLN B 16 -14.35 1.01 25.19
CA GLN B 16 -13.54 2.28 25.22
C GLN B 16 -13.66 3.01 23.88
N THR B 17 -14.38 4.09 23.85
CA THR B 17 -14.57 4.84 22.57
C THR B 17 -13.68 6.09 22.51
N GLU B 18 -14.09 7.08 21.77
CA GLU B 18 -13.29 8.34 21.63
C GLU B 18 -13.07 8.97 23.01
N GLU B 19 -13.92 8.67 23.94
CA GLU B 19 -13.77 9.24 25.31
C GLU B 19 -12.55 8.64 26.00
N GLN B 20 -12.49 7.34 26.08
CA GLN B 20 -11.34 6.68 26.76
C GLN B 20 -10.04 6.91 25.98
N ILE B 21 -10.08 6.89 24.68
CA ILE B 21 -8.82 7.16 23.95
C ILE B 21 -8.40 8.55 24.37
N LEU B 22 -9.31 9.49 24.25
CA LEU B 22 -9.02 10.88 24.66
C LEU B 22 -8.60 10.88 26.13
N ASP B 23 -9.21 10.06 26.93
CA ASP B 23 -8.85 10.02 28.38
C ASP B 23 -7.35 9.76 28.52
N LEU B 24 -6.99 8.51 28.29
CA LEU B 24 -5.58 8.05 28.41
C LEU B 24 -4.66 8.95 27.59
N CYS B 25 -4.99 9.22 26.36
CA CYS B 25 -4.12 10.07 25.54
C CYS B 25 -3.99 11.45 26.19
N SER B 26 -5.07 12.19 26.21
CA SER B 26 -5.06 13.57 26.80
C SER B 26 -4.05 13.65 27.95
N ASN B 27 -3.88 12.59 28.69
CA ASN B 27 -2.90 12.63 29.83
C ASN B 27 -1.48 12.77 29.27
N VAL B 28 -1.39 12.93 27.99
CA VAL B 28 -0.06 13.12 27.35
C VAL B 28 0.05 14.55 26.83
N GLY B 29 -0.88 14.96 26.03
CA GLY B 29 -0.85 16.34 25.48
C GLY B 29 -1.97 16.53 24.46
N PRO B 30 -2.43 17.74 24.27
CA PRO B 30 -3.51 18.04 23.29
C PRO B 30 -3.30 17.32 21.96
N VAL B 31 -3.66 16.07 21.89
CA VAL B 31 -3.47 15.30 20.62
C VAL B 31 -3.81 16.19 19.42
N ILE B 32 -3.30 15.87 18.27
CA ILE B 32 -3.60 16.70 17.07
C ILE B 32 -4.87 16.20 16.40
N ASN B 33 -4.86 14.97 15.97
CA ASN B 33 -6.06 14.43 15.25
C ASN B 33 -6.63 13.23 15.98
N LEU B 34 -7.91 13.25 16.29
CA LEU B 34 -8.53 12.07 16.95
C LEU B 34 -9.72 11.65 16.11
N LYS B 35 -9.79 10.41 15.70
CA LYS B 35 -10.97 9.99 14.90
C LYS B 35 -11.42 8.59 15.32
N MET B 36 -12.63 8.48 15.81
CA MET B 36 -13.15 7.15 16.25
C MET B 36 -14.29 6.72 15.33
N MET B 37 -14.39 5.43 15.07
CA MET B 37 -15.49 4.94 14.18
C MET B 37 -15.67 3.43 14.38
N PHE B 38 -16.83 2.92 14.07
CA PHE B 38 -17.09 1.47 14.20
C PHE B 38 -17.69 0.98 12.89
N ASP B 39 -17.44 -0.25 12.51
CA ASP B 39 -17.98 -0.77 11.23
C ASP B 39 -19.44 -0.34 11.02
N PRO B 40 -19.67 0.71 10.25
CA PRO B 40 -21.04 1.19 9.95
C PRO B 40 -21.58 0.57 8.65
N GLN B 41 -20.71 0.03 7.84
CA GLN B 41 -21.15 -0.58 6.56
C GLN B 41 -21.55 -2.05 6.74
N THR B 42 -20.61 -2.90 7.07
CA THR B 42 -20.93 -4.35 7.23
C THR B 42 -21.06 -4.74 8.69
N GLY B 43 -20.29 -4.15 9.57
CA GLY B 43 -20.38 -4.53 11.01
C GLY B 43 -19.14 -5.33 11.43
N ARG B 44 -18.02 -5.09 10.82
CA ARG B 44 -16.78 -5.85 11.18
C ARG B 44 -15.96 -5.09 12.23
N SER B 45 -15.35 -4.00 11.84
CA SER B 45 -14.54 -3.20 12.81
C SER B 45 -15.30 -3.07 14.13
N LYS B 46 -14.72 -3.51 15.21
CA LYS B 46 -15.41 -3.40 16.52
C LYS B 46 -15.09 -2.04 17.14
N GLY B 47 -14.43 -1.21 16.40
CA GLY B 47 -14.07 0.15 16.93
C GLY B 47 -12.69 0.53 16.40
N TYR B 48 -12.65 1.15 15.26
CA TYR B 48 -11.34 1.55 14.64
C TYR B 48 -11.13 3.06 14.79
N ALA B 49 -9.96 3.49 15.22
CA ALA B 49 -9.73 4.95 15.41
C ALA B 49 -8.26 5.35 15.18
N PHE B 50 -8.02 6.55 14.65
CA PHE B 50 -6.61 7.03 14.46
C PHE B 50 -6.34 8.24 15.36
N ILE B 51 -5.26 8.21 16.10
CA ILE B 51 -4.94 9.36 16.99
C ILE B 51 -3.57 9.94 16.65
N GLU B 52 -3.49 11.05 15.95
CA GLU B 52 -2.15 11.60 15.60
C GLU B 52 -1.70 12.62 16.65
N PHE B 53 -0.45 12.55 17.04
CA PHE B 53 0.08 13.48 18.07
C PHE B 53 0.83 14.66 17.43
N ARG B 54 1.27 15.58 18.24
CA ARG B 54 1.99 16.78 17.74
C ARG B 54 3.08 16.41 16.74
N ASP B 55 3.82 15.37 17.01
CA ASP B 55 4.91 14.93 16.10
C ASP B 55 5.92 14.13 16.91
N LEU B 56 6.99 13.73 16.30
CA LEU B 56 8.02 12.91 17.04
C LEU B 56 8.16 13.40 18.48
N GLU B 57 7.81 14.62 18.76
CA GLU B 57 7.93 15.12 20.17
C GLU B 57 6.88 14.44 21.06
N SER B 58 5.65 14.88 20.93
CA SER B 58 4.57 14.27 21.75
C SER B 58 4.46 12.82 21.33
N SER B 59 4.55 12.55 20.07
CA SER B 59 4.45 11.14 19.58
C SER B 59 5.56 10.33 20.25
N ALA B 60 6.70 10.92 20.48
CA ALA B 60 7.78 10.16 21.16
C ALA B 60 7.35 9.84 22.59
N SER B 61 7.10 10.84 23.38
CA SER B 61 6.71 10.59 24.80
C SER B 61 5.41 9.76 24.89
N ALA B 62 4.46 10.10 24.07
CA ALA B 62 3.16 9.39 24.07
C ALA B 62 3.26 8.03 23.39
N VAL B 63 3.51 8.01 22.13
CA VAL B 63 3.53 6.71 21.43
C VAL B 63 4.49 5.76 22.18
N ARG B 64 5.59 6.25 22.68
CA ARG B 64 6.50 5.34 23.42
C ARG B 64 5.80 4.91 24.72
N ASN B 65 5.24 5.85 25.45
CA ASN B 65 4.53 5.47 26.70
C ASN B 65 3.28 4.68 26.35
N LEU B 66 2.55 5.11 25.34
CA LEU B 66 1.30 4.37 24.95
C LEU B 66 1.54 3.59 23.66
N ASN B 67 2.74 3.17 23.39
CA ASN B 67 3.00 2.41 22.13
C ASN B 67 2.18 1.13 22.15
N GLY B 68 2.64 0.13 22.86
CA GLY B 68 1.88 -1.15 22.91
C GLY B 68 1.68 -1.55 24.37
N TYR B 69 0.49 -1.45 24.92
CA TYR B 69 0.30 -1.81 26.34
C TYR B 69 -0.95 -2.69 26.52
N GLN B 70 -0.94 -3.57 27.47
CA GLN B 70 -2.15 -4.44 27.66
C GLN B 70 -3.40 -3.56 27.59
N LEU B 71 -3.95 -3.42 26.42
CA LEU B 71 -5.16 -2.57 26.25
C LEU B 71 -5.93 -3.10 25.04
N GLY B 72 -7.03 -3.78 25.26
CA GLY B 72 -7.80 -4.33 24.12
C GLY B 72 -7.26 -5.73 23.78
N SER B 73 -7.76 -6.35 22.75
CA SER B 73 -7.27 -7.70 22.37
C SER B 73 -5.81 -7.63 21.91
N ARG B 74 -5.43 -6.50 21.39
CA ARG B 74 -4.05 -6.30 20.90
C ARG B 74 -3.57 -4.93 21.39
N PHE B 75 -2.30 -4.70 21.36
CA PHE B 75 -1.79 -3.40 21.84
C PHE B 75 -1.70 -2.41 20.66
N LEU B 76 -2.16 -1.22 20.86
CA LEU B 76 -2.14 -0.21 19.76
C LEU B 76 -0.82 -0.33 18.98
N LYS B 77 -0.83 0.05 17.73
CA LYS B 77 0.41 -0.05 16.92
C LYS B 77 0.95 1.36 16.65
N CYS B 78 2.26 1.50 16.58
CA CYS B 78 2.85 2.85 16.33
C CYS B 78 3.03 3.06 14.83
N GLY B 79 2.49 4.12 14.29
CA GLY B 79 2.64 4.37 12.83
C GLY B 79 2.93 5.85 12.57
N TYR B 80 2.99 6.24 11.32
CA TYR B 80 3.29 7.66 10.99
C TYR B 80 2.15 8.28 10.17
N SER B 81 1.07 7.56 9.99
CA SER B 81 -0.06 8.11 9.18
C SER B 81 -0.26 9.60 9.50
N SER B 82 -0.23 10.43 8.49
CA SER B 82 -0.42 11.89 8.72
C SER B 82 -0.48 12.61 7.37
N ASN B 83 -1.60 12.56 6.72
CA ASN B 83 -1.74 13.24 5.40
C ASN B 83 -2.59 14.50 5.56
N SER B 84 -2.06 15.64 5.20
CA SER B 84 -2.84 16.90 5.34
C SER B 84 -3.99 16.89 4.33
N LYS C 1 26.58 -6.18 -1.63
CA LYS C 1 26.17 -7.33 -0.78
C LYS C 1 25.27 -8.27 -1.59
N GLU C 2 24.81 -9.34 -0.99
CA GLU C 2 23.93 -10.28 -1.74
C GLU C 2 22.47 -10.01 -1.35
N SER C 3 21.63 -9.78 -2.34
CA SER C 3 20.19 -9.53 -2.03
C SER C 3 19.32 -10.34 -2.99
N CYS C 4 18.15 -10.72 -2.55
CA CYS C 4 17.25 -11.51 -3.45
C CYS C 4 15.90 -11.73 -2.75
N LYS C 5 15.41 -10.74 -2.06
CA LYS C 5 14.11 -10.90 -1.36
C LYS C 5 13.00 -10.26 -2.19
N MET C 6 12.21 -11.05 -2.87
CA MET C 6 11.13 -10.44 -3.71
C MET C 6 9.86 -10.22 -2.89
N PHE C 7 9.29 -9.05 -3.02
CA PHE C 7 8.03 -8.72 -2.29
C PHE C 7 6.87 -8.76 -3.27
N ILE C 8 6.23 -9.88 -3.42
CA ILE C 8 5.10 -9.93 -4.38
C ILE C 8 4.05 -8.93 -3.90
N GLY C 9 3.63 -8.05 -4.77
CA GLY C 9 2.63 -7.02 -4.37
C GLY C 9 1.49 -7.01 -5.39
N GLY C 10 0.54 -6.12 -5.23
CA GLY C 10 -0.61 -6.06 -6.18
C GLY C 10 -1.08 -7.49 -6.48
N LEU C 11 -1.13 -8.33 -5.49
CA LEU C 11 -1.59 -9.73 -5.71
C LEU C 11 -3.11 -9.79 -5.68
N ASN C 12 -3.66 -10.91 -6.03
CA ASN C 12 -5.14 -11.05 -5.95
C ASN C 12 -5.45 -11.47 -4.52
N TRP C 13 -6.49 -10.96 -3.93
CA TRP C 13 -6.77 -11.34 -2.53
C TRP C 13 -6.71 -12.87 -2.38
N ASP C 14 -7.00 -13.60 -3.42
CA ASP C 14 -6.98 -15.09 -3.32
C ASP C 14 -5.58 -15.64 -3.66
N THR C 15 -4.82 -16.01 -2.67
CA THR C 15 -3.47 -16.59 -2.93
C THR C 15 -3.15 -17.63 -1.84
N THR C 16 -2.46 -18.68 -2.20
CA THR C 16 -2.09 -19.73 -1.20
C THR C 16 -0.56 -19.74 -1.01
N GLU C 17 -0.06 -20.50 -0.07
CA GLU C 17 1.41 -20.54 0.14
C GLU C 17 2.05 -21.54 -0.83
N ASP C 18 1.95 -22.81 -0.58
CA ASP C 18 2.57 -23.78 -1.52
C ASP C 18 2.16 -23.41 -2.94
N ASN C 19 0.88 -23.33 -3.19
CA ASN C 19 0.40 -22.97 -4.55
C ASN C 19 1.26 -21.83 -5.09
N LEU C 20 1.36 -20.76 -4.33
CA LEU C 20 2.19 -19.61 -4.79
C LEU C 20 3.62 -20.09 -5.03
N ARG C 21 4.10 -21.02 -4.24
CA ARG C 21 5.48 -21.53 -4.46
C ARG C 21 5.51 -22.36 -5.74
N GLU C 22 4.79 -23.45 -5.77
CA GLU C 22 4.78 -24.29 -6.99
C GLU C 22 4.64 -23.37 -8.19
N TYR C 23 4.05 -22.22 -7.99
CA TYR C 23 3.93 -21.26 -9.11
C TYR C 23 5.28 -20.58 -9.37
N PHE C 24 5.93 -20.12 -8.34
CA PHE C 24 7.25 -19.42 -8.52
C PHE C 24 8.44 -20.37 -8.33
N GLY C 25 8.21 -21.66 -8.36
CA GLY C 25 9.33 -22.62 -8.18
C GLY C 25 9.81 -23.07 -9.56
N LYS C 26 9.66 -22.24 -10.55
CA LYS C 26 10.12 -22.60 -11.92
C LYS C 26 11.37 -21.80 -12.22
N TYR C 27 11.90 -21.14 -11.25
CA TYR C 27 13.13 -20.32 -11.45
C TYR C 27 14.22 -20.82 -10.52
N GLY C 28 13.90 -21.77 -9.68
CA GLY C 28 14.91 -22.31 -8.74
C GLY C 28 14.22 -22.65 -7.42
N THR C 29 14.80 -22.27 -6.32
CA THR C 29 14.18 -22.57 -4.99
C THR C 29 14.06 -21.28 -4.19
N VAL C 30 13.03 -21.14 -3.42
CA VAL C 30 12.87 -19.91 -2.59
C VAL C 30 13.33 -20.23 -1.17
N THR C 31 14.11 -19.37 -0.58
CA THR C 31 14.62 -19.64 0.79
C THR C 31 13.55 -19.37 1.84
N ASP C 32 13.08 -18.15 1.95
CA ASP C 32 12.07 -17.84 3.00
C ASP C 32 10.76 -17.28 2.40
N LEU C 33 9.91 -18.17 1.98
CA LEU C 33 8.60 -17.75 1.39
C LEU C 33 7.62 -17.42 2.53
N LYS C 34 7.34 -16.16 2.75
CA LYS C 34 6.40 -15.78 3.87
C LYS C 34 5.19 -15.01 3.33
N ILE C 35 4.11 -15.71 3.09
CA ILE C 35 2.88 -15.04 2.58
C ILE C 35 1.84 -14.99 3.70
N MET C 36 1.09 -13.91 3.82
CA MET C 36 0.09 -13.82 4.93
C MET C 36 -1.30 -13.51 4.36
N LYS C 37 -1.98 -14.50 3.83
CA LYS C 37 -3.35 -14.24 3.27
C LYS C 37 -4.35 -14.20 4.42
N ASP C 38 -5.45 -13.49 4.25
CA ASP C 38 -6.47 -13.43 5.34
C ASP C 38 -6.82 -14.87 5.76
N PRO C 39 -6.51 -15.26 6.97
CA PRO C 39 -6.82 -16.63 7.46
C PRO C 39 -8.27 -17.05 7.19
N ALA C 40 -9.15 -16.11 6.99
CA ALA C 40 -10.57 -16.47 6.72
C ALA C 40 -10.75 -16.86 5.25
N THR C 41 -10.97 -15.92 4.38
CA THR C 41 -11.16 -16.25 2.93
C THR C 41 -9.94 -15.78 2.14
N GLY C 42 -9.29 -14.74 2.60
CA GLY C 42 -8.09 -14.22 1.87
C GLY C 42 -8.30 -12.75 1.50
N ARG C 43 -9.24 -12.09 2.13
CA ARG C 43 -9.47 -10.66 1.80
C ARG C 43 -8.62 -9.77 2.71
N SER C 44 -7.33 -9.95 2.69
CA SER C 44 -6.44 -9.13 3.55
C SER C 44 -5.15 -8.81 2.80
N ARG C 45 -4.34 -7.92 3.34
CA ARG C 45 -3.06 -7.56 2.65
C ARG C 45 -2.46 -8.80 1.99
N GLY C 46 -2.59 -8.93 0.70
CA GLY C 46 -2.04 -10.14 0.03
C GLY C 46 -0.64 -9.82 -0.51
N PHE C 47 0.37 -10.09 0.27
CA PHE C 47 1.76 -9.83 -0.19
C PHE C 47 2.56 -11.11 -0.04
N GLY C 48 3.62 -11.27 -0.80
CA GLY C 48 4.42 -12.52 -0.68
C GLY C 48 5.90 -12.23 -0.46
N PHE C 49 6.48 -12.72 0.60
CA PHE C 49 7.94 -12.48 0.82
C PHE C 49 8.71 -13.65 0.22
N LEU C 50 9.02 -13.61 -1.05
CA LEU C 50 9.75 -14.77 -1.64
C LEU C 50 11.26 -14.58 -1.47
N SER C 51 11.77 -14.98 -0.33
CA SER C 51 13.24 -14.84 -0.10
C SER C 51 13.97 -15.75 -1.08
N PHE C 52 14.23 -15.27 -2.28
CA PHE C 52 14.93 -16.12 -3.29
C PHE C 52 16.37 -16.39 -2.88
N GLU C 53 16.71 -17.64 -2.76
CA GLU C 53 18.10 -18.00 -2.37
C GLU C 53 19.07 -17.70 -3.50
N LYS C 54 18.78 -18.16 -4.70
CA LYS C 54 19.71 -17.92 -5.85
C LYS C 54 19.47 -16.52 -6.47
N PRO C 55 20.43 -15.63 -6.40
CA PRO C 55 20.30 -14.26 -7.00
C PRO C 55 19.82 -14.30 -8.45
N SER C 56 20.26 -15.25 -9.23
CA SER C 56 19.82 -15.32 -10.66
C SER C 56 18.31 -15.59 -10.73
N SER C 57 17.85 -16.58 -10.02
CA SER C 57 16.40 -16.91 -10.06
C SER C 57 15.58 -15.61 -9.97
N VAL C 58 16.08 -14.64 -9.27
CA VAL C 58 15.34 -13.35 -9.17
C VAL C 58 15.33 -12.68 -10.55
N ASP C 59 16.43 -12.73 -11.24
CA ASP C 59 16.51 -12.07 -12.58
C ASP C 59 15.46 -12.66 -13.54
N GLU C 60 15.40 -13.95 -13.66
CA GLU C 60 14.39 -14.55 -14.59
C GLU C 60 12.99 -14.31 -14.03
N VAL C 61 12.85 -14.33 -12.73
CA VAL C 61 11.51 -14.09 -12.12
C VAL C 61 10.99 -12.73 -12.57
N VAL C 62 11.80 -11.70 -12.48
CA VAL C 62 11.35 -10.35 -12.91
C VAL C 62 11.24 -10.29 -14.44
N LYS C 63 12.04 -11.05 -15.15
CA LYS C 63 11.96 -11.02 -16.64
C LYS C 63 10.96 -12.06 -17.12
N THR C 64 10.05 -12.47 -16.27
CA THR C 64 9.03 -13.47 -16.69
C THR C 64 7.65 -12.95 -16.29
N GLN C 65 6.63 -13.30 -17.03
CA GLN C 65 5.27 -12.81 -16.70
C GLN C 65 4.72 -13.58 -15.49
N HIS C 66 3.52 -13.30 -15.10
CA HIS C 66 2.93 -14.02 -13.93
C HIS C 66 1.40 -13.94 -13.98
N ILE C 67 0.73 -15.05 -13.84
CA ILE C 67 -0.75 -15.07 -13.86
C ILE C 67 -1.25 -16.26 -13.03
N LEU C 68 -1.29 -16.16 -11.73
CA LEU C 68 -1.77 -17.31 -10.91
C LEU C 68 -3.12 -17.79 -11.44
N ASP C 69 -4.16 -17.03 -11.22
CA ASP C 69 -5.50 -17.44 -11.72
C ASP C 69 -5.81 -16.66 -12.99
N GLY C 70 -5.77 -15.35 -12.90
CA GLY C 70 -6.05 -14.52 -14.11
C GLY C 70 -6.42 -13.10 -13.68
N LYS C 71 -5.89 -12.64 -12.58
CA LYS C 71 -6.21 -11.26 -12.14
C LYS C 71 -5.13 -10.31 -12.67
N VAL C 72 -3.97 -10.31 -12.05
CA VAL C 72 -2.83 -9.45 -12.49
C VAL C 72 -1.92 -9.20 -11.28
N ILE C 73 -0.95 -10.05 -11.09
CA ILE C 73 -0.04 -9.89 -9.92
C ILE C 73 1.21 -9.10 -10.32
N ASP C 74 1.80 -8.42 -9.37
CA ASP C 74 3.02 -7.60 -9.69
C ASP C 74 4.20 -8.01 -8.81
N PRO C 75 5.06 -8.87 -9.31
CA PRO C 75 6.28 -9.31 -8.59
C PRO C 75 7.41 -8.30 -8.71
N LYS C 76 7.91 -7.78 -7.62
CA LYS C 76 9.02 -6.80 -7.70
C LYS C 76 10.01 -7.01 -6.54
N ARG C 77 11.27 -6.73 -6.76
CA ARG C 77 12.28 -6.92 -5.69
C ARG C 77 11.81 -6.23 -4.40
N ALA C 78 12.33 -6.62 -3.28
CA ALA C 78 11.91 -5.99 -2.00
C ALA C 78 12.15 -4.48 -2.05
N ILE C 79 11.27 -3.73 -1.44
CA ILE C 79 11.43 -2.25 -1.44
C ILE C 79 11.24 -1.71 -0.02
N PRO C 80 12.29 -1.59 0.75
CA PRO C 80 12.21 -1.08 2.14
C PRO C 80 11.28 0.14 2.25
N ARG C 81 10.83 0.45 3.44
CA ARG C 81 9.90 1.61 3.59
C ARG C 81 10.45 2.86 2.92
N ASP C 82 11.68 3.22 3.17
CA ASP C 82 12.24 4.45 2.55
C ASP C 82 12.18 4.33 1.03
N GLU C 83 12.55 3.19 0.50
CA GLU C 83 12.52 3.02 -0.98
C GLU C 83 11.07 3.02 -1.48
N GLN C 84 10.17 2.45 -0.74
CA GLN C 84 8.74 2.42 -1.18
C GLN C 84 8.25 3.87 -1.31
N ASP C 85 8.60 4.72 -0.38
CA ASP C 85 8.16 6.14 -0.44
C ASP C 85 9.11 6.93 -1.35
N LYS C 86 10.32 6.47 -1.50
CA LYS C 86 11.32 7.17 -2.35
C LYS C 86 10.72 7.45 -3.74
N THR C 87 9.64 6.80 -4.09
CA THR C 87 9.04 7.06 -5.43
C THR C 87 7.75 7.87 -5.25
N GLY C 88 7.30 8.53 -6.29
CA GLY C 88 6.05 9.35 -6.18
C GLY C 88 4.98 8.73 -7.09
N LYS C 89 3.72 8.94 -6.80
CA LYS C 89 2.67 8.36 -7.68
C LYS C 89 1.51 9.33 -7.88
N ILE C 90 0.90 9.29 -9.04
CA ILE C 90 -0.24 10.19 -9.32
C ILE C 90 -1.41 9.37 -9.85
N PHE C 91 -2.60 9.87 -9.65
CA PHE C 91 -3.83 9.18 -10.11
C PHE C 91 -4.34 9.84 -11.40
N VAL C 92 -4.58 9.07 -12.42
CA VAL C 92 -5.03 9.65 -13.70
C VAL C 92 -6.53 9.42 -13.88
N GLY C 93 -7.22 10.36 -14.46
CA GLY C 93 -8.68 10.22 -14.70
C GLY C 93 -8.95 10.35 -16.21
N GLY C 94 -10.00 9.77 -16.69
CA GLY C 94 -10.31 9.89 -18.15
C GLY C 94 -9.84 8.66 -18.93
N ILE C 95 -8.94 7.87 -18.37
CA ILE C 95 -8.46 6.66 -19.11
C ILE C 95 -8.96 5.41 -18.39
N GLY C 96 -9.42 4.44 -19.14
CA GLY C 96 -9.92 3.19 -18.52
C GLY C 96 -10.87 2.46 -19.49
N PRO C 97 -11.68 3.20 -20.23
CA PRO C 97 -12.65 2.62 -21.19
C PRO C 97 -11.97 1.67 -22.19
N ASP C 98 -12.17 1.87 -23.46
CA ASP C 98 -11.55 0.98 -24.47
C ASP C 98 -10.04 1.23 -24.50
N VAL C 99 -9.49 1.81 -23.47
CA VAL C 99 -8.02 2.06 -23.48
C VAL C 99 -7.30 0.89 -22.79
N ARG C 100 -6.21 0.46 -23.36
CA ARG C 100 -5.45 -0.67 -22.74
C ARG C 100 -4.22 -0.09 -22.04
N PRO C 101 -3.63 -0.86 -21.17
CA PRO C 101 -2.42 -0.43 -20.41
C PRO C 101 -1.24 -0.18 -21.35
N LYS C 102 -1.28 -0.76 -22.53
CA LYS C 102 -0.16 -0.55 -23.50
C LYS C 102 -0.07 0.93 -23.87
N GLU C 103 -1.13 1.48 -24.40
CA GLU C 103 -1.08 2.92 -24.79
C GLU C 103 -0.75 3.77 -23.57
N PHE C 104 -1.33 3.47 -22.45
CA PHE C 104 -1.05 4.27 -21.22
C PHE C 104 0.46 4.38 -20.98
N GLU C 105 1.10 3.25 -20.74
CA GLU C 105 2.56 3.25 -20.48
C GLU C 105 3.32 3.78 -21.70
N GLU C 106 2.95 3.37 -22.88
CA GLU C 106 3.66 3.87 -24.10
C GLU C 106 3.43 5.38 -24.22
N PHE C 107 2.43 5.87 -23.55
CA PHE C 107 2.16 7.32 -23.61
C PHE C 107 2.95 8.03 -22.52
N PHE C 108 2.50 7.97 -21.29
CA PHE C 108 3.24 8.67 -20.20
C PHE C 108 4.75 8.42 -20.38
N SER C 109 5.09 7.25 -20.80
CA SER C 109 6.53 6.88 -20.98
C SER C 109 7.38 8.11 -21.36
N GLN C 110 6.90 8.99 -22.20
CA GLN C 110 7.74 10.17 -22.58
C GLN C 110 8.08 11.03 -21.35
N TRP C 111 7.37 12.09 -21.10
CA TRP C 111 7.71 12.93 -19.91
C TRP C 111 7.60 12.09 -18.64
N GLY C 112 8.41 12.37 -17.65
CA GLY C 112 8.37 11.54 -16.40
C GLY C 112 8.63 10.10 -16.79
N THR C 113 9.88 9.71 -16.85
CA THR C 113 10.26 8.32 -17.29
C THR C 113 9.54 7.22 -16.49
N ILE C 114 8.27 7.35 -16.23
CA ILE C 114 7.48 6.32 -15.49
C ILE C 114 8.19 4.97 -15.32
N ILE C 115 8.57 4.64 -14.11
CA ILE C 115 9.23 3.33 -13.87
C ILE C 115 8.14 2.29 -13.62
N ASP C 116 7.06 2.70 -13.00
CA ASP C 116 5.94 1.76 -12.72
C ASP C 116 4.62 2.39 -13.21
N ALA C 117 4.17 2.00 -14.36
CA ALA C 117 2.91 2.57 -14.92
C ALA C 117 1.81 1.51 -14.86
N GLN C 118 0.64 1.86 -14.39
CA GLN C 118 -0.42 0.80 -14.32
C GLN C 118 -1.82 1.41 -14.21
N LEU C 119 -2.67 1.06 -15.14
CA LEU C 119 -4.07 1.54 -15.11
C LEU C 119 -4.94 0.43 -14.55
N MET C 120 -6.07 0.75 -13.98
CA MET C 120 -6.92 -0.34 -13.40
C MET C 120 -7.89 -0.84 -14.46
N LEU C 121 -8.44 -2.01 -14.25
CA LEU C 121 -9.39 -2.59 -15.25
C LEU C 121 -10.69 -2.97 -14.55
N ASP C 122 -11.50 -3.74 -15.21
CA ASP C 122 -12.78 -4.18 -14.60
C ASP C 122 -12.62 -5.57 -14.00
N LYS C 123 -11.53 -6.23 -14.28
CA LYS C 123 -11.32 -7.58 -13.71
C LYS C 123 -11.32 -7.46 -12.20
N ASP C 124 -10.48 -6.61 -11.67
CA ASP C 124 -10.44 -6.41 -10.19
C ASP C 124 -9.33 -5.41 -9.80
N THR C 125 -8.51 -4.97 -10.72
CA THR C 125 -7.44 -4.00 -10.35
C THR C 125 -8.10 -2.70 -9.91
N GLY C 126 -9.39 -2.64 -9.99
CA GLY C 126 -10.10 -1.40 -9.57
C GLY C 126 -11.44 -1.33 -10.31
N GLN C 127 -11.64 -0.31 -11.08
CA GLN C 127 -12.94 -0.18 -11.82
C GLN C 127 -12.70 0.50 -13.17
N SER C 128 -13.18 -0.09 -14.24
CA SER C 128 -12.99 0.54 -15.58
C SER C 128 -13.76 1.86 -15.64
N ARG C 129 -14.17 2.37 -14.51
CA ARG C 129 -14.94 3.65 -14.52
C ARG C 129 -14.19 4.68 -15.36
N GLY C 130 -12.88 4.71 -15.29
CA GLY C 130 -12.12 5.70 -16.10
C GLY C 130 -11.00 6.31 -15.26
N PHE C 131 -9.97 5.56 -14.95
CA PHE C 131 -8.85 6.14 -14.16
C PHE C 131 -7.67 5.15 -14.11
N GLY C 132 -6.61 5.53 -13.46
CA GLY C 132 -5.43 4.61 -13.38
C GLY C 132 -4.37 5.20 -12.45
N PHE C 133 -3.16 4.69 -12.44
CA PHE C 133 -2.12 5.23 -11.52
C PHE C 133 -0.75 5.20 -12.21
N VAL C 134 0.16 6.06 -11.82
CA VAL C 134 1.52 6.02 -12.44
C VAL C 134 2.55 6.30 -11.37
N THR C 135 3.78 5.80 -11.51
CA THR C 135 4.80 6.07 -10.46
C THR C 135 6.13 6.51 -11.10
N TYR C 136 6.64 7.63 -10.67
CA TYR C 136 7.96 8.10 -11.21
C TYR C 136 8.97 8.02 -10.06
N ASP C 137 10.20 7.69 -10.31
CA ASP C 137 11.17 7.62 -9.17
C ASP C 137 11.22 8.98 -8.47
N SER C 138 11.41 10.03 -9.23
CA SER C 138 11.47 11.38 -8.61
C SER C 138 10.06 11.99 -8.60
N ALA C 139 9.89 13.11 -7.95
CA ALA C 139 8.55 13.77 -7.93
C ALA C 139 8.59 14.98 -8.85
N ASP C 140 9.76 15.48 -9.14
CA ASP C 140 9.84 16.65 -10.05
C ASP C 140 8.94 16.37 -11.25
N ALA C 141 8.96 15.15 -11.72
CA ALA C 141 8.09 14.80 -12.88
C ALA C 141 6.64 15.05 -12.48
N VAL C 142 6.32 14.83 -11.23
CA VAL C 142 4.92 15.07 -10.77
C VAL C 142 4.67 16.58 -10.78
N ASP C 143 5.38 17.32 -9.98
CA ASP C 143 5.18 18.80 -9.95
C ASP C 143 5.29 19.34 -11.38
N ARG C 144 5.86 18.57 -12.26
CA ARG C 144 5.98 19.02 -13.67
C ARG C 144 4.64 18.81 -14.37
N VAL C 145 4.14 17.61 -14.38
CA VAL C 145 2.83 17.35 -15.05
C VAL C 145 1.72 18.08 -14.29
N CYS C 146 1.90 18.33 -13.02
CA CYS C 146 0.85 19.04 -12.26
C CYS C 146 0.33 20.22 -13.08
N GLN C 147 1.20 21.13 -13.44
CA GLN C 147 0.74 22.30 -14.24
C GLN C 147 -0.13 21.78 -15.40
N ASN C 148 0.05 20.54 -15.75
CA ASN C 148 -0.78 19.94 -16.83
C ASN C 148 -1.88 19.10 -16.18
N LYS C 149 -2.85 19.71 -15.55
CA LYS C 149 -3.94 18.92 -14.90
C LYS C 149 -4.80 18.26 -15.98
N PHE C 150 -4.59 18.60 -17.21
CA PHE C 150 -5.38 17.97 -18.31
C PHE C 150 -4.43 17.66 -19.47
N ILE C 151 -4.36 16.42 -19.87
CA ILE C 151 -3.45 16.05 -20.98
C ILE C 151 -4.25 15.40 -22.12
N ASP C 152 -3.86 15.61 -23.34
CA ASP C 152 -4.59 14.99 -24.48
C ASP C 152 -4.15 13.54 -24.60
N PHE C 153 -5.05 12.61 -24.48
CA PHE C 153 -4.68 11.17 -24.58
C PHE C 153 -5.43 10.50 -25.73
N LYS C 154 -5.21 9.23 -25.92
CA LYS C 154 -5.90 8.51 -27.01
C LYS C 154 -7.37 8.93 -27.03
N ASP C 155 -7.90 9.28 -25.89
CA ASP C 155 -9.32 9.72 -25.83
C ASP C 155 -9.37 11.22 -26.12
N ARG C 156 -10.36 11.89 -25.63
CA ARG C 156 -10.46 13.35 -25.87
C ARG C 156 -9.52 14.08 -24.92
N LYS C 157 -9.56 13.74 -23.66
CA LYS C 157 -8.68 14.40 -22.67
C LYS C 157 -8.68 13.60 -21.38
N ILE C 158 -7.63 13.71 -20.60
CA ILE C 158 -7.57 12.97 -19.31
C ILE C 158 -7.16 13.93 -18.20
N GLU C 159 -7.47 13.63 -16.96
CA GLU C 159 -7.11 14.56 -15.85
C GLU C 159 -6.00 13.93 -15.00
N ILE C 160 -5.20 14.76 -14.37
CA ILE C 160 -4.10 14.23 -13.52
C ILE C 160 -4.31 14.71 -12.08
N LYS C 161 -4.00 13.88 -11.12
CA LYS C 161 -4.15 14.30 -9.69
C LYS C 161 -3.06 13.63 -8.87
N ARG C 162 -2.54 14.31 -7.88
CA ARG C 162 -1.45 13.70 -7.05
C ARG C 162 -2.02 12.57 -6.18
N ALA C 163 -1.33 11.47 -6.12
CA ALA C 163 -1.79 10.33 -5.27
C ALA C 163 -1.87 10.78 -3.82
N GLU C 164 -2.87 11.55 -3.46
CA GLU C 164 -2.95 12.03 -2.05
C GLU C 164 -2.64 10.87 -1.09
N PRO C 165 -3.30 9.74 -1.25
CA PRO C 165 -3.04 8.55 -0.38
C PRO C 165 -1.62 8.02 -0.56
N ARG C 166 -0.95 7.70 0.52
CA ARG C 166 0.44 7.17 0.39
C ARG C 166 0.43 5.90 -0.47
N HIS C 167 -0.57 5.08 -0.32
CA HIS C 167 -0.62 3.82 -1.13
C HIS C 167 -0.90 4.17 -2.59
N ASN B 1 9.71 9.29 6.78
CA ASN B 1 8.96 9.84 7.94
C ASN B 1 9.54 9.27 9.24
N PRO B 2 9.34 9.95 10.34
CA PRO B 2 9.85 9.50 11.67
C PRO B 2 9.18 8.19 12.12
N PRO B 3 9.91 7.36 12.84
CA PRO B 3 9.37 6.06 13.33
C PRO B 3 8.42 6.24 14.52
N SER B 4 8.14 7.44 14.92
CA SER B 4 7.22 7.66 16.07
C SER B 4 6.59 9.05 15.96
N ARG B 5 5.29 9.13 16.09
CA ARG B 5 4.60 10.46 15.99
C ARG B 5 3.11 10.28 16.26
N VAL B 6 2.55 9.16 15.85
CA VAL B 6 1.09 8.94 16.07
C VAL B 6 0.83 7.48 16.47
N VAL B 7 -0.33 7.18 16.97
CA VAL B 7 -0.65 5.78 17.39
C VAL B 7 -1.92 5.29 16.68
N TYR B 8 -1.98 4.03 16.33
CA TYR B 8 -3.20 3.50 15.65
C TYR B 8 -3.93 2.54 16.58
N LEU B 9 -5.21 2.72 16.74
CA LEU B 9 -6.00 1.82 17.62
C LEU B 9 -7.02 1.08 16.77
N GLY B 10 -6.79 -0.19 16.51
CA GLY B 10 -7.73 -0.95 15.64
C GLY B 10 -8.66 -1.87 16.45
N SER B 11 -8.13 -2.94 16.97
CA SER B 11 -8.99 -3.90 17.74
C SER B 11 -9.46 -3.26 19.04
N ILE B 12 -10.55 -2.54 19.00
CA ILE B 12 -11.07 -1.88 20.22
C ILE B 12 -12.61 -1.85 20.10
N PRO B 13 -13.33 -2.35 21.08
CA PRO B 13 -14.82 -2.36 21.03
C PRO B 13 -15.43 -0.97 21.17
N TYR B 14 -16.69 -0.85 20.86
CA TYR B 14 -17.36 0.49 20.96
C TYR B 14 -17.52 0.83 22.43
N ASP B 15 -17.04 -0.01 23.29
CA ASP B 15 -17.13 0.29 24.75
C ASP B 15 -16.29 1.52 25.04
N GLN B 16 -15.20 1.68 24.35
CA GLN B 16 -14.32 2.85 24.58
C GLN B 16 -14.22 3.71 23.32
N THR B 17 -14.77 4.89 23.36
CA THR B 17 -14.75 5.78 22.16
C THR B 17 -13.77 6.94 22.36
N GLU B 18 -14.10 8.09 21.87
CA GLU B 18 -13.20 9.25 22.01
C GLU B 18 -12.97 9.56 23.50
N GLU B 19 -13.90 9.25 24.33
CA GLU B 19 -13.71 9.54 25.78
C GLU B 19 -12.63 8.63 26.37
N GLN B 20 -12.79 7.34 26.19
CA GLN B 20 -11.79 6.39 26.75
C GLN B 20 -10.45 6.51 26.03
N ILE B 21 -10.46 6.58 24.73
CA ILE B 21 -9.16 6.71 24.02
C ILE B 21 -8.48 7.99 24.50
N LEU B 22 -9.19 9.10 24.44
CA LEU B 22 -8.60 10.41 24.87
C LEU B 22 -7.72 10.23 26.11
N ASP B 23 -7.91 9.19 26.88
CA ASP B 23 -7.02 9.00 28.08
C ASP B 23 -6.31 7.65 28.00
N LEU B 24 -6.82 6.69 27.31
CA LEU B 24 -6.08 5.41 27.22
C LEU B 24 -4.71 5.74 26.62
N CYS B 25 -4.69 6.54 25.58
CA CYS B 25 -3.38 6.91 24.96
C CYS B 25 -2.74 8.04 25.76
N SER B 26 -3.37 9.18 25.80
CA SER B 26 -2.80 10.35 26.55
C SER B 26 -2.11 9.87 27.83
N ASN B 27 -2.43 8.68 28.31
CA ASN B 27 -1.79 8.17 29.57
C ASN B 27 -0.26 8.26 29.46
N VAL B 28 0.23 9.46 29.44
CA VAL B 28 1.69 9.72 29.36
C VAL B 28 1.92 11.22 29.15
N GLY B 29 1.05 11.88 28.45
CA GLY B 29 1.22 13.34 28.22
C GLY B 29 0.12 13.86 27.29
N PRO B 30 0.23 15.10 26.89
CA PRO B 30 -0.76 15.75 25.99
C PRO B 30 -0.93 15.02 24.66
N VAL B 31 -2.03 15.24 23.99
CA VAL B 31 -2.26 14.58 22.67
C VAL B 31 -2.66 15.65 21.66
N ILE B 32 -2.27 15.50 20.42
CA ILE B 32 -2.62 16.53 19.40
C ILE B 32 -3.93 16.23 18.70
N ASN B 33 -3.98 15.17 17.92
CA ASN B 33 -5.24 14.87 17.17
C ASN B 33 -5.81 13.53 17.59
N LEU B 34 -7.11 13.41 17.60
CA LEU B 34 -7.74 12.11 17.95
C LEU B 34 -8.93 11.91 17.03
N LYS B 35 -9.03 10.77 16.41
CA LYS B 35 -10.19 10.53 15.50
C LYS B 35 -10.63 9.07 15.61
N MET B 36 -11.92 8.82 15.45
CA MET B 36 -12.44 7.42 15.53
C MET B 36 -13.23 7.10 14.26
N MET B 37 -13.04 5.93 13.68
CA MET B 37 -13.78 5.59 12.43
C MET B 37 -13.91 4.07 12.25
N PHE B 38 -14.91 3.64 11.53
CA PHE B 38 -15.14 2.17 11.32
C PHE B 38 -14.88 1.81 9.85
N ASP B 39 -14.95 0.53 9.51
CA ASP B 39 -14.71 0.11 8.11
C ASP B 39 -15.99 -0.45 7.46
N PRO B 40 -16.81 0.40 6.93
CA PRO B 40 -18.08 0.00 6.24
C PRO B 40 -17.84 -0.91 5.03
N GLN B 41 -17.16 -0.40 4.04
CA GLN B 41 -16.92 -1.21 2.81
C GLN B 41 -15.76 -2.18 3.00
N THR B 42 -14.56 -1.68 3.17
CA THR B 42 -13.39 -2.59 3.36
C THR B 42 -13.74 -3.65 4.39
N GLY B 43 -14.33 -3.26 5.48
CA GLY B 43 -14.70 -4.25 6.53
C GLY B 43 -13.46 -4.71 7.27
N ARG B 44 -12.35 -4.05 7.09
CA ARG B 44 -11.11 -4.46 7.79
C ARG B 44 -11.34 -4.42 9.31
N SER B 45 -12.02 -3.41 9.79
CA SER B 45 -12.28 -3.36 11.26
C SER B 45 -13.21 -2.20 11.61
N LYS B 46 -13.65 -2.15 12.84
CA LYS B 46 -14.56 -1.07 13.26
C LYS B 46 -13.84 -0.09 14.20
N GLY B 47 -13.50 -0.52 15.37
CA GLY B 47 -12.83 0.40 16.32
C GLY B 47 -11.50 0.93 15.76
N TYR B 48 -11.53 1.76 14.74
CA TYR B 48 -10.24 2.31 14.22
C TYR B 48 -10.12 3.78 14.62
N ALA B 49 -9.05 4.16 15.26
CA ALA B 49 -8.90 5.58 15.67
C ALA B 49 -7.45 6.04 15.52
N PHE B 50 -7.26 7.25 15.04
CA PHE B 50 -5.86 7.76 14.87
C PHE B 50 -5.58 8.81 15.96
N ILE B 51 -4.54 8.60 16.73
CA ILE B 51 -4.21 9.56 17.83
C ILE B 51 -2.83 10.19 17.63
N GLU B 52 -2.75 11.36 17.07
CA GLU B 52 -1.40 11.97 16.85
C GLU B 52 -0.93 12.70 18.10
N PHE B 53 0.29 12.43 18.51
CA PHE B 53 0.84 13.07 19.74
C PHE B 53 1.60 14.37 19.41
N ARG B 54 2.10 15.04 20.42
CA ARG B 54 2.83 16.34 20.21
C ARG B 54 3.93 16.19 19.16
N ASP B 55 4.66 15.13 19.20
CA ASP B 55 5.76 14.92 18.23
C ASP B 55 6.71 13.89 18.82
N LEU B 56 7.73 13.51 18.09
CA LEU B 56 8.68 12.49 18.62
C LEU B 56 8.90 12.67 20.12
N GLU B 57 8.63 13.81 20.67
CA GLU B 57 8.82 13.96 22.14
C GLU B 57 7.72 13.14 22.86
N SER B 58 6.53 13.65 22.84
CA SER B 58 5.41 12.92 23.49
C SER B 58 5.25 11.59 22.76
N SER B 59 5.38 11.57 21.47
CA SER B 59 5.23 10.29 20.71
C SER B 59 6.35 9.34 21.13
N ALA B 60 7.51 9.84 21.42
CA ALA B 60 8.61 8.93 21.85
C ALA B 60 8.16 8.24 23.14
N SER B 61 7.91 9.03 24.15
CA SER B 61 7.50 8.46 25.47
C SER B 61 6.15 7.72 25.38
N ALA B 62 5.25 8.24 24.62
CA ALA B 62 3.92 7.59 24.48
C ALA B 62 3.98 6.40 23.54
N VAL B 63 4.25 6.62 22.29
CA VAL B 63 4.30 5.48 21.36
C VAL B 63 5.15 4.37 21.97
N ARG B 64 6.25 4.72 22.60
CA ARG B 64 7.10 3.66 23.23
C ARG B 64 6.31 3.00 24.37
N ASN B 65 5.73 3.79 25.23
CA ASN B 65 4.94 3.19 26.36
C ASN B 65 3.59 2.70 25.85
N LEU B 66 2.92 3.49 25.07
CA LEU B 66 1.58 3.10 24.53
C LEU B 66 1.74 2.31 23.23
N ASN B 67 2.91 1.81 22.94
CA ASN B 67 3.07 1.04 21.67
C ASN B 67 2.03 -0.05 21.64
N GLY B 68 2.28 -1.14 22.31
CA GLY B 68 1.31 -2.26 22.34
C GLY B 68 1.16 -2.76 23.78
N TYR B 69 0.00 -2.66 24.39
CA TYR B 69 -0.14 -3.14 25.78
C TYR B 69 -1.47 -3.90 25.88
N GLN B 70 -1.52 -4.93 26.67
CA GLN B 70 -2.77 -5.75 26.80
C GLN B 70 -4.02 -4.87 26.69
N LEU B 71 -4.54 -4.73 25.50
CA LEU B 71 -5.78 -3.92 25.31
C LEU B 71 -6.53 -4.41 24.07
N GLY B 72 -7.83 -4.55 24.17
CA GLY B 72 -8.62 -5.00 22.99
C GLY B 72 -8.10 -6.37 22.51
N SER B 73 -8.42 -6.76 21.30
CA SER B 73 -7.94 -8.07 20.79
C SER B 73 -6.57 -7.89 20.14
N ARG B 74 -6.13 -6.67 20.01
CA ARG B 74 -4.80 -6.40 19.41
C ARG B 74 -4.09 -5.38 20.29
N PHE B 75 -2.80 -5.29 20.18
CA PHE B 75 -2.05 -4.33 21.04
C PHE B 75 -1.81 -3.03 20.29
N LEU B 76 -2.05 -1.91 20.95
CA LEU B 76 -1.85 -0.57 20.31
C LEU B 76 -0.69 -0.66 19.30
N LYS B 77 -0.73 0.15 18.27
CA LYS B 77 0.37 0.10 17.25
C LYS B 77 1.08 1.46 17.20
N CYS B 78 2.37 1.47 16.99
CA CYS B 78 3.13 2.74 16.94
C CYS B 78 2.93 3.43 15.58
N GLY B 79 2.18 4.49 15.55
CA GLY B 79 1.95 5.21 14.27
C GLY B 79 3.06 6.26 14.04
N TYR B 80 3.09 6.85 12.87
CA TYR B 80 4.13 7.88 12.57
C TYR B 80 3.59 8.77 11.45
N SER B 81 2.95 9.86 11.80
CA SER B 81 2.38 10.78 10.78
C SER B 81 3.16 10.68 9.48
N SER B 82 2.64 9.91 8.56
CA SER B 82 3.36 9.70 7.28
C SER B 82 2.39 9.85 6.10
N ASN B 83 1.12 10.01 6.36
CA ASN B 83 0.15 10.15 5.25
C ASN B 83 0.54 11.35 4.38
N SER B 84 1.03 12.40 4.98
CA SER B 84 1.43 13.60 4.18
C SER B 84 2.35 13.17 3.04
N LYS C 1 17.82 -4.99 -1.07
CA LYS C 1 19.12 -5.21 -1.77
C LYS C 1 20.05 -6.02 -0.88
N GLU C 2 20.07 -5.74 0.39
CA GLU C 2 20.96 -6.48 1.32
C GLU C 2 20.63 -7.97 1.24
N SER C 3 19.38 -8.31 1.04
CA SER C 3 19.00 -9.74 0.95
C SER C 3 18.09 -9.97 -0.26
N CYS C 4 18.07 -11.16 -0.78
CA CYS C 4 17.19 -11.45 -1.95
C CYS C 4 15.75 -11.63 -1.47
N LYS C 5 15.15 -10.57 -0.96
CA LYS C 5 13.76 -10.68 -0.44
C LYS C 5 12.78 -9.98 -1.39
N MET C 6 12.27 -10.69 -2.35
CA MET C 6 11.32 -10.06 -3.31
C MET C 6 10.03 -9.62 -2.59
N PHE C 7 9.52 -8.49 -2.97
CA PHE C 7 8.28 -7.94 -2.35
C PHE C 7 7.13 -8.16 -3.34
N ILE C 8 6.01 -8.69 -2.89
CA ILE C 8 4.86 -8.90 -3.81
C ILE C 8 3.73 -7.98 -3.40
N GLY C 9 3.19 -7.21 -4.31
CA GLY C 9 2.09 -6.27 -3.95
C GLY C 9 0.92 -6.40 -4.93
N GLY C 10 -0.05 -5.54 -4.81
CA GLY C 10 -1.21 -5.62 -5.74
C GLY C 10 -1.70 -7.06 -5.80
N LEU C 11 -1.39 -7.83 -4.79
CA LEU C 11 -1.82 -9.25 -4.78
C LEU C 11 -3.34 -9.32 -4.81
N ASN C 12 -3.89 -10.42 -5.22
CA ASN C 12 -5.37 -10.53 -5.25
C ASN C 12 -5.87 -10.84 -3.84
N TRP C 13 -7.14 -10.73 -3.61
CA TRP C 13 -7.66 -11.02 -2.25
C TRP C 13 -8.09 -12.48 -2.16
N ASP C 14 -7.42 -13.36 -2.86
CA ASP C 14 -7.81 -14.80 -2.81
C ASP C 14 -6.64 -15.68 -3.28
N THR C 15 -5.64 -15.89 -2.47
CA THR C 15 -4.50 -16.75 -2.89
C THR C 15 -3.87 -17.43 -1.67
N THR C 16 -3.36 -18.62 -1.83
CA THR C 16 -2.73 -19.35 -0.68
C THR C 16 -1.20 -19.33 -0.85
N GLU C 17 -0.46 -19.78 0.12
CA GLU C 17 1.03 -19.78 -0.02
C GLU C 17 1.45 -20.82 -1.06
N ASP C 18 1.26 -22.07 -0.78
CA ASP C 18 1.66 -23.12 -1.76
C ASP C 18 1.22 -22.70 -3.17
N ASN C 19 0.12 -22.01 -3.26
CA ASN C 19 -0.34 -21.54 -4.60
C ASN C 19 0.53 -20.36 -5.05
N LEU C 20 0.71 -19.39 -4.19
CA LEU C 20 1.54 -18.21 -4.57
C LEU C 20 2.94 -18.68 -4.95
N ARG C 21 3.52 -19.55 -4.18
CA ARG C 21 4.87 -20.03 -4.53
C ARG C 21 4.77 -20.78 -5.85
N GLU C 22 3.99 -21.83 -5.89
CA GLU C 22 3.84 -22.61 -7.14
C GLU C 22 3.74 -21.64 -8.31
N TYR C 23 3.20 -20.47 -8.09
CA TYR C 23 3.11 -19.49 -9.21
C TYR C 23 4.51 -18.97 -9.51
N PHE C 24 5.20 -18.47 -8.51
CA PHE C 24 6.57 -17.94 -8.77
C PHE C 24 7.57 -19.09 -8.95
N GLY C 25 7.77 -19.93 -7.96
CA GLY C 25 8.75 -21.05 -8.09
C GLY C 25 8.68 -21.74 -9.47
N LYS C 26 7.86 -21.26 -10.35
CA LYS C 26 7.82 -21.82 -11.72
C LYS C 26 9.07 -21.33 -12.43
N TYR C 27 9.71 -20.33 -11.86
CA TYR C 27 10.95 -19.76 -12.47
C TYR C 27 12.14 -20.68 -12.18
N GLY C 28 12.41 -20.92 -10.94
CA GLY C 28 13.58 -21.78 -10.59
C GLY C 28 13.39 -22.39 -9.19
N THR C 29 14.09 -21.88 -8.22
CA THR C 29 13.97 -22.42 -6.84
C THR C 29 13.69 -21.29 -5.87
N VAL C 30 12.93 -21.56 -4.84
CA VAL C 30 12.62 -20.50 -3.83
C VAL C 30 12.99 -21.02 -2.44
N THR C 31 13.46 -20.16 -1.58
CA THR C 31 13.86 -20.61 -0.22
C THR C 31 12.68 -20.47 0.74
N ASP C 32 12.15 -19.29 0.88
CA ASP C 32 11.00 -19.11 1.82
C ASP C 32 10.22 -17.86 1.42
N LEU C 33 9.00 -17.74 1.86
CA LEU C 33 8.20 -16.52 1.52
C LEU C 33 7.30 -16.20 2.71
N LYS C 34 7.06 -14.96 3.01
CA LYS C 34 6.16 -14.64 4.16
C LYS C 34 4.87 -14.02 3.63
N ILE C 35 3.94 -14.86 3.27
CA ILE C 35 2.63 -14.37 2.74
C ILE C 35 1.68 -14.15 3.91
N MET C 36 0.70 -13.30 3.75
CA MET C 36 -0.23 -13.06 4.87
C MET C 36 -1.67 -12.89 4.36
N LYS C 37 -2.17 -13.85 3.64
CA LYS C 37 -3.57 -13.75 3.13
C LYS C 37 -4.27 -15.09 3.34
N ASP C 38 -5.31 -15.11 4.13
CA ASP C 38 -6.03 -16.40 4.39
C ASP C 38 -7.55 -16.17 4.30
N PRO C 39 -8.08 -16.13 3.11
CA PRO C 39 -9.53 -15.93 2.88
C PRO C 39 -10.34 -17.00 3.61
N ALA C 40 -9.70 -18.08 3.96
CA ALA C 40 -10.40 -19.18 4.67
C ALA C 40 -10.83 -18.67 6.05
N THR C 41 -10.02 -17.88 6.67
CA THR C 41 -10.39 -17.33 8.00
C THR C 41 -9.46 -16.18 8.36
N GLY C 42 -8.23 -16.23 7.93
CA GLY C 42 -7.28 -15.13 8.26
C GLY C 42 -7.10 -14.20 7.07
N ARG C 43 -7.78 -13.08 7.08
CA ARG C 43 -7.66 -12.13 5.94
C ARG C 43 -6.77 -10.96 6.34
N SER C 44 -5.85 -10.59 5.49
CA SER C 44 -4.94 -9.46 5.82
C SER C 44 -4.39 -8.85 4.54
N ARG C 45 -4.05 -7.58 4.54
CA ARG C 45 -3.49 -6.92 3.31
C ARG C 45 -2.84 -7.97 2.42
N GLY C 46 -3.12 -7.98 1.13
CA GLY C 46 -2.49 -8.99 0.26
C GLY C 46 -1.07 -8.56 -0.11
N PHE C 47 -0.11 -9.36 0.23
CA PHE C 47 1.29 -9.04 -0.11
C PHE C 47 2.12 -10.31 0.08
N GLY C 48 3.31 -10.35 -0.45
CA GLY C 48 4.11 -11.59 -0.26
C GLY C 48 5.58 -11.23 -0.01
N PHE C 49 6.15 -11.70 1.05
CA PHE C 49 7.60 -11.43 1.27
C PHE C 49 8.35 -12.58 0.59
N LEU C 50 8.25 -12.66 -0.71
CA LEU C 50 8.88 -13.79 -1.46
C LEU C 50 10.40 -13.80 -1.36
N SER C 51 10.92 -14.64 -0.51
CA SER C 51 12.40 -14.76 -0.38
C SER C 51 12.89 -15.75 -1.44
N PHE C 52 13.99 -15.51 -2.11
CA PHE C 52 14.47 -16.48 -3.14
C PHE C 52 15.83 -17.03 -2.74
N GLU C 53 16.08 -18.28 -3.02
CA GLU C 53 17.39 -18.87 -2.66
C GLU C 53 18.50 -18.25 -3.52
N LYS C 54 18.30 -18.14 -4.82
CA LYS C 54 19.37 -17.57 -5.69
C LYS C 54 19.07 -16.08 -6.03
N PRO C 55 20.01 -15.19 -5.75
CA PRO C 55 19.85 -13.73 -6.04
C PRO C 55 19.29 -13.42 -7.45
N SER C 56 19.72 -14.14 -8.46
CA SER C 56 19.20 -13.82 -9.84
C SER C 56 17.68 -14.01 -9.90
N SER C 57 17.19 -15.10 -9.38
CA SER C 57 15.72 -15.37 -9.44
C SER C 57 14.93 -14.08 -9.21
N VAL C 58 15.45 -13.17 -8.43
CA VAL C 58 14.70 -11.91 -8.17
C VAL C 58 14.66 -11.05 -9.44
N ASP C 59 15.69 -11.08 -10.23
CA ASP C 59 15.71 -10.27 -11.47
C ASP C 59 14.59 -10.73 -12.40
N GLU C 60 14.49 -12.01 -12.63
CA GLU C 60 13.42 -12.52 -13.52
C GLU C 60 12.07 -12.33 -12.84
N VAL C 61 12.04 -12.43 -11.53
CA VAL C 61 10.77 -12.25 -10.78
C VAL C 61 10.52 -10.76 -10.57
N VAL C 62 10.93 -9.97 -11.51
CA VAL C 62 10.73 -8.49 -11.39
C VAL C 62 10.69 -7.86 -12.79
N LYS C 63 11.48 -8.37 -13.70
CA LYS C 63 11.49 -7.80 -15.08
C LYS C 63 10.50 -8.56 -15.96
N THR C 64 9.52 -9.18 -15.37
CA THR C 64 8.51 -9.94 -16.17
C THR C 64 7.10 -9.61 -15.68
N GLN C 65 6.10 -9.79 -16.49
CA GLN C 65 4.72 -9.49 -16.04
C GLN C 65 4.17 -10.71 -15.29
N HIS C 66 3.56 -10.50 -14.15
CA HIS C 66 3.04 -11.65 -13.36
C HIS C 66 1.54 -11.50 -13.11
N ILE C 67 0.79 -12.54 -13.32
CA ILE C 67 -0.69 -12.44 -13.08
C ILE C 67 -1.23 -13.77 -12.55
N LEU C 68 -1.55 -13.83 -11.29
CA LEU C 68 -2.13 -15.08 -10.71
C LEU C 68 -3.33 -15.54 -11.54
N ASP C 69 -4.38 -14.76 -11.56
CA ASP C 69 -5.58 -15.15 -12.36
C ASP C 69 -5.95 -14.01 -13.31
N GLY C 70 -4.99 -13.18 -13.64
CA GLY C 70 -5.28 -12.05 -14.57
C GLY C 70 -5.55 -10.78 -13.76
N LYS C 71 -5.21 -10.79 -12.50
CA LYS C 71 -5.42 -9.57 -11.65
C LYS C 71 -4.28 -8.60 -11.90
N VAL C 72 -3.97 -7.76 -10.96
CA VAL C 72 -2.86 -6.79 -11.16
C VAL C 72 -1.94 -6.81 -9.92
N ILE C 73 -0.86 -7.54 -10.00
CA ILE C 73 0.07 -7.62 -8.83
C ILE C 73 1.34 -6.84 -9.15
N ASP C 74 2.00 -6.35 -8.14
CA ASP C 74 3.25 -5.57 -8.37
C ASP C 74 4.43 -6.18 -7.61
N PRO C 75 5.24 -6.98 -8.27
CA PRO C 75 6.43 -7.59 -7.66
C PRO C 75 7.66 -6.69 -7.76
N LYS C 76 8.29 -6.41 -6.65
CA LYS C 76 9.51 -5.52 -6.68
C LYS C 76 10.51 -5.98 -5.61
N ARG C 77 11.78 -5.93 -5.91
CA ARG C 77 12.80 -6.35 -4.91
C ARG C 77 12.54 -5.59 -3.60
N ALA C 78 12.75 -6.23 -2.46
CA ALA C 78 12.52 -5.53 -1.16
C ALA C 78 12.91 -4.06 -1.27
N ILE C 79 11.96 -3.18 -1.12
CA ILE C 79 12.27 -1.71 -1.22
C ILE C 79 12.42 -1.12 0.19
N PRO C 80 13.43 -0.32 0.43
CA PRO C 80 13.65 0.31 1.76
C PRO C 80 12.60 1.38 2.06
N ARG C 81 12.26 1.59 3.30
CA ARG C 81 11.24 2.62 3.64
C ARG C 81 11.65 3.98 3.10
N ASP C 82 12.92 4.29 3.10
CA ASP C 82 13.36 5.62 2.59
C ASP C 82 12.85 5.81 1.16
N GLU C 83 13.01 4.82 0.32
CA GLU C 83 12.52 4.96 -1.07
C GLU C 83 10.99 4.94 -1.08
N GLN C 84 10.38 4.14 -0.24
CA GLN C 84 8.89 4.10 -0.20
C GLN C 84 8.37 5.50 0.12
N ASP C 85 9.08 6.22 0.93
CA ASP C 85 8.63 7.60 1.28
C ASP C 85 8.68 8.49 0.04
N LYS C 86 9.72 8.38 -0.75
CA LYS C 86 9.83 9.22 -1.98
C LYS C 86 8.79 8.78 -3.02
N THR C 87 8.75 7.51 -3.32
CA THR C 87 7.80 6.97 -4.36
C THR C 87 6.61 7.91 -4.56
N GLY C 88 6.18 8.09 -5.79
CA GLY C 88 5.03 9.00 -6.06
C GLY C 88 4.04 8.31 -6.99
N LYS C 89 2.77 8.30 -6.66
CA LYS C 89 1.78 7.65 -7.57
C LYS C 89 0.58 8.55 -7.79
N ILE C 90 0.12 8.62 -9.01
CA ILE C 90 -1.06 9.47 -9.30
C ILE C 90 -2.15 8.61 -9.95
N PHE C 91 -3.36 8.86 -9.58
CA PHE C 91 -4.51 8.11 -10.14
C PHE C 91 -4.72 8.53 -11.59
N VAL C 92 -5.36 7.71 -12.38
CA VAL C 92 -5.59 8.09 -13.80
C VAL C 92 -7.01 7.71 -14.21
N GLY C 93 -7.70 8.60 -14.86
CA GLY C 93 -9.11 8.32 -15.29
C GLY C 93 -9.22 8.43 -16.81
N GLY C 94 -10.13 7.72 -17.42
CA GLY C 94 -10.29 7.82 -18.90
C GLY C 94 -9.69 6.60 -19.60
N ILE C 95 -8.69 5.98 -19.02
CA ILE C 95 -8.07 4.78 -19.67
C ILE C 95 -8.43 3.54 -18.84
N GLY C 96 -8.25 2.38 -19.41
CA GLY C 96 -8.60 1.14 -18.68
C GLY C 96 -9.42 0.22 -19.60
N PRO C 97 -10.36 0.79 -20.31
CA PRO C 97 -11.23 0.03 -21.26
C PRO C 97 -10.43 -0.75 -22.30
N ASP C 98 -10.80 -0.65 -23.54
CA ASP C 98 -10.07 -1.39 -24.62
C ASP C 98 -8.58 -1.04 -24.59
N VAL C 99 -8.24 0.18 -24.30
CA VAL C 99 -6.79 0.56 -24.29
C VAL C 99 -6.03 -0.37 -23.33
N ARG C 100 -4.97 -0.97 -23.80
CA ARG C 100 -4.19 -1.90 -22.92
C ARG C 100 -3.09 -1.12 -22.21
N PRO C 101 -2.58 -1.65 -21.14
CA PRO C 101 -1.49 -1.01 -20.34
C PRO C 101 -0.23 -0.78 -21.16
N LYS C 102 -0.01 -1.56 -22.18
CA LYS C 102 1.21 -1.38 -23.01
C LYS C 102 1.37 0.10 -23.31
N GLU C 103 0.43 0.69 -23.99
CA GLU C 103 0.55 2.15 -24.28
C GLU C 103 0.59 2.92 -22.96
N PHE C 104 -0.55 3.19 -22.38
CA PHE C 104 -0.63 3.94 -21.08
C PHE C 104 0.78 4.07 -20.43
N GLU C 105 1.39 2.97 -20.09
CA GLU C 105 2.75 3.02 -19.48
C GLU C 105 3.75 3.63 -20.48
N GLU C 106 3.74 3.13 -21.69
CA GLU C 106 4.66 3.67 -22.74
C GLU C 106 4.15 5.05 -23.17
N PHE C 107 3.09 5.49 -22.58
CA PHE C 107 2.55 6.83 -22.92
C PHE C 107 3.10 7.85 -21.94
N PHE C 108 2.62 7.85 -20.72
CA PHE C 108 3.15 8.86 -19.73
C PHE C 108 4.65 8.93 -19.90
N SER C 109 5.23 7.86 -20.36
CA SER C 109 6.71 7.84 -20.58
C SER C 109 7.10 9.20 -21.17
N GLN C 110 6.30 9.69 -22.09
CA GLN C 110 6.57 11.00 -22.74
C GLN C 110 7.09 12.01 -21.70
N TRP C 111 6.86 11.77 -20.43
CA TRP C 111 7.40 12.70 -19.40
C TRP C 111 7.59 11.94 -18.10
N GLY C 112 8.53 12.38 -17.29
CA GLY C 112 8.82 11.69 -16.02
C GLY C 112 9.29 10.27 -16.33
N THR C 113 9.45 9.47 -15.32
CA THR C 113 9.86 8.05 -15.54
C THR C 113 8.76 7.21 -14.92
N ILE C 114 8.25 6.23 -15.61
CA ILE C 114 7.13 5.44 -15.00
C ILE C 114 7.67 4.17 -14.35
N ILE C 115 7.82 4.20 -13.05
CA ILE C 115 8.36 3.04 -12.30
C ILE C 115 7.32 1.91 -12.27
N ASP C 116 6.14 2.17 -11.73
CA ASP C 116 5.10 1.11 -11.67
C ASP C 116 3.78 1.64 -12.24
N ALA C 117 3.41 1.20 -13.41
CA ALA C 117 2.14 1.68 -14.02
C ALA C 117 1.22 0.50 -14.30
N GLN C 118 -0.07 0.67 -14.10
CA GLN C 118 -0.99 -0.46 -14.37
C GLN C 118 -2.46 -0.03 -14.28
N LEU C 119 -3.25 -0.49 -15.21
CA LEU C 119 -4.71 -0.16 -15.21
C LEU C 119 -5.49 -1.43 -14.93
N MET C 120 -6.69 -1.33 -14.44
CA MET C 120 -7.47 -2.57 -14.15
C MET C 120 -8.46 -2.84 -15.29
N LEU C 121 -9.06 -4.00 -15.31
CA LEU C 121 -10.03 -4.32 -16.40
C LEU C 121 -10.98 -5.43 -15.93
N ASP C 122 -11.88 -5.85 -16.79
CA ASP C 122 -12.83 -6.93 -16.41
C ASP C 122 -12.05 -8.21 -16.16
N LYS C 123 -10.97 -8.13 -15.45
CA LYS C 123 -10.17 -9.34 -15.15
C LYS C 123 -11.11 -10.42 -14.65
N ASP C 124 -12.15 -10.03 -13.96
CA ASP C 124 -13.13 -11.02 -13.43
C ASP C 124 -14.24 -10.27 -12.70
N THR C 125 -14.52 -9.04 -13.05
CA THR C 125 -15.60 -8.31 -12.34
C THR C 125 -15.87 -6.96 -13.02
N GLY C 126 -15.51 -6.83 -14.27
CA GLY C 126 -15.76 -5.54 -14.97
C GLY C 126 -14.99 -4.43 -14.26
N GLN C 127 -13.95 -4.77 -13.56
CA GLN C 127 -13.15 -3.75 -12.84
C GLN C 127 -12.79 -2.62 -13.81
N SER C 128 -12.92 -2.87 -15.09
CA SER C 128 -12.60 -1.82 -16.09
C SER C 128 -13.53 -0.62 -15.93
N ARG C 129 -13.85 -0.26 -14.73
CA ARG C 129 -14.76 0.91 -14.51
C ARG C 129 -14.26 2.06 -15.40
N GLY C 130 -12.97 2.15 -15.59
CA GLY C 130 -12.42 3.22 -16.46
C GLY C 130 -11.38 4.04 -15.69
N PHE C 131 -10.25 3.46 -15.34
CA PHE C 131 -9.22 4.24 -14.58
C PHE C 131 -7.97 3.37 -14.39
N GLY C 132 -7.04 3.83 -13.59
CA GLY C 132 -5.79 3.03 -13.36
C GLY C 132 -4.83 3.85 -12.50
N PHE C 133 -3.59 3.48 -12.40
CA PHE C 133 -2.64 4.27 -11.56
C PHE C 133 -1.29 4.33 -12.25
N VAL C 134 -0.49 5.33 -11.98
CA VAL C 134 0.87 5.40 -12.59
C VAL C 134 1.85 5.71 -11.46
N THR C 135 3.06 5.19 -11.49
CA THR C 135 4.01 5.47 -10.37
C THR C 135 5.37 5.87 -10.93
N TYR C 136 5.86 7.02 -10.55
CA TYR C 136 7.20 7.46 -11.06
C TYR C 136 8.27 7.15 -10.00
N ASP C 137 8.40 7.98 -9.02
CA ASP C 137 9.42 7.75 -7.97
C ASP C 137 9.51 9.01 -7.11
N SER C 138 9.77 10.13 -7.73
CA SER C 138 9.84 11.40 -6.99
C SER C 138 8.46 12.06 -7.05
N ALA C 139 8.26 13.14 -6.33
CA ALA C 139 6.93 13.81 -6.40
C ALA C 139 7.03 15.03 -7.33
N ASP C 140 8.23 15.37 -7.75
CA ASP C 140 8.38 16.52 -8.66
C ASP C 140 7.61 16.23 -9.95
N ALA C 141 7.86 15.10 -10.56
CA ALA C 141 7.12 14.77 -11.81
C ALA C 141 5.63 14.71 -11.50
N VAL C 142 5.27 14.12 -10.39
CA VAL C 142 3.83 14.04 -10.04
C VAL C 142 3.25 15.45 -10.10
N ASP C 143 3.78 16.37 -9.35
CA ASP C 143 3.25 17.77 -9.37
C ASP C 143 3.37 18.33 -10.79
N ARG C 144 4.39 17.92 -11.50
CA ARG C 144 4.56 18.43 -12.89
C ARG C 144 3.30 18.07 -13.67
N VAL C 145 3.02 16.80 -13.81
CA VAL C 145 1.81 16.37 -14.57
C VAL C 145 0.54 16.81 -13.83
N CYS C 146 0.57 16.87 -12.53
CA CYS C 146 -0.65 17.29 -11.78
C CYS C 146 -1.24 18.53 -12.46
N GLN C 147 -0.43 19.53 -12.68
CA GLN C 147 -0.92 20.78 -13.34
C GLN C 147 -1.68 20.45 -14.63
N ASN C 148 -1.35 19.35 -15.27
CA ASN C 148 -2.07 18.97 -16.52
C ASN C 148 -3.12 17.90 -16.21
N LYS C 149 -4.10 18.20 -15.39
CA LYS C 149 -5.14 17.18 -15.08
C LYS C 149 -5.57 16.51 -16.38
N PHE C 150 -6.46 17.12 -17.12
CA PHE C 150 -6.91 16.50 -18.39
C PHE C 150 -5.76 16.47 -19.38
N ILE C 151 -5.48 15.32 -19.95
CA ILE C 151 -4.37 15.23 -20.94
C ILE C 151 -4.84 14.39 -22.14
N ASP C 152 -4.26 14.59 -23.29
CA ASP C 152 -4.69 13.83 -24.50
C ASP C 152 -4.09 12.43 -24.50
N PHE C 153 -4.90 11.42 -24.66
CA PHE C 153 -4.39 10.01 -24.68
C PHE C 153 -4.67 9.37 -26.05
N LYS C 154 -4.17 8.18 -26.27
CA LYS C 154 -4.37 7.52 -27.60
C LYS C 154 -5.85 7.40 -27.96
N ASP C 155 -6.71 7.20 -27.01
CA ASP C 155 -8.16 7.05 -27.35
C ASP C 155 -8.84 8.42 -27.30
N ARG C 156 -9.01 8.96 -26.14
CA ARG C 156 -9.67 10.29 -26.02
C ARG C 156 -9.08 11.04 -24.82
N LYS C 157 -9.69 12.13 -24.44
CA LYS C 157 -9.16 12.90 -23.28
C LYS C 157 -9.19 12.00 -22.04
N ILE C 158 -8.27 12.19 -21.15
CA ILE C 158 -8.25 11.39 -19.89
C ILE C 158 -8.06 12.34 -18.72
N GLU C 159 -8.52 11.98 -17.54
CA GLU C 159 -8.38 12.92 -16.37
C GLU C 159 -7.39 12.36 -15.35
N ILE C 160 -6.24 12.98 -15.21
CA ILE C 160 -5.24 12.47 -14.23
C ILE C 160 -5.48 13.11 -12.86
N LYS C 161 -4.95 12.53 -11.81
CA LYS C 161 -5.15 13.12 -10.44
C LYS C 161 -4.13 12.52 -9.48
N ARG C 162 -3.86 13.14 -8.36
CA ARG C 162 -2.85 12.58 -7.42
C ARG C 162 -3.44 11.32 -6.75
N ALA C 163 -2.62 10.34 -6.45
CA ALA C 163 -3.16 9.11 -5.80
C ALA C 163 -3.53 9.42 -4.35
N GLU C 164 -3.85 10.65 -4.07
CA GLU C 164 -4.22 11.03 -2.67
C GLU C 164 -5.69 10.71 -2.42
N PRO C 165 -6.05 10.35 -1.21
CA PRO C 165 -7.46 10.01 -0.85
C PRO C 165 -8.39 11.23 -0.93
N ARG C 166 -7.85 12.41 -0.75
CA ARG C 166 -8.70 13.63 -0.82
C ARG C 166 -7.82 14.87 -1.04
N HIS C 167 -7.07 15.25 -0.05
CA HIS C 167 -6.18 16.45 -0.19
C HIS C 167 -4.75 16.05 0.13
N ASN B 1 8.82 9.90 6.32
CA ASN B 1 8.66 10.32 7.74
C ASN B 1 9.08 9.16 8.66
N PRO B 2 9.43 9.48 9.87
CA PRO B 2 9.87 8.45 10.87
C PRO B 2 8.79 7.38 11.13
N PRO B 3 9.17 6.24 11.62
CA PRO B 3 8.21 5.12 11.91
C PRO B 3 7.47 5.31 13.23
N SER B 4 7.39 6.52 13.73
CA SER B 4 6.66 6.74 15.02
C SER B 4 6.16 8.18 15.09
N ARG B 5 4.90 8.36 15.38
CA ARG B 5 4.33 9.74 15.48
C ARG B 5 2.84 9.63 15.81
N VAL B 6 2.14 8.75 15.13
CA VAL B 6 0.69 8.59 15.39
C VAL B 6 0.40 7.14 15.78
N VAL B 7 -0.66 6.89 16.51
CA VAL B 7 -1.01 5.50 16.91
C VAL B 7 -2.46 5.24 16.48
N TYR B 8 -2.76 4.05 16.01
CA TYR B 8 -4.17 3.76 15.56
C TYR B 8 -4.81 2.70 16.46
N LEU B 9 -6.08 2.85 16.76
CA LEU B 9 -6.79 1.84 17.61
C LEU B 9 -7.93 1.23 16.78
N GLY B 10 -8.00 -0.08 16.69
CA GLY B 10 -9.09 -0.72 15.89
C GLY B 10 -10.06 -1.51 16.76
N SER B 11 -9.58 -2.36 17.62
CA SER B 11 -10.51 -3.11 18.48
C SER B 11 -10.75 -2.29 19.74
N ILE B 12 -11.94 -1.82 19.96
CA ILE B 12 -12.18 -0.98 21.16
C ILE B 12 -13.59 -1.16 21.73
N PRO B 13 -13.73 -1.84 22.84
CA PRO B 13 -15.05 -2.01 23.48
C PRO B 13 -15.59 -0.66 23.90
N TYR B 14 -16.86 -0.55 24.09
CA TYR B 14 -17.43 0.75 24.52
C TYR B 14 -17.07 0.95 25.97
N ASP B 15 -16.29 0.06 26.49
CA ASP B 15 -15.85 0.23 27.89
C ASP B 15 -15.02 1.52 27.92
N GLN B 16 -14.10 1.70 26.97
CA GLN B 16 -13.31 2.97 26.98
C GLN B 16 -13.51 3.74 25.68
N THR B 17 -14.21 4.85 25.74
CA THR B 17 -14.41 5.66 24.49
C THR B 17 -13.41 6.84 24.49
N GLU B 18 -13.76 7.95 23.91
CA GLU B 18 -12.80 9.09 23.87
C GLU B 18 -12.43 9.55 25.28
N GLU B 19 -13.29 9.33 26.22
CA GLU B 19 -12.98 9.77 27.61
C GLU B 19 -11.93 8.86 28.24
N GLN B 20 -12.19 7.59 28.31
CA GLN B 20 -11.21 6.67 28.92
C GLN B 20 -9.98 6.59 28.04
N ILE B 21 -10.14 6.46 26.75
CA ILE B 21 -8.95 6.39 25.86
C ILE B 21 -8.12 7.64 26.18
N LEU B 22 -8.74 8.80 26.07
CA LEU B 22 -8.02 10.08 26.34
C LEU B 22 -7.04 9.92 27.51
N ASP B 23 -7.20 8.92 28.34
CA ASP B 23 -6.22 8.74 29.46
C ASP B 23 -5.61 7.34 29.41
N LEU B 24 -6.23 6.38 28.80
CA LEU B 24 -5.57 5.05 28.73
C LEU B 24 -4.28 5.23 27.93
N CYS B 25 -4.33 5.95 26.84
CA CYS B 25 -3.08 6.17 26.06
C CYS B 25 -2.32 7.33 26.69
N SER B 26 -2.88 8.51 26.64
CA SER B 26 -2.20 9.72 27.19
C SER B 26 -1.42 9.37 28.46
N ASN B 27 -1.68 8.24 29.07
CA ASN B 27 -0.96 7.84 30.33
C ASN B 27 0.57 7.97 30.14
N VAL B 28 0.99 9.13 29.78
CA VAL B 28 2.44 9.38 29.58
C VAL B 28 2.67 10.83 29.12
N GLY B 29 1.76 11.37 28.35
CA GLY B 29 1.93 12.78 27.89
C GLY B 29 0.65 13.26 27.23
N PRO B 30 0.48 14.56 27.14
CA PRO B 30 -0.72 15.16 26.51
C PRO B 30 -0.79 14.85 25.02
N VAL B 31 -1.36 13.74 24.67
CA VAL B 31 -1.46 13.35 23.23
C VAL B 31 -1.78 14.58 22.39
N ILE B 32 -1.40 14.54 21.14
CA ILE B 32 -1.71 15.68 20.24
C ILE B 32 -3.16 15.62 19.81
N ASN B 33 -3.64 14.47 19.43
CA ASN B 33 -5.07 14.40 18.99
C ASN B 33 -5.72 13.06 19.36
N LEU B 34 -7.01 13.08 19.53
CA LEU B 34 -7.75 11.84 19.85
C LEU B 34 -9.10 11.90 19.15
N LYS B 35 -9.48 10.89 18.40
CA LYS B 35 -10.81 10.96 17.74
C LYS B 35 -11.43 9.55 17.67
N MET B 36 -12.62 9.40 18.21
CA MET B 36 -13.30 8.07 18.20
C MET B 36 -14.59 8.11 17.38
N MET B 37 -14.96 7.01 16.79
CA MET B 37 -16.21 6.95 16.01
C MET B 37 -16.56 5.50 15.69
N PHE B 38 -17.82 5.35 15.24
CA PHE B 38 -18.49 4.04 14.83
C PHE B 38 -19.22 4.24 13.47
N ASP B 39 -19.09 3.31 12.51
CA ASP B 39 -19.80 3.47 11.20
C ASP B 39 -21.24 3.98 11.38
N PRO B 40 -21.49 5.23 11.07
CA PRO B 40 -22.86 5.81 11.12
C PRO B 40 -23.50 5.68 9.73
N GLN B 41 -22.95 6.37 8.77
CA GLN B 41 -23.47 6.29 7.37
C GLN B 41 -22.49 5.48 6.52
N THR B 42 -21.25 5.45 6.89
CA THR B 42 -20.24 4.67 6.10
C THR B 42 -20.82 3.29 5.77
N GLY B 43 -21.34 2.60 6.76
CA GLY B 43 -21.94 1.26 6.50
C GLY B 43 -20.86 0.18 6.30
N ARG B 44 -19.77 0.24 7.02
CA ARG B 44 -18.73 -0.83 6.86
C ARG B 44 -18.20 -1.27 8.24
N SER B 45 -17.35 -0.48 8.85
CA SER B 45 -16.80 -0.89 10.18
C SER B 45 -17.35 -0.01 11.30
N LYS B 46 -17.62 -0.64 12.39
CA LYS B 46 -18.19 0.07 13.53
C LYS B 46 -17.19 0.39 14.67
N GLY B 47 -15.88 -0.02 14.67
CA GLY B 47 -14.91 0.28 15.82
C GLY B 47 -13.58 0.96 15.44
N TYR B 48 -13.41 2.29 15.61
CA TYR B 48 -12.04 2.82 15.22
C TYR B 48 -11.75 4.25 15.74
N ALA B 49 -10.54 4.47 16.19
CA ALA B 49 -10.19 5.83 16.71
C ALA B 49 -8.71 6.17 16.42
N PHE B 50 -8.41 7.41 16.11
CA PHE B 50 -6.98 7.79 15.84
C PHE B 50 -6.42 8.65 16.98
N ILE B 51 -5.26 8.29 17.43
CA ILE B 51 -4.57 9.04 18.51
C ILE B 51 -3.30 9.64 17.89
N GLU B 52 -2.85 10.80 18.30
CA GLU B 52 -1.60 11.36 17.71
C GLU B 52 -0.74 11.92 18.84
N PHE B 53 0.55 11.66 18.81
CA PHE B 53 1.43 12.16 19.90
C PHE B 53 2.28 13.33 19.40
N ARG B 54 2.92 14.02 20.32
CA ARG B 54 3.75 15.20 19.96
C ARG B 54 4.78 14.86 18.89
N ASP B 55 5.47 13.76 19.02
CA ASP B 55 6.48 13.37 18.01
C ASP B 55 7.42 12.33 18.62
N LEU B 56 8.38 11.89 17.85
CA LEU B 56 9.33 10.84 18.34
C LEU B 56 9.60 11.01 19.84
N GLU B 57 9.44 12.18 20.38
CA GLU B 57 9.69 12.35 21.85
C GLU B 57 8.58 11.64 22.63
N SER B 58 7.42 12.24 22.67
CA SER B 58 6.29 11.63 23.39
C SER B 58 5.98 10.30 22.72
N SER B 59 6.00 10.27 21.43
CA SER B 59 5.71 9.00 20.70
C SER B 59 6.73 7.95 21.12
N ALA B 60 7.96 8.33 21.32
CA ALA B 60 8.97 7.32 21.75
C ALA B 60 8.54 6.74 23.11
N SER B 61 8.46 7.59 24.10
CA SER B 61 8.10 7.12 25.47
C SER B 61 6.69 6.50 25.51
N ALA B 62 5.76 7.12 24.87
CA ALA B 62 4.37 6.60 24.87
C ALA B 62 4.20 5.44 23.92
N VAL B 63 4.37 5.66 22.65
CA VAL B 63 4.20 4.54 21.69
C VAL B 63 5.03 3.34 22.17
N ARG B 64 6.22 3.57 22.67
CA ARG B 64 7.04 2.41 23.15
C ARG B 64 6.34 1.80 24.37
N ASN B 65 6.09 2.59 25.38
CA ASN B 65 5.42 2.04 26.58
C ASN B 65 3.98 1.63 26.24
N LEU B 66 3.28 2.46 25.51
CA LEU B 66 1.87 2.15 25.15
C LEU B 66 1.78 1.71 23.67
N ASN B 67 2.70 0.92 23.22
CA ASN B 67 2.63 0.46 21.79
C ASN B 67 1.45 -0.50 21.66
N GLY B 68 1.61 -1.71 22.14
CA GLY B 68 0.49 -2.69 22.05
C GLY B 68 0.36 -3.43 23.38
N TYR B 69 -0.76 -3.31 24.06
CA TYR B 69 -0.92 -4.02 25.35
C TYR B 69 -2.35 -4.57 25.41
N GLN B 70 -2.55 -5.69 26.03
CA GLN B 70 -3.92 -6.29 26.12
C GLN B 70 -5.01 -5.21 26.20
N LEU B 71 -5.46 -4.78 25.06
CA LEU B 71 -6.54 -3.74 25.02
C LEU B 71 -7.51 -4.09 23.89
N GLY B 72 -8.78 -4.18 24.20
CA GLY B 72 -9.78 -4.54 23.14
C GLY B 72 -9.32 -5.84 22.44
N SER B 73 -9.76 -6.07 21.24
CA SER B 73 -9.34 -7.32 20.53
C SER B 73 -7.97 -7.10 19.87
N ARG B 74 -7.55 -5.88 19.72
CA ARG B 74 -6.24 -5.60 19.10
C ARG B 74 -5.48 -4.63 20.00
N PHE B 75 -4.20 -4.63 19.91
CA PHE B 75 -3.40 -3.72 20.77
C PHE B 75 -3.05 -2.45 20.00
N LEU B 76 -3.12 -1.32 20.66
CA LEU B 76 -2.79 -0.04 19.97
C LEU B 76 -1.61 -0.27 19.03
N LYS B 77 -1.63 0.33 17.88
CA LYS B 77 -0.50 0.14 16.90
C LYS B 77 0.25 1.46 16.71
N CYS B 78 1.54 1.40 16.47
CA CYS B 78 2.32 2.65 16.28
C CYS B 78 2.29 3.05 14.80
N GLY B 79 1.70 4.17 14.51
CA GLY B 79 1.62 4.63 13.10
C GLY B 79 2.55 5.82 12.87
N TYR B 80 2.64 6.29 11.65
CA TYR B 80 3.51 7.46 11.35
C TYR B 80 2.76 8.50 10.54
N SER B 81 1.65 8.13 9.94
CA SER B 81 0.87 9.09 9.11
C SER B 81 0.88 10.47 9.77
N SER B 82 1.73 11.35 9.30
CA SER B 82 1.79 12.71 9.91
C SER B 82 0.89 13.67 9.11
N ASN B 83 0.50 14.76 9.70
CA ASN B 83 -0.36 15.73 8.99
C ASN B 83 -0.20 17.12 9.62
N SER B 84 -1.28 17.83 9.80
CA SER B 84 -1.19 19.18 10.42
C SER B 84 -0.37 19.10 11.70
N LYS C 1 17.74 -2.59 5.52
CA LYS C 1 18.57 -3.14 4.41
C LYS C 1 17.93 -4.44 3.89
N GLU C 2 17.14 -4.34 2.86
CA GLU C 2 16.50 -5.57 2.31
C GLU C 2 17.21 -5.98 1.03
N SER C 3 17.39 -7.26 0.82
CA SER C 3 18.08 -7.73 -0.42
C SER C 3 17.49 -9.07 -0.86
N CYS C 4 17.68 -9.43 -2.09
CA CYS C 4 17.14 -10.72 -2.59
C CYS C 4 15.69 -10.89 -2.13
N LYS C 5 15.11 -9.84 -1.61
CA LYS C 5 13.70 -9.90 -1.14
C LYS C 5 12.82 -9.40 -2.27
N MET C 6 11.70 -10.04 -2.52
CA MET C 6 10.80 -9.57 -3.61
C MET C 6 9.48 -9.10 -3.00
N PHE C 7 8.82 -8.19 -3.66
CA PHE C 7 7.52 -7.67 -3.12
C PHE C 7 6.41 -7.96 -4.13
N ILE C 8 6.00 -9.20 -4.25
CA ILE C 8 4.92 -9.52 -5.21
C ILE C 8 3.74 -8.61 -4.92
N GLY C 9 3.03 -8.20 -5.93
CA GLY C 9 1.88 -7.29 -5.72
C GLY C 9 0.73 -7.70 -6.63
N GLY C 10 -0.34 -6.96 -6.62
CA GLY C 10 -1.50 -7.30 -7.48
C GLY C 10 -1.94 -8.73 -7.19
N LEU C 11 -1.59 -9.25 -6.05
CA LEU C 11 -1.99 -10.64 -5.71
C LEU C 11 -3.52 -10.71 -5.69
N ASN C 12 -4.07 -11.89 -5.73
CA ASN C 12 -5.56 -11.99 -5.72
C ASN C 12 -6.07 -11.56 -4.34
N TRP C 13 -5.94 -12.38 -3.35
CA TRP C 13 -6.41 -11.99 -1.99
C TRP C 13 -6.17 -13.13 -1.01
N ASP C 14 -6.10 -14.35 -1.48
CA ASP C 14 -5.88 -15.50 -0.57
C ASP C 14 -4.80 -16.42 -1.13
N THR C 15 -3.56 -16.19 -0.77
CA THR C 15 -2.45 -17.05 -1.28
C THR C 15 -1.65 -17.60 -0.09
N THR C 16 -1.16 -18.81 -0.21
CA THR C 16 -0.36 -19.39 0.91
C THR C 16 1.11 -19.37 0.53
N GLU C 17 1.99 -19.72 1.42
CA GLU C 17 3.44 -19.71 1.10
C GLU C 17 3.79 -20.91 0.22
N ASP C 18 3.71 -22.09 0.76
CA ASP C 18 4.06 -23.31 -0.04
C ASP C 18 3.45 -23.21 -1.44
N ASN C 19 2.32 -22.60 -1.56
CA ASN C 19 1.69 -22.46 -2.90
C ASN C 19 2.45 -21.38 -3.69
N LEU C 20 2.62 -20.24 -3.08
CA LEU C 20 3.33 -19.13 -3.76
C LEU C 20 4.67 -19.63 -4.27
N ARG C 21 5.39 -20.41 -3.50
CA ARG C 21 6.71 -20.90 -4.01
C ARG C 21 6.45 -21.99 -5.06
N GLU C 22 5.75 -23.04 -4.71
CA GLU C 22 5.48 -24.12 -5.71
C GLU C 22 5.24 -23.47 -7.06
N TYR C 23 4.70 -22.28 -7.06
CA TYR C 23 4.48 -21.57 -8.35
C TYR C 23 5.76 -20.82 -8.77
N PHE C 24 6.44 -20.21 -7.82
CA PHE C 24 7.67 -19.42 -8.16
C PHE C 24 8.94 -20.27 -8.03
N GLY C 25 8.81 -21.56 -7.98
CA GLY C 25 10.03 -22.41 -7.84
C GLY C 25 10.49 -22.83 -9.23
N LYS C 26 10.16 -22.06 -10.24
CA LYS C 26 10.58 -22.40 -11.62
C LYS C 26 11.72 -21.48 -12.03
N TYR C 27 12.34 -20.83 -11.07
CA TYR C 27 13.46 -19.90 -11.38
C TYR C 27 14.73 -20.39 -10.67
N GLY C 28 14.62 -20.67 -9.40
CA GLY C 28 15.82 -21.15 -8.66
C GLY C 28 15.37 -21.77 -7.32
N THR C 29 15.94 -21.34 -6.24
CA THR C 29 15.56 -21.90 -4.91
C THR C 29 15.17 -20.77 -3.97
N VAL C 30 14.21 -21.01 -3.10
CA VAL C 30 13.78 -19.96 -2.14
C VAL C 30 14.20 -20.37 -0.73
N THR C 31 14.71 -19.46 0.06
CA THR C 31 15.15 -19.84 1.45
C THR C 31 14.04 -19.51 2.44
N ASP C 32 13.34 -18.43 2.25
CA ASP C 32 12.24 -18.07 3.19
C ASP C 32 11.16 -17.31 2.42
N LEU C 33 9.92 -17.43 2.81
CA LEU C 33 8.85 -16.71 2.09
C LEU C 33 7.85 -16.16 3.12
N LYS C 34 7.29 -15.01 2.89
CA LYS C 34 6.31 -14.44 3.85
C LYS C 34 5.02 -14.11 3.08
N ILE C 35 3.89 -14.54 3.55
CA ILE C 35 2.63 -14.23 2.83
C ILE C 35 1.50 -14.09 3.85
N MET C 36 0.85 -12.95 3.88
CA MET C 36 -0.26 -12.75 4.86
C MET C 36 -0.88 -11.38 4.61
N LYS C 37 -2.10 -11.16 5.03
CA LYS C 37 -2.73 -9.83 4.81
C LYS C 37 -3.96 -9.70 5.70
N ASP C 38 -4.94 -10.53 5.47
CA ASP C 38 -6.18 -10.48 6.30
C ASP C 38 -6.42 -11.86 6.93
N PRO C 39 -5.86 -12.10 8.08
CA PRO C 39 -6.01 -13.41 8.79
C PRO C 39 -7.47 -13.83 8.91
N ALA C 40 -8.39 -12.90 8.81
CA ALA C 40 -9.83 -13.26 8.93
C ALA C 40 -10.27 -14.01 7.66
N THR C 41 -10.66 -13.28 6.64
CA THR C 41 -11.12 -13.93 5.38
C THR C 41 -10.09 -13.73 4.27
N GLY C 42 -9.10 -12.90 4.50
CA GLY C 42 -8.07 -12.67 3.45
C GLY C 42 -8.58 -11.66 2.42
N ARG C 43 -9.62 -10.94 2.75
CA ARG C 43 -10.16 -9.95 1.77
C ARG C 43 -9.62 -8.56 2.12
N SER C 44 -8.37 -8.33 1.84
CA SER C 44 -7.77 -7.00 2.15
C SER C 44 -6.41 -6.90 1.45
N ARG C 45 -5.80 -5.73 1.50
CA ARG C 45 -4.47 -5.53 0.85
C ARG C 45 -3.70 -6.85 0.79
N GLY C 46 -2.91 -7.04 -0.23
CA GLY C 46 -2.13 -8.31 -0.34
C GLY C 46 -0.68 -7.97 -0.65
N PHE C 47 0.22 -8.87 -0.37
CA PHE C 47 1.65 -8.59 -0.67
C PHE C 47 2.45 -9.87 -0.46
N GLY C 48 3.31 -10.21 -1.37
CA GLY C 48 4.11 -11.46 -1.20
C GLY C 48 5.57 -11.09 -0.95
N PHE C 49 6.20 -11.69 0.03
CA PHE C 49 7.64 -11.40 0.27
C PHE C 49 8.43 -12.66 -0.08
N LEU C 50 9.25 -12.61 -1.09
CA LEU C 50 10.04 -13.82 -1.47
C LEU C 50 11.53 -13.59 -1.21
N SER C 51 12.06 -14.26 -0.23
CA SER C 51 13.50 -14.12 0.11
C SER C 51 14.33 -14.97 -0.85
N PHE C 52 14.44 -14.57 -2.08
CA PHE C 52 15.21 -15.39 -3.06
C PHE C 52 16.69 -15.43 -2.66
N GLU C 53 17.18 -16.59 -2.33
CA GLU C 53 18.61 -16.70 -1.93
C GLU C 53 19.51 -16.29 -3.11
N LYS C 54 19.15 -16.66 -4.31
CA LYS C 54 20.01 -16.33 -5.48
C LYS C 54 19.58 -14.97 -6.09
N PRO C 55 20.37 -13.91 -5.94
CA PRO C 55 20.00 -12.58 -6.51
C PRO C 55 19.66 -12.66 -8.00
N SER C 56 20.16 -13.64 -8.70
CA SER C 56 19.86 -13.76 -10.15
C SER C 56 18.37 -14.08 -10.35
N SER C 57 17.95 -15.24 -9.91
CA SER C 57 16.52 -15.63 -10.07
C SER C 57 15.59 -14.44 -9.81
N VAL C 58 16.04 -13.49 -9.05
CA VAL C 58 15.18 -12.30 -8.78
C VAL C 58 15.05 -11.49 -10.07
N ASP C 59 16.10 -11.39 -10.83
CA ASP C 59 16.05 -10.60 -12.10
C ASP C 59 14.98 -11.17 -13.03
N GLU C 60 14.96 -12.46 -13.25
CA GLU C 60 13.92 -13.04 -14.14
C GLU C 60 12.55 -12.92 -13.46
N VAL C 61 12.52 -13.08 -12.16
CA VAL C 61 11.22 -13.00 -11.45
C VAL C 61 10.52 -11.67 -11.77
N VAL C 62 11.24 -10.59 -11.69
CA VAL C 62 10.61 -9.27 -11.97
C VAL C 62 10.68 -8.95 -13.47
N LYS C 63 11.72 -9.37 -14.13
CA LYS C 63 11.84 -9.07 -15.58
C LYS C 63 10.83 -9.93 -16.37
N THR C 64 10.00 -10.65 -15.68
CA THR C 64 8.99 -11.50 -16.40
C THR C 64 7.63 -11.33 -15.74
N GLN C 65 6.60 -11.80 -16.38
CA GLN C 65 5.23 -11.67 -15.81
C GLN C 65 4.60 -13.06 -15.68
N HIS C 66 3.99 -13.34 -14.57
CA HIS C 66 3.36 -14.68 -14.38
C HIS C 66 1.94 -14.49 -13.83
N ILE C 67 1.11 -15.49 -13.95
CA ILE C 67 -0.27 -15.38 -13.42
C ILE C 67 -0.53 -16.54 -12.45
N LEU C 68 -0.64 -16.26 -11.19
CA LEU C 68 -0.90 -17.35 -10.20
C LEU C 68 -2.36 -17.79 -10.28
N ASP C 69 -3.28 -16.97 -9.83
CA ASP C 69 -4.71 -17.36 -9.89
C ASP C 69 -5.23 -17.10 -11.31
N GLY C 70 -4.37 -16.65 -12.17
CA GLY C 70 -4.79 -16.35 -13.56
C GLY C 70 -5.38 -14.94 -13.63
N LYS C 71 -5.17 -14.17 -12.60
CA LYS C 71 -5.71 -12.78 -12.60
C LYS C 71 -4.67 -11.82 -13.19
N VAL C 72 -3.72 -11.37 -12.40
CA VAL C 72 -2.65 -10.45 -12.93
C VAL C 72 -1.80 -9.94 -11.76
N ILE C 73 -0.75 -10.65 -11.43
CA ILE C 73 0.12 -10.22 -10.30
C ILE C 73 1.31 -9.39 -10.82
N ASP C 74 1.81 -8.51 -10.01
CA ASP C 74 2.97 -7.65 -10.44
C ASP C 74 4.20 -7.94 -9.57
N PRO C 75 5.19 -8.62 -10.09
CA PRO C 75 6.43 -8.94 -9.32
C PRO C 75 7.43 -7.76 -9.33
N LYS C 76 7.99 -7.43 -8.20
CA LYS C 76 8.94 -6.29 -8.14
C LYS C 76 9.94 -6.51 -6.98
N ARG C 77 11.03 -5.79 -6.98
CA ARG C 77 12.03 -5.96 -5.88
C ARG C 77 11.48 -5.34 -4.58
N ALA C 78 12.01 -5.75 -3.45
CA ALA C 78 11.52 -5.21 -2.15
C ALA C 78 11.66 -3.68 -2.09
N ILE C 79 10.56 -2.98 -2.00
CA ILE C 79 10.59 -1.49 -1.91
C ILE C 79 9.29 -1.01 -1.27
N PRO C 80 9.26 -0.86 0.03
CA PRO C 80 8.02 -0.40 0.74
C PRO C 80 7.29 0.69 -0.06
N ARG C 81 5.99 0.61 -0.14
CA ARG C 81 5.24 1.64 -0.93
C ARG C 81 5.58 3.05 -0.42
N ASP C 82 5.89 3.20 0.83
CA ASP C 82 6.22 4.57 1.32
C ASP C 82 7.36 5.14 0.47
N GLU C 83 8.38 4.34 0.22
CA GLU C 83 9.50 4.83 -0.62
C GLU C 83 9.07 4.84 -2.10
N GLN C 84 8.32 3.84 -2.49
CA GLN C 84 7.85 3.77 -3.90
C GLN C 84 7.06 5.04 -4.23
N ASP C 85 6.30 5.51 -3.28
CA ASP C 85 5.50 6.75 -3.50
C ASP C 85 6.41 7.95 -3.73
N LYS C 86 7.50 8.02 -3.02
CA LYS C 86 8.44 9.17 -3.19
C LYS C 86 8.93 9.21 -4.64
N THR C 87 8.87 8.11 -5.33
CA THR C 87 9.34 8.09 -6.74
C THR C 87 8.56 9.14 -7.56
N GLY C 88 7.30 9.33 -7.27
CA GLY C 88 6.50 10.34 -8.03
C GLY C 88 5.44 9.60 -8.86
N LYS C 89 4.18 9.78 -8.55
CA LYS C 89 3.13 9.05 -9.31
C LYS C 89 1.94 9.97 -9.62
N ILE C 90 1.41 9.88 -10.82
CA ILE C 90 0.25 10.73 -11.19
C ILE C 90 -0.91 9.82 -11.58
N PHE C 91 -2.14 10.22 -11.30
CA PHE C 91 -3.29 9.37 -11.70
C PHE C 91 -3.67 9.72 -13.13
N VAL C 92 -4.38 8.84 -13.80
CA VAL C 92 -4.80 9.12 -15.21
C VAL C 92 -6.28 8.77 -15.37
N GLY C 93 -7.04 9.66 -15.94
CA GLY C 93 -8.50 9.39 -16.13
C GLY C 93 -8.81 9.26 -17.62
N GLY C 94 -9.76 8.44 -17.97
CA GLY C 94 -10.11 8.29 -19.41
C GLY C 94 -9.22 7.20 -20.03
N ILE C 95 -8.43 6.55 -19.23
CA ILE C 95 -7.55 5.48 -19.78
C ILE C 95 -8.02 4.11 -19.26
N GLY C 96 -8.13 3.14 -20.14
CA GLY C 96 -8.60 1.79 -19.70
C GLY C 96 -9.68 1.27 -20.64
N PRO C 97 -10.55 2.12 -21.15
CA PRO C 97 -11.66 1.71 -22.06
C PRO C 97 -11.17 0.95 -23.30
N ASP C 98 -9.99 1.24 -23.77
CA ASP C 98 -9.49 0.53 -24.98
C ASP C 98 -7.96 0.43 -24.96
N VAL C 99 -7.33 0.81 -23.88
CA VAL C 99 -5.83 0.74 -23.86
C VAL C 99 -5.34 -0.05 -22.64
N ARG C 100 -4.67 -1.14 -22.87
CA ARG C 100 -4.14 -1.96 -21.75
C ARG C 100 -2.64 -1.66 -21.60
N PRO C 101 -2.02 -2.13 -20.54
CA PRO C 101 -0.57 -1.93 -20.29
C PRO C 101 0.28 -1.73 -21.56
N LYS C 102 0.14 -2.60 -22.52
CA LYS C 102 0.96 -2.49 -23.77
C LYS C 102 1.23 -1.03 -24.13
N GLU C 103 0.32 -0.39 -24.81
CA GLU C 103 0.55 1.03 -25.19
C GLU C 103 0.78 1.86 -23.92
N PHE C 104 -0.26 2.18 -23.20
CA PHE C 104 -0.13 3.00 -21.92
C PHE C 104 1.35 3.11 -21.50
N GLU C 105 1.95 2.00 -21.16
CA GLU C 105 3.38 2.01 -20.75
C GLU C 105 4.24 2.50 -21.92
N GLU C 106 4.04 1.94 -23.09
CA GLU C 106 4.81 2.39 -24.30
C GLU C 106 4.33 3.78 -24.73
N PHE C 107 3.42 4.34 -23.98
CA PHE C 107 2.90 5.69 -24.32
C PHE C 107 3.62 6.71 -23.47
N PHE C 108 3.33 6.78 -22.20
CA PHE C 108 4.04 7.80 -21.37
C PHE C 108 5.56 7.68 -21.59
N SER C 109 6.02 6.50 -21.86
CA SER C 109 7.49 6.27 -22.06
C SER C 109 8.18 7.45 -22.76
N GLN C 110 7.55 8.08 -23.73
CA GLN C 110 8.26 9.20 -24.42
C GLN C 110 8.73 10.24 -23.40
N TRP C 111 7.95 11.26 -23.15
CA TRP C 111 8.37 12.31 -22.19
C TRP C 111 8.45 11.73 -20.77
N GLY C 112 9.29 12.28 -19.94
CA GLY C 112 9.42 11.78 -18.55
C GLY C 112 10.07 10.40 -18.55
N THR C 113 10.48 9.94 -17.40
CA THR C 113 11.08 8.59 -17.29
C THR C 113 10.11 7.79 -16.41
N ILE C 114 9.60 6.69 -16.89
CA ILE C 114 8.60 5.95 -16.06
C ILE C 114 9.18 4.69 -15.42
N ILE C 115 9.39 4.72 -14.13
CA ILE C 115 9.94 3.52 -13.44
C ILE C 115 8.85 2.46 -13.25
N ASP C 116 7.68 2.83 -12.79
CA ASP C 116 6.61 1.81 -12.57
C ASP C 116 5.24 2.37 -13.01
N ALA C 117 4.77 1.95 -14.15
CA ALA C 117 3.45 2.44 -14.64
C ALA C 117 2.45 1.28 -14.59
N GLN C 118 1.21 1.53 -14.25
CA GLN C 118 0.27 0.38 -14.17
C GLN C 118 -1.17 0.80 -14.46
N LEU C 119 -1.85 -0.05 -15.20
CA LEU C 119 -3.29 0.19 -15.55
C LEU C 119 -4.09 -1.01 -15.05
N MET C 120 -5.28 -0.82 -14.52
CA MET C 120 -6.07 -2.00 -14.04
C MET C 120 -6.92 -2.54 -15.19
N LEU C 121 -7.64 -3.62 -14.96
CA LEU C 121 -8.50 -4.18 -16.05
C LEU C 121 -9.90 -4.46 -15.50
N ASP C 122 -10.83 -4.76 -16.38
CA ASP C 122 -12.21 -5.05 -15.91
C ASP C 122 -12.34 -6.55 -15.65
N LYS C 123 -11.37 -7.32 -16.06
CA LYS C 123 -11.45 -8.78 -15.83
C LYS C 123 -11.46 -9.05 -14.32
N ASP C 124 -10.79 -8.22 -13.56
CA ASP C 124 -10.79 -8.43 -12.09
C ASP C 124 -12.22 -8.27 -11.55
N THR C 125 -12.91 -7.25 -11.98
CA THR C 125 -14.31 -7.07 -11.49
C THR C 125 -14.91 -5.79 -12.08
N GLY C 126 -14.22 -5.15 -12.98
CA GLY C 126 -14.76 -3.90 -13.57
C GLY C 126 -14.14 -2.69 -12.86
N GLN C 127 -13.21 -2.91 -11.98
CA GLN C 127 -12.56 -1.77 -11.27
C GLN C 127 -11.95 -0.82 -12.30
N SER C 128 -11.46 -1.35 -13.39
CA SER C 128 -10.86 -0.45 -14.42
C SER C 128 -11.98 0.36 -15.07
N ARG C 129 -12.78 1.01 -14.29
CA ARG C 129 -13.89 1.82 -14.86
C ARG C 129 -13.34 2.73 -15.96
N GLY C 130 -12.16 3.24 -15.77
CA GLY C 130 -11.56 4.13 -16.82
C GLY C 130 -10.48 4.98 -16.18
N PHE C 131 -9.31 4.45 -15.96
CA PHE C 131 -8.22 5.25 -15.35
C PHE C 131 -6.93 4.43 -15.28
N GLY C 132 -5.91 4.96 -14.68
CA GLY C 132 -4.63 4.21 -14.58
C GLY C 132 -3.63 5.07 -13.80
N PHE C 133 -2.38 4.69 -13.74
CA PHE C 133 -1.42 5.53 -12.97
C PHE C 133 -0.04 5.43 -13.63
N VAL C 134 0.77 6.45 -13.49
CA VAL C 134 2.14 6.39 -14.08
C VAL C 134 3.13 6.80 -13.01
N THR C 135 4.31 6.22 -12.97
CA THR C 135 5.29 6.61 -11.92
C THR C 135 6.64 6.98 -12.53
N TYR C 136 7.18 8.11 -12.15
CA TYR C 136 8.51 8.52 -12.69
C TYR C 136 9.53 8.51 -11.56
N ASP C 137 10.78 8.31 -11.86
CA ASP C 137 11.81 8.29 -10.78
C ASP C 137 12.06 9.71 -10.27
N SER C 138 11.15 10.60 -10.54
CA SER C 138 11.32 12.01 -10.08
C SER C 138 9.98 12.71 -10.14
N ALA C 139 9.89 13.91 -9.66
CA ALA C 139 8.59 14.65 -9.71
C ALA C 139 8.71 15.78 -10.74
N ASP C 140 9.89 16.01 -11.25
CA ASP C 140 10.05 17.09 -12.26
C ASP C 140 9.14 16.77 -13.44
N ALA C 141 9.23 15.59 -13.98
CA ALA C 141 8.37 15.21 -15.13
C ALA C 141 6.91 15.31 -14.69
N VAL C 142 6.60 14.89 -13.49
CA VAL C 142 5.20 14.97 -13.01
C VAL C 142 4.73 16.41 -13.15
N ASP C 143 5.42 17.33 -12.54
CA ASP C 143 5.02 18.77 -12.63
C ASP C 143 5.07 19.21 -14.10
N ARG C 144 5.92 18.61 -14.88
CA ARG C 144 6.01 19.00 -16.32
C ARG C 144 4.68 18.66 -17.01
N VAL C 145 4.33 17.42 -17.07
CA VAL C 145 3.04 17.05 -17.73
C VAL C 145 1.87 17.66 -16.95
N CYS C 146 2.06 17.91 -15.68
CA CYS C 146 0.95 18.50 -14.86
C CYS C 146 0.30 19.64 -15.63
N GLN C 147 1.06 20.62 -16.05
CA GLN C 147 0.43 21.74 -16.80
C GLN C 147 -0.39 21.15 -17.94
N ASN C 148 -0.04 19.96 -18.36
CA ASN C 148 -0.80 19.29 -19.43
C ASN C 148 -1.76 18.30 -18.77
N LYS C 149 -2.87 18.76 -18.24
CA LYS C 149 -3.82 17.84 -17.56
C LYS C 149 -4.66 17.09 -18.59
N PHE C 150 -4.57 17.46 -19.84
CA PHE C 150 -5.36 16.75 -20.90
C PHE C 150 -4.44 16.47 -22.09
N ILE C 151 -4.26 15.23 -22.43
CA ILE C 151 -3.37 14.88 -23.58
C ILE C 151 -4.15 14.06 -24.62
N ASP C 152 -3.73 14.10 -25.86
CA ASP C 152 -4.43 13.31 -26.91
C ASP C 152 -3.78 11.92 -26.99
N PHE C 153 -4.51 10.89 -26.68
CA PHE C 153 -3.94 9.51 -26.73
C PHE C 153 -4.76 8.65 -27.71
N LYS C 154 -4.41 7.41 -27.90
CA LYS C 154 -5.17 6.56 -28.87
C LYS C 154 -6.66 6.84 -28.78
N ASP C 155 -7.26 6.58 -27.65
CA ASP C 155 -8.72 6.83 -27.51
C ASP C 155 -9.06 8.18 -28.13
N ARG C 156 -8.79 9.24 -27.43
CA ARG C 156 -9.08 10.60 -27.96
C ARG C 156 -8.54 11.63 -26.98
N LYS C 157 -8.95 11.54 -25.74
CA LYS C 157 -8.45 12.49 -24.71
C LYS C 157 -8.20 11.76 -23.40
N ILE C 158 -7.13 12.07 -22.73
CA ILE C 158 -6.83 11.42 -21.43
C ILE C 158 -6.60 12.51 -20.39
N GLU C 159 -6.88 12.23 -19.15
CA GLU C 159 -6.69 13.27 -18.09
C GLU C 159 -5.56 12.84 -17.15
N ILE C 160 -4.87 13.77 -16.57
CA ILE C 160 -3.75 13.43 -15.65
C ILE C 160 -3.98 14.14 -14.30
N LYS C 161 -3.45 13.62 -13.21
CA LYS C 161 -3.68 14.34 -11.92
C LYS C 161 -3.02 13.65 -10.72
N ARG C 162 -1.88 14.14 -10.28
CA ARG C 162 -1.14 13.56 -9.08
C ARG C 162 -1.86 12.35 -8.46
N ALA C 163 -1.15 11.25 -8.32
CA ALA C 163 -1.78 10.04 -7.72
C ALA C 163 -2.24 10.34 -6.29
N GLU C 164 -2.19 11.58 -5.88
CA GLU C 164 -2.63 11.92 -4.50
C GLU C 164 -4.07 11.47 -4.33
N PRO C 165 -4.49 11.20 -3.12
CA PRO C 165 -5.88 10.75 -2.83
C PRO C 165 -6.92 11.69 -3.42
N ARG C 166 -7.25 12.74 -2.70
CA ARG C 166 -8.26 13.71 -3.22
C ARG C 166 -7.61 15.08 -3.39
N HIS C 167 -6.33 15.17 -3.17
CA HIS C 167 -5.63 16.47 -3.31
C HIS C 167 -4.12 16.26 -3.27
N ASN B 1 8.29 11.07 8.25
CA ASN B 1 7.45 9.91 8.66
C ASN B 1 8.24 9.00 9.59
N PRO B 2 8.89 9.59 10.56
CA PRO B 2 9.72 8.84 11.54
C PRO B 2 9.00 7.58 12.07
N PRO B 3 9.71 6.73 12.74
CA PRO B 3 9.16 5.46 13.30
C PRO B 3 8.25 5.68 14.51
N SER B 4 8.00 6.91 14.91
CA SER B 4 7.12 7.14 16.07
C SER B 4 6.46 8.52 15.93
N ARG B 5 5.17 8.60 16.13
CA ARG B 5 4.47 9.92 16.01
C ARG B 5 3.00 9.76 16.36
N VAL B 6 2.32 8.84 15.71
CA VAL B 6 0.88 8.65 15.99
C VAL B 6 0.60 7.17 16.26
N VAL B 7 -0.58 6.86 16.71
CA VAL B 7 -0.93 5.43 17.01
C VAL B 7 -2.21 5.05 16.28
N TYR B 8 -2.31 3.84 15.80
CA TYR B 8 -3.55 3.40 15.10
C TYR B 8 -4.27 2.37 15.97
N LEU B 9 -5.50 2.64 16.32
CA LEU B 9 -6.28 1.69 17.16
C LEU B 9 -7.38 1.08 16.30
N GLY B 10 -7.24 -0.18 15.92
CA GLY B 10 -8.29 -0.82 15.07
C GLY B 10 -9.02 -1.91 15.85
N SER B 11 -8.47 -2.34 16.95
CA SER B 11 -9.14 -3.40 17.76
C SER B 11 -9.62 -2.81 19.09
N ILE B 12 -10.79 -2.23 19.10
CA ILE B 12 -11.30 -1.65 20.37
C ILE B 12 -12.81 -1.82 20.43
N PRO B 13 -13.35 -2.39 21.48
CA PRO B 13 -14.81 -2.55 21.61
C PRO B 13 -15.47 -1.19 21.89
N TYR B 14 -16.70 -1.02 21.50
CA TYR B 14 -17.39 0.27 21.75
C TYR B 14 -17.42 0.51 23.26
N ASP B 15 -16.89 -0.39 24.03
CA ASP B 15 -16.88 -0.19 25.50
C ASP B 15 -16.01 1.03 25.82
N GLN B 16 -14.94 1.22 25.08
CA GLN B 16 -14.06 2.40 25.35
C GLN B 16 -13.95 3.25 24.09
N THR B 17 -14.42 4.47 24.14
CA THR B 17 -14.37 5.35 22.94
C THR B 17 -13.39 6.51 23.15
N GLU B 18 -13.77 7.70 22.76
CA GLU B 18 -12.84 8.85 22.93
C GLU B 18 -12.55 9.11 24.41
N GLU B 19 -13.46 8.80 25.27
CA GLU B 19 -13.21 9.05 26.72
C GLU B 19 -12.11 8.12 27.25
N GLN B 20 -12.29 6.84 27.08
CA GLN B 20 -11.28 5.87 27.60
C GLN B 20 -9.98 5.96 26.83
N ILE B 21 -10.04 6.05 25.53
CA ILE B 21 -8.77 6.13 24.76
C ILE B 21 -8.07 7.45 25.14
N LEU B 22 -8.80 8.54 25.07
CA LEU B 22 -8.24 9.89 25.40
C LEU B 22 -7.33 9.84 26.61
N ASP B 23 -7.46 8.84 27.47
CA ASP B 23 -6.56 8.79 28.66
C ASP B 23 -5.83 7.45 28.72
N LEU B 24 -6.38 6.40 28.18
CA LEU B 24 -5.63 5.11 28.21
C LEU B 24 -4.31 5.32 27.50
N CYS B 25 -4.32 5.97 26.36
CA CYS B 25 -3.03 6.20 25.66
C CYS B 25 -2.32 7.35 26.35
N SER B 26 -2.93 8.48 26.35
CA SER B 26 -2.32 9.68 26.98
C SER B 26 -1.54 9.31 28.23
N ASN B 27 -1.81 8.15 28.78
CA ASN B 27 -1.10 7.69 30.03
C ASN B 27 0.42 7.89 29.89
N VAL B 28 0.83 9.11 29.74
CA VAL B 28 2.27 9.43 29.60
C VAL B 28 2.42 10.90 29.15
N GLY B 29 1.51 11.40 28.38
CA GLY B 29 1.60 12.81 27.93
C GLY B 29 0.26 13.29 27.36
N PRO B 30 0.11 14.59 27.19
CA PRO B 30 -1.14 15.20 26.64
C PRO B 30 -1.27 15.00 25.13
N VAL B 31 -1.91 13.94 24.72
CA VAL B 31 -2.07 13.67 23.27
C VAL B 31 -2.52 14.93 22.53
N ILE B 32 -2.25 15.02 21.25
CA ILE B 32 -2.68 16.23 20.49
C ILE B 32 -3.96 15.96 19.70
N ASN B 33 -3.96 14.95 18.86
CA ASN B 33 -5.18 14.67 18.05
C ASN B 33 -5.77 13.30 18.35
N LEU B 34 -7.04 13.27 18.66
CA LEU B 34 -7.71 11.97 18.91
C LEU B 34 -8.95 11.90 18.04
N LYS B 35 -9.13 10.83 17.32
CA LYS B 35 -10.34 10.72 16.45
C LYS B 35 -10.90 9.31 16.52
N MET B 36 -12.16 9.20 16.84
CA MET B 36 -12.81 7.85 16.94
C MET B 36 -13.72 7.65 15.72
N MET B 37 -13.59 6.55 15.03
CA MET B 37 -14.45 6.31 13.84
C MET B 37 -14.64 4.81 13.62
N PHE B 38 -15.71 4.44 12.97
CA PHE B 38 -15.98 3.00 12.70
C PHE B 38 -15.87 2.76 11.19
N ASP B 39 -16.07 1.54 10.74
CA ASP B 39 -15.96 1.25 9.28
C ASP B 39 -17.36 1.13 8.65
N PRO B 40 -18.06 2.22 8.45
CA PRO B 40 -19.41 2.18 7.82
C PRO B 40 -19.36 1.72 6.36
N GLN B 41 -18.66 2.44 5.52
CA GLN B 41 -18.57 2.04 4.08
C GLN B 41 -17.42 1.05 3.88
N THR B 42 -16.26 1.36 4.38
CA THR B 42 -15.10 0.44 4.22
C THR B 42 -15.45 -0.93 4.81
N GLY B 43 -16.03 -0.95 5.98
CA GLY B 43 -16.41 -2.25 6.61
C GLY B 43 -15.17 -2.96 7.15
N ARG B 44 -14.05 -2.28 7.21
CA ARG B 44 -12.81 -2.95 7.73
C ARG B 44 -12.99 -3.29 9.22
N SER B 45 -13.37 -2.33 10.02
CA SER B 45 -13.58 -2.61 11.46
C SER B 45 -14.55 -1.59 12.08
N LYS B 46 -15.34 -2.02 13.01
CA LYS B 46 -16.30 -1.07 13.64
C LYS B 46 -15.58 -0.23 14.69
N GLY B 47 -14.33 -0.53 14.95
CA GLY B 47 -13.58 0.26 15.98
C GLY B 47 -12.24 0.77 15.42
N TYR B 48 -12.25 1.94 14.81
CA TYR B 48 -10.97 2.51 14.28
C TYR B 48 -10.78 3.93 14.81
N ALA B 49 -9.66 4.22 15.41
CA ALA B 49 -9.44 5.60 15.93
C ALA B 49 -7.98 6.02 15.72
N PHE B 50 -7.76 7.24 15.30
CA PHE B 50 -6.34 7.71 15.07
C PHE B 50 -5.93 8.62 16.23
N ILE B 51 -4.84 8.31 16.87
CA ILE B 51 -4.39 9.13 18.03
C ILE B 51 -3.00 9.71 17.82
N GLU B 52 -2.89 10.92 17.39
CA GLU B 52 -1.54 11.52 17.15
C GLU B 52 -0.99 12.14 18.42
N PHE B 53 0.22 11.78 18.79
CA PHE B 53 0.83 12.34 20.03
C PHE B 53 1.60 13.62 19.71
N ARG B 54 2.18 14.23 20.71
CA ARG B 54 2.94 15.49 20.50
C ARG B 54 4.04 15.29 19.47
N ASP B 55 4.75 14.19 19.53
CA ASP B 55 5.83 13.92 18.53
C ASP B 55 6.80 12.90 19.12
N LEU B 56 7.79 12.51 18.35
CA LEU B 56 8.77 11.48 18.84
C LEU B 56 9.01 11.63 20.34
N GLU B 57 8.79 12.77 20.92
CA GLU B 57 8.99 12.89 22.39
C GLU B 57 7.89 12.09 23.12
N SER B 58 6.69 12.61 23.12
CA SER B 58 5.57 11.90 23.78
C SER B 58 5.35 10.58 23.04
N SER B 59 5.43 10.60 21.74
CA SER B 59 5.22 9.34 20.96
C SER B 59 6.27 8.31 21.38
N ALA B 60 7.48 8.76 21.61
CA ALA B 60 8.55 7.81 22.07
C ALA B 60 8.12 7.17 23.38
N SER B 61 7.93 7.99 24.38
CA SER B 61 7.56 7.47 25.74
C SER B 61 6.20 6.76 25.76
N ALA B 62 5.24 7.27 25.03
CA ALA B 62 3.90 6.62 25.03
C ALA B 62 3.90 5.42 24.10
N VAL B 63 4.15 5.61 22.84
CA VAL B 63 4.14 4.46 21.92
C VAL B 63 5.02 3.34 22.49
N ARG B 64 6.17 3.69 23.02
CA ARG B 64 7.06 2.64 23.58
C ARG B 64 6.37 2.00 24.80
N ASN B 65 6.01 2.80 25.77
CA ASN B 65 5.34 2.23 26.97
C ASN B 65 3.95 1.69 26.60
N LEU B 66 3.22 2.44 25.81
CA LEU B 66 1.85 2.00 25.42
C LEU B 66 1.85 1.50 23.96
N ASN B 67 2.91 0.88 23.53
CA ASN B 67 2.95 0.36 22.13
C ASN B 67 1.84 -0.69 21.97
N GLY B 68 2.07 -1.88 22.43
CA GLY B 68 1.04 -2.94 22.30
C GLY B 68 0.89 -3.67 23.64
N TYR B 69 -0.25 -3.59 24.30
CA TYR B 69 -0.40 -4.30 25.59
C TYR B 69 -1.79 -4.95 25.60
N GLN B 70 -1.93 -6.09 26.22
CA GLN B 70 -3.24 -6.81 26.27
C GLN B 70 -4.41 -5.82 26.25
N LEU B 71 -4.93 -5.50 25.09
CA LEU B 71 -6.09 -4.56 25.01
C LEU B 71 -6.89 -4.84 23.73
N GLY B 72 -8.18 -4.78 23.81
CA GLY B 72 -9.02 -5.02 22.61
C GLY B 72 -8.57 -6.33 21.94
N SER B 73 -9.09 -6.62 20.77
CA SER B 73 -8.69 -7.88 20.07
C SER B 73 -7.23 -7.79 19.64
N ARG B 74 -6.70 -6.60 19.51
CA ARG B 74 -5.28 -6.45 19.10
C ARG B 74 -4.67 -5.37 19.98
N PHE B 75 -3.38 -5.30 20.03
CA PHE B 75 -2.74 -4.28 20.92
C PHE B 75 -2.46 -3.01 20.13
N LEU B 76 -2.64 -1.87 20.77
CA LEU B 76 -2.40 -0.58 20.08
C LEU B 76 -1.17 -0.71 19.16
N LYS B 77 -1.26 -0.17 17.97
CA LYS B 77 -0.11 -0.26 17.02
C LYS B 77 0.56 1.10 16.88
N CYS B 78 1.85 1.13 16.66
CA CYS B 78 2.57 2.42 16.52
C CYS B 78 2.54 2.88 15.05
N GLY B 79 1.91 3.98 14.79
CA GLY B 79 1.84 4.49 13.38
C GLY B 79 2.61 5.81 13.26
N TYR B 80 3.01 6.16 12.08
CA TYR B 80 3.75 7.43 11.88
C TYR B 80 3.22 8.13 10.63
N SER B 81 2.60 9.27 10.79
CA SER B 81 2.06 9.99 9.61
C SER B 81 2.36 11.49 9.74
N SER B 82 1.53 12.21 10.44
CA SER B 82 1.77 13.67 10.59
C SER B 82 1.33 14.12 11.99
N ASN B 83 2.01 15.08 12.54
CA ASN B 83 1.65 15.58 13.89
C ASN B 83 1.12 17.02 13.79
N SER B 84 0.76 17.42 12.61
CA SER B 84 0.26 18.81 12.42
C SER B 84 -0.83 19.11 13.45
N LYS C 1 25.07 -3.69 -0.95
CA LYS C 1 23.85 -3.18 -1.65
C LYS C 1 23.28 -4.28 -2.53
N GLU C 2 22.93 -5.40 -1.96
CA GLU C 2 22.35 -6.52 -2.76
C GLU C 2 20.88 -6.68 -2.42
N SER C 3 20.07 -7.03 -3.39
CA SER C 3 18.61 -7.20 -3.13
C SER C 3 18.17 -8.60 -3.54
N CYS C 4 17.30 -9.21 -2.76
CA CYS C 4 16.82 -10.58 -3.10
C CYS C 4 15.38 -10.77 -2.59
N LYS C 5 14.83 -9.78 -1.95
CA LYS C 5 13.44 -9.89 -1.45
C LYS C 5 12.50 -9.22 -2.44
N MET C 6 11.35 -9.80 -2.67
CA MET C 6 10.40 -9.17 -3.63
C MET C 6 9.06 -8.95 -2.92
N PHE C 7 8.29 -8.01 -3.40
CA PHE C 7 6.97 -7.73 -2.76
C PHE C 7 5.86 -8.15 -3.71
N ILE C 8 5.58 -9.42 -3.79
CA ILE C 8 4.49 -9.88 -4.69
C ILE C 8 3.28 -9.01 -4.41
N GLY C 9 2.60 -8.55 -5.43
CA GLY C 9 1.43 -7.67 -5.19
C GLY C 9 0.27 -8.09 -6.11
N GLY C 10 -0.93 -7.76 -5.73
CA GLY C 10 -2.11 -8.14 -6.57
C GLY C 10 -2.42 -9.62 -6.41
N LEU C 11 -1.97 -10.21 -5.34
CA LEU C 11 -2.26 -11.65 -5.12
C LEU C 11 -3.78 -11.83 -5.06
N ASN C 12 -4.25 -13.04 -5.05
CA ASN C 12 -5.72 -13.25 -5.00
C ASN C 12 -6.25 -12.82 -3.64
N TRP C 13 -6.12 -13.63 -2.64
CA TRP C 13 -6.61 -13.22 -1.30
C TRP C 13 -6.37 -14.34 -0.28
N ASP C 14 -6.28 -15.57 -0.73
CA ASP C 14 -6.08 -16.71 0.23
C ASP C 14 -5.00 -17.66 -0.28
N THR C 15 -3.77 -17.46 0.14
CA THR C 15 -2.67 -18.37 -0.32
C THR C 15 -1.74 -18.64 0.87
N THR C 16 -1.17 -19.82 0.94
CA THR C 16 -0.24 -20.12 2.07
C THR C 16 1.20 -20.05 1.58
N GLU C 17 2.14 -20.04 2.48
CA GLU C 17 3.55 -20.00 2.04
C GLU C 17 3.82 -21.26 1.20
N ASP C 18 3.58 -22.42 1.74
CA ASP C 18 3.88 -23.67 0.99
C ASP C 18 3.30 -23.59 -0.43
N ASN C 19 2.12 -23.06 -0.59
CA ASN C 19 1.53 -22.97 -1.96
C ASN C 19 2.21 -21.85 -2.74
N LEU C 20 2.25 -20.67 -2.18
CA LEU C 20 2.89 -19.53 -2.91
C LEU C 20 4.30 -19.92 -3.34
N ARG C 21 5.07 -20.53 -2.47
CA ARG C 21 6.45 -20.93 -2.85
C ARG C 21 6.38 -22.01 -3.92
N GLU C 22 5.76 -23.13 -3.61
CA GLU C 22 5.66 -24.22 -4.61
C GLU C 22 5.35 -23.60 -5.97
N TYR C 23 4.67 -22.50 -5.99
CA TYR C 23 4.38 -21.84 -7.30
C TYR C 23 5.64 -21.12 -7.78
N PHE C 24 6.26 -20.34 -6.94
CA PHE C 24 7.48 -19.60 -7.36
C PHE C 24 8.65 -20.56 -7.51
N GLY C 25 9.06 -21.29 -6.49
CA GLY C 25 10.24 -22.21 -6.64
C GLY C 25 10.21 -23.00 -7.97
N LYS C 26 9.34 -22.67 -8.87
CA LYS C 26 9.30 -23.33 -10.20
C LYS C 26 10.46 -22.77 -11.02
N TYR C 27 10.99 -21.64 -10.62
CA TYR C 27 12.11 -21.01 -11.36
C TYR C 27 13.44 -21.45 -10.77
N GLY C 28 13.64 -21.19 -9.50
CA GLY C 28 14.93 -21.58 -8.86
C GLY C 28 14.67 -22.00 -7.41
N THR C 29 15.41 -21.46 -6.48
CA THR C 29 15.23 -21.84 -5.04
C THR C 29 15.04 -20.58 -4.19
N VAL C 30 14.37 -20.71 -3.07
CA VAL C 30 14.15 -19.54 -2.17
C VAL C 30 14.63 -19.90 -0.77
N THR C 31 15.11 -18.94 -0.01
CA THR C 31 15.59 -19.25 1.37
C THR C 31 14.43 -19.12 2.37
N ASP C 32 13.62 -18.10 2.24
CA ASP C 32 12.49 -17.93 3.20
C ASP C 32 11.38 -17.12 2.51
N LEU C 33 10.16 -17.25 2.96
CA LEU C 33 9.05 -16.49 2.32
C LEU C 33 8.02 -16.15 3.42
N LYS C 34 7.46 -14.97 3.41
CA LYS C 34 6.47 -14.61 4.47
C LYS C 34 5.18 -14.08 3.81
N ILE C 35 4.03 -14.54 4.25
CA ILE C 35 2.75 -14.07 3.65
C ILE C 35 1.82 -13.59 4.77
N MET C 36 0.89 -12.72 4.48
CA MET C 36 -0.02 -12.23 5.56
C MET C 36 -1.45 -12.13 5.02
N LYS C 37 -1.90 -13.10 4.28
CA LYS C 37 -3.29 -13.06 3.74
C LYS C 37 -4.27 -13.35 4.88
N ASP C 38 -5.50 -13.67 4.56
CA ASP C 38 -6.51 -13.95 5.63
C ASP C 38 -7.19 -15.31 5.39
N PRO C 39 -6.41 -16.35 5.22
CA PRO C 39 -6.95 -17.73 4.99
C PRO C 39 -7.41 -18.38 6.30
N ALA C 40 -7.20 -17.71 7.40
CA ALA C 40 -7.59 -18.29 8.72
C ALA C 40 -8.29 -17.22 9.55
N THR C 41 -8.93 -16.27 8.91
CA THR C 41 -9.62 -15.20 9.67
C THR C 41 -10.78 -14.65 8.84
N GLY C 42 -10.51 -14.22 7.65
CA GLY C 42 -11.59 -13.65 6.80
C GLY C 42 -10.99 -13.08 5.51
N ARG C 43 -10.82 -11.80 5.45
CA ARG C 43 -10.23 -11.17 4.23
C ARG C 43 -9.20 -10.12 4.64
N SER C 44 -8.08 -10.09 3.98
CA SER C 44 -7.03 -9.09 4.32
C SER C 44 -6.18 -8.80 3.09
N ARG C 45 -5.33 -7.81 3.16
CA ARG C 45 -4.47 -7.48 1.98
C ARG C 45 -3.93 -8.79 1.38
N GLY C 46 -3.33 -8.72 0.23
CA GLY C 46 -2.78 -9.95 -0.39
C GLY C 46 -1.45 -9.63 -1.06
N PHE C 47 -0.37 -9.85 -0.36
CA PHE C 47 0.97 -9.58 -0.93
C PHE C 47 1.89 -10.73 -0.52
N GLY C 48 3.05 -10.82 -1.10
CA GLY C 48 3.97 -11.93 -0.71
C GLY C 48 5.39 -11.40 -0.56
N PHE C 49 6.09 -11.78 0.47
CA PHE C 49 7.50 -11.33 0.61
C PHE C 49 8.38 -12.54 0.27
N LEU C 50 8.94 -12.56 -0.91
CA LEU C 50 9.76 -13.74 -1.29
C LEU C 50 11.25 -13.42 -1.14
N SER C 51 11.90 -14.05 -0.19
CA SER C 51 13.35 -13.81 0.04
C SER C 51 14.16 -14.68 -0.94
N PHE C 52 14.12 -14.35 -2.19
CA PHE C 52 14.85 -15.18 -3.20
C PHE C 52 16.34 -15.19 -2.85
N GLU C 53 16.89 -16.33 -2.57
CA GLU C 53 18.33 -16.39 -2.23
C GLU C 53 19.16 -15.95 -3.44
N LYS C 54 18.91 -16.53 -4.58
CA LYS C 54 19.69 -16.16 -5.79
C LYS C 54 19.09 -14.91 -6.46
N PRO C 55 19.67 -13.73 -6.32
CA PRO C 55 19.14 -12.50 -6.95
C PRO C 55 18.73 -12.71 -8.42
N SER C 56 19.16 -13.79 -9.03
CA SER C 56 18.78 -14.04 -10.45
C SER C 56 17.28 -14.32 -10.56
N SER C 57 16.85 -15.46 -10.06
CA SER C 57 15.41 -15.83 -10.14
C SER C 57 14.54 -14.58 -9.93
N VAL C 58 15.03 -13.61 -9.22
CA VAL C 58 14.22 -12.38 -9.02
C VAL C 58 14.05 -11.66 -10.36
N ASP C 59 15.10 -11.52 -11.12
CA ASP C 59 14.99 -10.84 -12.44
C ASP C 59 14.01 -11.59 -13.34
N GLU C 60 14.14 -12.89 -13.41
CA GLU C 60 13.22 -13.69 -14.25
C GLU C 60 11.82 -13.63 -13.66
N VAL C 61 11.74 -13.69 -12.35
CA VAL C 61 10.42 -13.64 -11.68
C VAL C 61 9.76 -12.29 -11.93
N VAL C 62 10.46 -11.22 -11.72
CA VAL C 62 9.84 -9.89 -11.95
C VAL C 62 9.57 -9.71 -13.45
N LYS C 63 10.39 -10.30 -14.27
CA LYS C 63 10.19 -10.16 -15.74
C LYS C 63 9.12 -11.15 -16.22
N THR C 64 9.18 -12.37 -15.75
CA THR C 64 8.18 -13.40 -16.19
C THR C 64 6.78 -13.04 -15.69
N GLN C 65 5.77 -13.45 -16.42
CA GLN C 65 4.35 -13.14 -16.00
C GLN C 65 3.91 -14.13 -14.92
N HIS C 66 3.06 -13.71 -14.02
CA HIS C 66 2.60 -14.63 -12.93
C HIS C 66 1.08 -14.56 -12.78
N ILE C 67 0.44 -15.70 -12.71
CA ILE C 67 -1.04 -15.71 -12.54
C ILE C 67 -1.42 -16.77 -11.51
N LEU C 68 -1.42 -16.41 -10.26
CA LEU C 68 -1.77 -17.39 -9.19
C LEU C 68 -3.14 -17.99 -9.48
N ASP C 69 -4.19 -17.22 -9.32
CA ASP C 69 -5.56 -17.75 -9.59
C ASP C 69 -5.98 -17.36 -11.00
N GLY C 70 -5.07 -16.80 -11.76
CA GLY C 70 -5.40 -16.38 -13.15
C GLY C 70 -5.90 -14.94 -13.13
N LYS C 71 -5.73 -14.25 -12.03
CA LYS C 71 -6.19 -12.83 -11.95
C LYS C 71 -5.11 -11.91 -12.51
N VAL C 72 -4.17 -11.50 -11.69
CA VAL C 72 -3.09 -10.60 -12.16
C VAL C 72 -2.25 -10.12 -10.97
N ILE C 73 -1.16 -10.79 -10.70
CA ILE C 73 -0.30 -10.36 -9.54
C ILE C 73 0.87 -9.53 -10.07
N ASP C 74 1.51 -8.77 -9.22
CA ASP C 74 2.64 -7.91 -9.68
C ASP C 74 3.90 -8.16 -8.83
N PRO C 75 4.86 -8.90 -9.33
CA PRO C 75 6.13 -9.18 -8.61
C PRO C 75 7.15 -8.04 -8.80
N LYS C 76 7.84 -7.65 -7.75
CA LYS C 76 8.83 -6.55 -7.88
C LYS C 76 9.76 -6.54 -6.67
N ARG C 77 10.83 -5.78 -6.73
CA ARG C 77 11.77 -5.74 -5.57
C ARG C 77 11.03 -5.25 -4.32
N ALA C 78 11.51 -5.58 -3.16
CA ALA C 78 10.83 -5.15 -1.91
C ALA C 78 10.96 -3.64 -1.71
N ILE C 79 9.85 -2.96 -1.57
CA ILE C 79 9.88 -1.48 -1.35
C ILE C 79 8.54 -1.07 -0.72
N PRO C 80 8.51 -0.71 0.54
CA PRO C 80 7.25 -0.30 1.21
C PRO C 80 6.41 0.62 0.33
N ARG C 81 5.13 0.35 0.20
CA ARG C 81 4.28 1.20 -0.65
C ARG C 81 4.39 2.65 -0.17
N ASP C 82 4.50 2.86 1.11
CA ASP C 82 4.63 4.25 1.60
C ASP C 82 5.78 4.91 0.84
N GLU C 83 6.85 4.18 0.63
CA GLU C 83 7.99 4.74 -0.13
C GLU C 83 7.58 4.88 -1.59
N GLN C 84 6.79 3.95 -2.09
CA GLN C 84 6.34 4.04 -3.51
C GLN C 84 5.60 5.37 -3.71
N ASP C 85 4.84 5.78 -2.74
CA ASP C 85 4.11 7.07 -2.87
C ASP C 85 5.09 8.25 -2.85
N LYS C 86 6.12 8.15 -2.05
CA LYS C 86 7.13 9.25 -1.95
C LYS C 86 7.80 9.48 -3.32
N THR C 87 7.92 8.47 -4.12
CA THR C 87 8.57 8.65 -5.45
C THR C 87 7.73 9.59 -6.33
N GLY C 88 6.47 9.73 -6.03
CA GLY C 88 5.61 10.63 -6.87
C GLY C 88 4.62 9.77 -7.66
N LYS C 89 3.38 9.69 -7.26
CA LYS C 89 2.42 8.85 -8.02
C LYS C 89 1.13 9.64 -8.28
N ILE C 90 0.73 9.71 -9.52
CA ILE C 90 -0.51 10.46 -9.86
C ILE C 90 -1.57 9.48 -10.37
N PHE C 91 -2.79 9.72 -10.00
CA PHE C 91 -3.90 8.84 -10.47
C PHE C 91 -4.39 9.39 -11.81
N VAL C 92 -5.14 8.62 -12.55
CA VAL C 92 -5.63 9.10 -13.87
C VAL C 92 -7.11 8.74 -14.05
N GLY C 93 -7.91 9.70 -14.45
CA GLY C 93 -9.36 9.43 -14.65
C GLY C 93 -9.69 9.45 -16.14
N GLY C 94 -10.57 8.58 -16.57
CA GLY C 94 -10.94 8.56 -18.02
C GLY C 94 -10.04 7.61 -18.79
N ILE C 95 -10.13 6.33 -18.55
CA ILE C 95 -9.28 5.36 -19.29
C ILE C 95 -10.19 4.47 -20.15
N GLY C 96 -9.82 4.27 -21.39
CA GLY C 96 -10.65 3.42 -22.29
C GLY C 96 -10.67 1.98 -21.78
N PRO C 97 -11.67 1.23 -22.14
CA PRO C 97 -11.81 -0.20 -21.71
C PRO C 97 -10.71 -1.09 -22.29
N ASP C 98 -10.09 -0.69 -23.36
CA ASP C 98 -9.01 -1.53 -23.97
C ASP C 98 -7.73 -0.71 -24.11
N VAL C 99 -7.28 -0.11 -23.04
CA VAL C 99 -6.04 0.72 -23.14
C VAL C 99 -4.84 -0.06 -22.59
N ARG C 100 -4.81 -1.36 -22.82
CA ARG C 100 -3.71 -2.26 -22.31
C ARG C 100 -2.47 -1.44 -21.86
N PRO C 101 -1.77 -1.92 -20.85
CA PRO C 101 -0.58 -1.21 -20.29
C PRO C 101 0.52 -0.97 -21.33
N LYS C 102 0.52 -1.70 -22.41
CA LYS C 102 1.57 -1.47 -23.45
C LYS C 102 1.66 0.04 -23.69
N GLU C 103 0.64 0.62 -24.26
CA GLU C 103 0.67 2.08 -24.48
C GLU C 103 0.80 2.76 -23.13
N PHE C 104 -0.30 3.10 -22.50
CA PHE C 104 -0.27 3.76 -21.14
C PHE C 104 1.16 3.82 -20.58
N GLU C 105 1.73 2.68 -20.25
CA GLU C 105 3.13 2.64 -19.72
C GLU C 105 4.08 3.34 -20.69
N GLU C 106 3.98 3.01 -21.95
CA GLU C 106 4.82 3.66 -22.97
C GLU C 106 4.35 5.10 -23.17
N PHE C 107 3.05 5.29 -23.28
CA PHE C 107 2.48 6.65 -23.48
C PHE C 107 3.05 7.63 -22.46
N PHE C 108 2.60 7.59 -21.24
CA PHE C 108 3.11 8.57 -20.24
C PHE C 108 4.63 8.68 -20.35
N SER C 109 5.32 7.58 -20.46
CA SER C 109 6.80 7.64 -20.57
C SER C 109 7.17 8.85 -21.44
N GLN C 110 6.38 9.12 -22.42
CA GLN C 110 6.61 10.28 -23.34
C GLN C 110 7.06 11.54 -22.57
N TRP C 111 6.98 11.54 -21.26
CA TRP C 111 7.46 12.75 -20.51
C TRP C 111 7.78 12.39 -19.06
N GLY C 112 8.47 11.29 -18.85
CA GLY C 112 8.83 10.91 -17.45
C GLY C 112 9.05 9.40 -17.36
N THR C 113 10.20 8.98 -16.91
CA THR C 113 10.45 7.51 -16.78
C THR C 113 9.38 6.89 -15.90
N ILE C 114 8.90 5.72 -16.23
CA ILE C 114 7.82 5.11 -15.40
C ILE C 114 8.41 4.07 -14.43
N ILE C 115 8.40 4.36 -13.16
CA ILE C 115 8.95 3.40 -12.18
C ILE C 115 7.98 2.22 -12.03
N ASP C 116 6.72 2.46 -11.80
CA ASP C 116 5.77 1.33 -11.63
C ASP C 116 4.37 1.68 -12.17
N ALA C 117 4.25 2.70 -12.99
CA ALA C 117 2.91 3.09 -13.55
C ALA C 117 1.99 1.86 -13.63
N GLN C 118 0.75 2.00 -13.27
CA GLN C 118 -0.17 0.83 -13.30
C GLN C 118 -1.49 1.18 -13.99
N LEU C 119 -1.86 0.43 -15.00
CA LEU C 119 -3.15 0.66 -15.70
C LEU C 119 -3.94 -0.64 -15.60
N MET C 120 -5.18 -0.59 -15.17
CA MET C 120 -5.96 -1.85 -15.04
C MET C 120 -6.91 -2.00 -16.22
N LEU C 121 -7.44 -3.19 -16.44
CA LEU C 121 -8.37 -3.38 -17.61
C LEU C 121 -9.48 -4.38 -17.25
N ASP C 122 -10.31 -4.71 -18.21
CA ASP C 122 -11.42 -5.68 -17.96
C ASP C 122 -10.88 -6.87 -17.16
N LYS C 123 -10.37 -7.87 -17.82
CA LYS C 123 -9.82 -9.05 -17.09
C LYS C 123 -8.30 -9.01 -17.17
N ASP C 124 -7.76 -8.31 -18.12
CA ASP C 124 -6.27 -8.23 -18.22
C ASP C 124 -5.73 -7.81 -16.87
N THR C 125 -6.50 -7.10 -16.11
CA THR C 125 -6.04 -6.65 -14.76
C THR C 125 -7.22 -6.69 -13.78
N GLY C 126 -8.41 -6.92 -14.25
CA GLY C 126 -9.59 -6.97 -13.33
C GLY C 126 -10.08 -5.54 -13.02
N GLN C 127 -10.56 -4.85 -14.01
CA GLN C 127 -11.04 -3.45 -13.78
C GLN C 127 -11.73 -2.93 -15.04
N SER C 128 -12.48 -1.87 -14.92
CA SER C 128 -13.17 -1.31 -16.12
C SER C 128 -13.77 0.04 -15.76
N ARG C 129 -13.59 0.48 -14.54
CA ARG C 129 -14.14 1.79 -14.13
C ARG C 129 -13.62 2.89 -15.06
N GLY C 130 -12.43 2.73 -15.58
CA GLY C 130 -11.89 3.75 -16.52
C GLY C 130 -10.79 4.59 -15.87
N PHE C 131 -10.18 4.10 -14.82
CA PHE C 131 -9.10 4.89 -14.14
C PHE C 131 -7.73 4.24 -14.38
N GLY C 132 -6.68 4.88 -13.93
CA GLY C 132 -5.31 4.33 -14.14
C GLY C 132 -4.35 5.02 -13.18
N PHE C 133 -3.08 4.73 -13.23
CA PHE C 133 -2.14 5.40 -12.28
C PHE C 133 -0.77 5.52 -12.95
N VAL C 134 -0.01 6.53 -12.62
CA VAL C 134 1.35 6.68 -13.22
C VAL C 134 2.34 6.90 -12.08
N THR C 135 3.57 6.47 -12.22
CA THR C 135 4.55 6.70 -11.11
C THR C 135 5.86 7.25 -11.71
N TYR C 136 6.27 8.41 -11.28
CA TYR C 136 7.53 9.00 -11.82
C TYR C 136 8.55 9.11 -10.68
N ASP C 137 9.79 8.78 -10.91
CA ASP C 137 10.80 8.95 -9.83
C ASP C 137 10.86 10.42 -9.50
N SER C 138 11.00 11.23 -10.51
CA SER C 138 11.04 12.69 -10.30
C SER C 138 9.66 13.14 -9.83
N ALA C 139 9.55 13.79 -8.71
CA ALA C 139 8.20 14.25 -8.33
C ALA C 139 7.94 15.48 -9.20
N ASP C 140 9.01 16.13 -9.57
CA ASP C 140 8.89 17.32 -10.45
C ASP C 140 8.04 16.97 -11.66
N ALA C 141 8.23 15.80 -12.23
CA ALA C 141 7.40 15.41 -13.42
C ALA C 141 5.92 15.51 -13.01
N VAL C 142 5.57 15.01 -11.88
CA VAL C 142 4.15 15.11 -11.45
C VAL C 142 3.78 16.59 -11.50
N ASP C 143 4.54 17.40 -10.81
CA ASP C 143 4.28 18.86 -10.79
C ASP C 143 4.25 19.40 -12.23
N ARG C 144 4.97 18.78 -13.12
CA ARG C 144 5.00 19.25 -14.54
C ARG C 144 3.67 18.93 -15.20
N VAL C 145 3.34 17.68 -15.33
CA VAL C 145 2.06 17.30 -15.98
C VAL C 145 0.89 17.89 -15.18
N CYS C 146 1.09 18.14 -13.91
CA CYS C 146 -0.02 18.70 -13.09
C CYS C 146 -0.71 19.82 -13.88
N GLN C 147 0.03 20.83 -14.27
CA GLN C 147 -0.59 21.94 -15.04
C GLN C 147 -1.37 21.36 -16.22
N ASN C 148 -0.99 20.20 -16.68
CA ASN C 148 -1.72 19.57 -17.81
C ASN C 148 -2.67 18.51 -17.26
N LYS C 149 -3.87 18.87 -16.87
CA LYS C 149 -4.81 17.85 -16.33
C LYS C 149 -5.35 17.02 -17.51
N PHE C 150 -6.38 17.49 -18.17
CA PHE C 150 -6.96 16.73 -19.31
C PHE C 150 -5.90 16.49 -20.39
N ILE C 151 -5.72 15.25 -20.80
CA ILE C 151 -4.70 14.97 -21.87
C ILE C 151 -5.25 13.94 -22.87
N ASP C 152 -4.94 14.13 -24.13
CA ASP C 152 -5.43 13.23 -25.20
C ASP C 152 -4.78 11.85 -25.07
N PHE C 153 -5.55 10.82 -25.33
CA PHE C 153 -5.01 9.44 -25.22
C PHE C 153 -6.05 8.49 -25.82
N LYS C 154 -5.83 7.20 -25.73
CA LYS C 154 -6.82 6.23 -26.31
C LYS C 154 -8.24 6.78 -26.21
N ASP C 155 -8.50 7.56 -25.21
CA ASP C 155 -9.86 8.14 -25.06
C ASP C 155 -9.95 9.45 -25.85
N ARG C 156 -9.52 10.55 -25.28
CA ARG C 156 -9.59 11.84 -26.02
C ARG C 156 -9.08 13.00 -25.15
N LYS C 157 -9.22 12.90 -23.85
CA LYS C 157 -8.74 14.00 -22.97
C LYS C 157 -8.77 13.53 -21.50
N ILE C 158 -8.20 12.38 -21.26
CA ILE C 158 -8.24 11.79 -19.88
C ILE C 158 -7.80 12.81 -18.84
N GLU C 159 -8.49 12.85 -17.73
CA GLU C 159 -8.17 13.82 -16.66
C GLU C 159 -7.07 13.29 -15.74
N ILE C 160 -5.94 13.94 -15.72
CA ILE C 160 -4.84 13.46 -14.84
C ILE C 160 -5.08 14.00 -13.42
N LYS C 161 -4.51 13.40 -12.41
CA LYS C 161 -4.72 13.93 -11.03
C LYS C 161 -3.71 13.29 -10.08
N ARG C 162 -3.56 13.83 -8.90
CA ARG C 162 -2.57 13.24 -7.94
C ARG C 162 -3.18 12.00 -7.27
N ALA C 163 -2.41 10.96 -7.07
CA ALA C 163 -2.96 9.73 -6.41
C ALA C 163 -3.23 10.04 -4.94
N GLU C 164 -2.45 10.92 -4.39
CA GLU C 164 -2.60 11.30 -2.96
C GLU C 164 -1.52 12.32 -2.60
N PRO C 165 -1.75 13.15 -1.62
CA PRO C 165 -0.75 14.18 -1.19
C PRO C 165 0.44 13.56 -0.46
N ARG C 166 1.63 14.00 -0.76
CA ARG C 166 2.83 13.44 -0.08
C ARG C 166 4.09 14.12 -0.63
N HIS C 167 4.04 14.53 -1.87
CA HIS C 167 5.23 15.21 -2.48
C HIS C 167 6.38 14.21 -2.58
N ASN B 1 12.29 10.29 8.42
CA ASN B 1 10.92 9.94 8.89
C ASN B 1 11.01 8.81 9.93
N PRO B 2 11.04 9.14 11.20
CA PRO B 2 11.14 8.13 12.29
C PRO B 2 9.91 7.21 12.34
N PRO B 3 10.08 5.98 12.77
CA PRO B 3 8.95 5.00 12.88
C PRO B 3 8.17 5.13 14.19
N SER B 4 8.16 6.28 14.81
CA SER B 4 7.41 6.41 16.08
C SER B 4 6.86 7.84 16.25
N ARG B 5 5.59 7.97 16.47
CA ARG B 5 4.99 9.32 16.65
C ARG B 5 3.49 9.18 16.91
N VAL B 6 2.80 8.42 16.09
CA VAL B 6 1.34 8.25 16.29
C VAL B 6 0.99 6.78 16.40
N VAL B 7 -0.10 6.49 17.04
CA VAL B 7 -0.53 5.08 17.23
C VAL B 7 -1.74 4.82 16.35
N TYR B 8 -1.77 3.67 15.73
CA TYR B 8 -2.92 3.34 14.82
C TYR B 8 -3.89 2.39 15.52
N LEU B 9 -5.16 2.68 15.45
CA LEU B 9 -6.17 1.79 16.09
C LEU B 9 -7.08 1.22 15.01
N GLY B 10 -7.13 -0.07 14.91
CA GLY B 10 -7.99 -0.71 13.87
C GLY B 10 -9.12 -1.51 14.53
N SER B 11 -8.94 -2.79 14.74
CA SER B 11 -10.03 -3.60 15.35
C SER B 11 -10.24 -3.21 16.81
N ILE B 12 -11.36 -2.58 17.08
CA ILE B 12 -11.68 -2.16 18.47
C ILE B 12 -13.20 -1.91 18.56
N PRO B 13 -13.90 -2.51 19.49
CA PRO B 13 -15.37 -2.33 19.61
C PRO B 13 -15.74 -0.96 20.21
N TYR B 14 -16.99 -0.63 20.18
CA TYR B 14 -17.45 0.67 20.73
C TYR B 14 -17.30 0.66 22.25
N ASP B 15 -16.74 -0.38 22.80
CA ASP B 15 -16.54 -0.43 24.27
C ASP B 15 -15.67 0.74 24.72
N GLN B 16 -14.67 1.08 23.93
CA GLN B 16 -13.77 2.21 24.33
C GLN B 16 -13.64 3.18 23.15
N THR B 17 -14.10 4.39 23.33
CA THR B 17 -14.04 5.38 22.20
C THR B 17 -13.07 6.54 22.52
N GLU B 18 -13.42 7.75 22.16
CA GLU B 18 -12.52 8.91 22.41
C GLU B 18 -12.26 9.10 23.91
N GLU B 19 -13.23 8.83 24.72
CA GLU B 19 -13.02 9.01 26.19
C GLU B 19 -12.09 7.93 26.74
N GLN B 20 -12.40 6.69 26.49
CA GLN B 20 -11.55 5.60 27.02
C GLN B 20 -10.19 5.61 26.33
N ILE B 21 -10.16 5.77 25.03
CA ILE B 21 -8.84 5.80 24.33
C ILE B 21 -8.02 6.94 24.96
N LEU B 22 -8.60 8.12 25.02
CA LEU B 22 -7.90 9.31 25.62
C LEU B 22 -7.05 8.88 26.82
N ASP B 23 -7.34 7.78 27.45
CA ASP B 23 -6.49 7.34 28.62
C ASP B 23 -5.94 5.93 28.40
N LEU B 24 -6.59 5.10 27.63
CA LEU B 24 -6.03 3.74 27.42
C LEU B 24 -4.64 3.91 26.80
N CYS B 25 -4.50 4.82 25.89
CA CYS B 25 -3.17 5.03 25.26
C CYS B 25 -2.38 6.03 26.11
N SER B 26 -2.87 7.23 26.21
CA SER B 26 -2.17 8.26 27.00
C SER B 26 -1.63 7.65 28.28
N ASN B 27 -2.15 6.51 28.69
CA ASN B 27 -1.68 5.85 29.95
C ASN B 27 -0.14 5.91 30.03
N VAL B 28 0.37 7.09 30.12
CA VAL B 28 1.84 7.30 30.20
C VAL B 28 2.14 8.76 29.84
N GLY B 29 1.31 9.38 29.03
CA GLY B 29 1.57 10.80 28.66
C GLY B 29 0.35 11.38 27.92
N PRO B 30 -0.23 12.46 28.40
CA PRO B 30 -1.40 13.08 27.73
C PRO B 30 -1.17 13.24 26.23
N VAL B 31 -1.70 12.36 25.44
CA VAL B 31 -1.50 12.44 23.96
C VAL B 31 -1.81 13.86 23.47
N ILE B 32 -1.53 14.14 22.23
CA ILE B 32 -1.81 15.50 21.69
C ILE B 32 -3.01 15.45 20.73
N ASN B 33 -3.01 14.53 19.80
CA ASN B 33 -4.16 14.46 18.84
C ASN B 33 -4.87 13.13 18.97
N LEU B 34 -6.17 13.13 18.92
CA LEU B 34 -6.92 11.86 19.01
C LEU B 34 -8.09 11.93 18.03
N LYS B 35 -8.29 10.93 17.23
CA LYS B 35 -9.42 10.97 16.27
C LYS B 35 -10.15 9.63 16.24
N MET B 36 -11.42 9.63 16.54
CA MET B 36 -12.19 8.35 16.54
C MET B 36 -13.07 8.28 15.30
N MET B 37 -13.00 7.20 14.56
CA MET B 37 -13.84 7.08 13.34
C MET B 37 -14.19 5.61 13.09
N PHE B 38 -15.34 5.35 12.51
CA PHE B 38 -15.75 3.95 12.21
C PHE B 38 -15.57 3.71 10.70
N ASP B 39 -15.96 2.56 10.20
CA ASP B 39 -15.78 2.30 8.73
C ASP B 39 -17.15 2.12 8.06
N PRO B 40 -17.76 3.20 7.63
CA PRO B 40 -19.08 3.16 6.92
C PRO B 40 -18.97 2.54 5.53
N GLN B 41 -18.19 3.13 4.66
CA GLN B 41 -18.06 2.58 3.28
C GLN B 41 -16.98 1.50 3.25
N THR B 42 -15.76 1.87 3.55
CA THR B 42 -14.65 0.87 3.55
C THR B 42 -15.13 -0.39 4.27
N GLY B 43 -15.81 -0.24 5.37
CA GLY B 43 -16.32 -1.43 6.12
C GLY B 43 -15.17 -2.18 6.78
N ARG B 44 -14.04 -1.55 6.93
CA ARG B 44 -12.89 -2.24 7.57
C ARG B 44 -13.25 -2.63 9.00
N SER B 45 -13.91 -1.76 9.73
CA SER B 45 -14.29 -2.12 11.13
C SER B 45 -15.06 -0.97 11.80
N LYS B 46 -15.46 -1.17 13.03
CA LYS B 46 -16.20 -0.11 13.76
C LYS B 46 -15.37 0.30 14.98
N GLY B 47 -14.36 1.11 14.78
CA GLY B 47 -13.51 1.55 15.92
C GLY B 47 -12.10 1.87 15.40
N TYR B 48 -12.03 2.63 14.34
CA TYR B 48 -10.72 3.02 13.76
C TYR B 48 -10.34 4.40 14.29
N ALA B 49 -9.18 4.54 14.88
CA ALA B 49 -8.81 5.86 15.46
C ALA B 49 -7.30 6.12 15.40
N PHE B 50 -6.90 7.37 15.45
CA PHE B 50 -5.43 7.69 15.40
C PHE B 50 -5.07 8.57 16.60
N ILE B 51 -4.07 8.16 17.35
CA ILE B 51 -3.68 8.95 18.55
C ILE B 51 -2.25 9.47 18.45
N GLU B 52 -2.05 10.71 18.06
CA GLU B 52 -0.64 11.21 17.96
C GLU B 52 -0.13 11.65 19.33
N PHE B 53 1.00 11.12 19.72
CA PHE B 53 1.58 11.49 21.05
C PHE B 53 2.44 12.73 20.91
N ARG B 54 2.96 13.22 22.01
CA ARG B 54 3.79 14.45 21.97
C ARG B 54 4.95 14.25 21.01
N ASP B 55 5.58 13.10 21.04
CA ASP B 55 6.71 12.86 20.13
C ASP B 55 7.48 11.61 20.59
N LEU B 56 8.43 11.18 19.80
CA LEU B 56 9.21 9.95 20.17
C LEU B 56 9.46 9.92 21.67
N GLU B 57 9.36 11.03 22.34
CA GLU B 57 9.57 11.02 23.83
C GLU B 57 8.35 10.39 24.51
N SER B 58 7.25 11.08 24.50
CA SER B 58 6.03 10.51 25.12
C SER B 58 5.71 9.21 24.39
N SER B 59 5.77 9.21 23.08
CA SER B 59 5.48 7.98 22.30
C SER B 59 6.50 6.90 22.66
N ALA B 60 7.71 7.28 22.93
CA ALA B 60 8.70 6.23 23.31
C ALA B 60 8.14 5.50 24.51
N SER B 61 7.90 6.24 25.57
CA SER B 61 7.38 5.63 26.84
C SER B 61 5.97 5.03 26.67
N ALA B 62 5.11 5.69 25.95
CA ALA B 62 3.72 5.17 25.78
C ALA B 62 3.70 4.06 24.76
N VAL B 63 4.03 4.36 23.54
CA VAL B 63 4.01 3.30 22.51
C VAL B 63 4.83 2.10 23.02
N ARG B 64 5.97 2.30 23.62
CA ARG B 64 6.71 1.10 24.11
C ARG B 64 5.91 0.45 25.25
N ASN B 65 5.39 1.24 26.14
CA ASN B 65 4.62 0.66 27.29
C ASN B 65 3.30 0.03 26.83
N LEU B 66 2.60 0.64 25.90
CA LEU B 66 1.29 0.07 25.46
C LEU B 66 1.32 -0.34 23.97
N ASN B 67 2.41 -0.07 23.30
CA ASN B 67 2.56 -0.40 21.82
C ASN B 67 1.48 -1.37 21.39
N GLY B 68 1.67 -2.62 21.66
CA GLY B 68 0.64 -3.63 21.29
C GLY B 68 0.36 -4.47 22.52
N TYR B 69 -0.77 -4.32 23.15
CA TYR B 69 -1.06 -5.11 24.36
C TYR B 69 -2.45 -5.74 24.20
N GLN B 70 -2.62 -6.95 24.67
CA GLN B 70 -3.94 -7.65 24.55
C GLN B 70 -5.10 -6.66 24.60
N LEU B 71 -5.57 -6.20 23.46
CA LEU B 71 -6.70 -5.24 23.45
C LEU B 71 -7.56 -5.45 22.19
N GLY B 72 -8.85 -5.52 22.36
CA GLY B 72 -9.75 -5.70 21.19
C GLY B 72 -9.27 -6.86 20.31
N SER B 73 -9.65 -6.88 19.06
CA SER B 73 -9.21 -7.99 18.17
C SER B 73 -7.77 -7.71 17.74
N ARG B 74 -7.34 -6.48 17.84
CA ARG B 74 -5.96 -6.13 17.46
C ARG B 74 -5.40 -5.18 18.51
N PHE B 75 -4.13 -5.27 18.76
CA PHE B 75 -3.53 -4.41 19.79
C PHE B 75 -2.98 -3.14 19.14
N LEU B 76 -3.08 -2.05 19.82
CA LEU B 76 -2.58 -0.77 19.24
C LEU B 76 -1.18 -1.00 18.65
N LYS B 77 -0.77 -0.17 17.74
CA LYS B 77 0.57 -0.35 17.13
C LYS B 77 1.27 1.01 16.96
N CYS B 78 2.57 1.04 17.07
CA CYS B 78 3.32 2.31 16.91
C CYS B 78 3.41 2.66 15.43
N GLY B 79 2.91 3.80 15.03
CA GLY B 79 2.96 4.16 13.60
C GLY B 79 3.38 5.63 13.44
N TYR B 80 3.58 6.06 12.22
CA TYR B 80 3.98 7.47 11.99
C TYR B 80 3.40 7.96 10.66
N SER B 81 2.68 9.05 10.68
CA SER B 81 2.09 9.58 9.41
C SER B 81 2.25 11.10 9.37
N SER B 82 3.21 11.58 8.63
CA SER B 82 3.41 13.06 8.55
C SER B 82 4.53 13.38 7.56
N ASN B 83 4.27 14.23 6.61
CA ASN B 83 5.33 14.59 5.62
C ASN B 83 5.72 16.06 5.81
N SER B 84 6.98 16.36 5.77
CA SER B 84 7.42 17.78 5.94
C SER B 84 6.91 18.62 4.78
N LYS C 1 24.14 -6.05 4.55
CA LYS C 1 23.68 -7.15 5.45
C LYS C 1 22.22 -7.47 5.13
N GLU C 2 21.85 -7.44 3.87
CA GLU C 2 20.44 -7.72 3.48
C GLU C 2 20.39 -9.01 2.65
N SER C 3 19.23 -9.59 2.51
CA SER C 3 19.11 -10.85 1.72
C SER C 3 18.30 -10.56 0.44
N CYS C 4 18.49 -11.37 -0.58
CA CYS C 4 17.76 -11.17 -1.85
C CYS C 4 16.26 -11.15 -1.57
N LYS C 5 15.77 -10.05 -1.07
CA LYS C 5 14.32 -9.94 -0.73
C LYS C 5 13.53 -9.46 -1.96
N MET C 6 12.40 -10.07 -2.20
CA MET C 6 11.56 -9.68 -3.36
C MET C 6 10.23 -9.14 -2.86
N PHE C 7 9.63 -8.24 -3.60
CA PHE C 7 8.33 -7.67 -3.20
C PHE C 7 7.27 -8.05 -4.23
N ILE C 8 6.21 -8.68 -3.80
CA ILE C 8 5.15 -9.07 -4.76
C ILE C 8 3.97 -8.13 -4.58
N GLY C 9 3.42 -7.62 -5.65
CA GLY C 9 2.26 -6.70 -5.54
C GLY C 9 1.19 -7.13 -6.53
N GLY C 10 0.02 -6.57 -6.48
CA GLY C 10 -1.05 -6.99 -7.43
C GLY C 10 -1.47 -8.41 -7.09
N LEU C 11 -1.36 -8.78 -5.84
CA LEU C 11 -1.73 -10.15 -5.41
C LEU C 11 -3.25 -10.28 -5.31
N ASN C 12 -3.75 -11.45 -5.52
CA ASN C 12 -5.23 -11.65 -5.40
C ASN C 12 -5.55 -11.68 -3.90
N TRP C 13 -6.74 -11.32 -3.53
CA TRP C 13 -7.08 -11.31 -2.09
C TRP C 13 -7.15 -12.76 -1.56
N ASP C 14 -6.56 -13.69 -2.25
CA ASP C 14 -6.60 -15.10 -1.77
C ASP C 14 -5.29 -15.84 -2.10
N THR C 15 -4.29 -15.71 -1.27
CA THR C 15 -3.01 -16.41 -1.54
C THR C 15 -2.35 -16.82 -0.22
N THR C 16 -2.14 -18.07 0.00
CA THR C 16 -1.50 -18.54 1.28
C THR C 16 0.00 -18.68 1.07
N GLU C 17 0.79 -18.64 2.13
CA GLU C 17 2.26 -18.75 1.97
C GLU C 17 2.64 -20.09 1.34
N ASP C 18 2.49 -21.18 2.03
CA ASP C 18 2.88 -22.49 1.45
C ASP C 18 2.45 -22.57 -0.01
N ASN C 19 1.31 -22.01 -0.32
CA ASN C 19 0.83 -22.03 -1.73
C ASN C 19 1.53 -20.94 -2.53
N LEU C 20 1.59 -19.73 -2.00
CA LEU C 20 2.25 -18.64 -2.76
C LEU C 20 3.70 -19.04 -3.06
N ARG C 21 4.38 -19.63 -2.12
CA ARG C 21 5.77 -20.06 -2.40
C ARG C 21 5.69 -21.19 -3.41
N GLU C 22 4.98 -22.25 -3.09
CA GLU C 22 4.87 -23.38 -4.05
C GLU C 22 4.72 -22.82 -5.46
N TYR C 23 4.12 -21.67 -5.58
CA TYR C 23 3.99 -21.04 -6.92
C TYR C 23 5.36 -20.47 -7.33
N PHE C 24 6.00 -19.73 -6.45
CA PHE C 24 7.32 -19.13 -6.80
C PHE C 24 8.40 -20.21 -6.75
N GLY C 25 8.68 -20.82 -5.62
CA GLY C 25 9.76 -21.87 -5.56
C GLY C 25 9.77 -22.78 -6.80
N LYS C 26 8.95 -22.52 -7.78
CA LYS C 26 8.96 -23.29 -9.03
C LYS C 26 10.30 -23.05 -9.72
N TYR C 27 10.90 -21.90 -9.49
CA TYR C 27 12.22 -21.59 -10.12
C TYR C 27 13.32 -22.31 -9.33
N GLY C 28 13.17 -22.40 -8.04
CA GLY C 28 14.22 -23.08 -7.22
C GLY C 28 13.73 -23.21 -5.77
N THR C 29 14.49 -22.74 -4.83
CA THR C 29 14.09 -22.85 -3.40
C THR C 29 14.19 -21.49 -2.72
N VAL C 30 13.44 -21.27 -1.68
CA VAL C 30 13.50 -19.95 -0.97
C VAL C 30 13.92 -20.19 0.49
N THR C 31 14.41 -19.18 1.15
CA THR C 31 14.84 -19.36 2.56
C THR C 31 13.75 -18.86 3.52
N ASP C 32 13.17 -17.71 3.24
CA ASP C 32 12.11 -17.18 4.14
C ASP C 32 11.13 -16.31 3.34
N LEU C 33 9.89 -16.29 3.71
CA LEU C 33 8.90 -15.45 2.98
C LEU C 33 7.93 -14.83 4.00
N LYS C 34 7.46 -13.64 3.75
CA LYS C 34 6.52 -12.99 4.72
C LYS C 34 5.29 -12.46 3.98
N ILE C 35 4.11 -12.87 4.35
CA ILE C 35 2.89 -12.34 3.68
C ILE C 35 1.85 -12.00 4.75
N MET C 36 1.43 -10.77 4.81
CA MET C 36 0.42 -10.39 5.84
C MET C 36 -0.88 -9.99 5.13
N LYS C 37 -1.28 -10.77 4.17
CA LYS C 37 -2.55 -10.47 3.45
C LYS C 37 -3.70 -10.60 4.45
N ASP C 38 -4.92 -10.72 4.00
CA ASP C 38 -6.05 -10.85 4.97
C ASP C 38 -7.00 -11.99 4.54
N PRO C 39 -6.54 -13.21 4.58
CA PRO C 39 -7.35 -14.41 4.22
C PRO C 39 -7.95 -15.04 5.47
N ALA C 40 -7.66 -14.47 6.61
CA ALA C 40 -8.17 -15.04 7.89
C ALA C 40 -8.75 -13.90 8.75
N THR C 41 -9.01 -12.77 8.15
CA THR C 41 -9.57 -11.63 8.92
C THR C 41 -10.58 -10.87 8.07
N GLY C 42 -10.15 -10.36 6.95
CA GLY C 42 -11.07 -9.60 6.06
C GLY C 42 -10.29 -9.02 4.90
N ARG C 43 -9.80 -7.81 5.04
CA ARG C 43 -9.01 -7.19 3.94
C ARG C 43 -7.86 -6.38 4.54
N SER C 44 -6.74 -6.36 3.87
CA SER C 44 -5.57 -5.59 4.38
C SER C 44 -4.59 -5.36 3.23
N ARG C 45 -3.71 -4.41 3.35
CA ARG C 45 -2.74 -4.16 2.25
C ARG C 45 -2.13 -5.49 1.81
N GLY C 46 -2.41 -5.91 0.61
CA GLY C 46 -1.85 -7.20 0.12
C GLY C 46 -0.42 -6.98 -0.40
N PHE C 47 0.56 -7.54 0.26
CA PHE C 47 1.96 -7.38 -0.20
C PHE C 47 2.69 -8.69 0.01
N GLY C 48 3.71 -8.97 -0.76
CA GLY C 48 4.43 -10.26 -0.58
C GLY C 48 5.92 -10.03 -0.30
N PHE C 49 6.50 -10.78 0.61
CA PHE C 49 7.95 -10.64 0.89
C PHE C 49 8.61 -11.98 0.54
N LEU C 50 9.28 -12.08 -0.57
CA LEU C 50 9.91 -13.38 -0.94
C LEU C 50 11.44 -13.31 -0.83
N SER C 51 11.99 -13.96 0.14
CA SER C 51 13.47 -13.98 0.29
C SER C 51 14.00 -15.22 -0.42
N PHE C 52 15.02 -15.09 -1.24
CA PHE C 52 15.54 -16.31 -1.94
C PHE C 52 16.97 -16.57 -1.47
N GLU C 53 17.34 -17.82 -1.33
CA GLU C 53 18.72 -18.12 -0.90
C GLU C 53 19.70 -17.72 -2.03
N LYS C 54 19.49 -18.21 -3.21
CA LYS C 54 20.42 -17.88 -4.33
C LYS C 54 19.94 -16.62 -5.10
N PRO C 55 20.61 -15.48 -4.97
CA PRO C 55 20.20 -14.25 -5.69
C PRO C 55 19.85 -14.47 -7.16
N SER C 56 20.30 -15.55 -7.76
CA SER C 56 19.97 -15.77 -9.20
C SER C 56 18.45 -15.90 -9.36
N SER C 57 17.89 -16.97 -8.88
CA SER C 57 16.41 -17.19 -9.01
C SER C 57 15.67 -15.86 -8.91
N VAL C 58 16.21 -14.90 -8.20
CA VAL C 58 15.52 -13.59 -8.09
C VAL C 58 15.46 -12.93 -9.48
N ASP C 59 16.50 -13.07 -10.26
CA ASP C 59 16.51 -12.45 -11.61
C ASP C 59 15.40 -13.07 -12.47
N GLU C 60 15.28 -14.37 -12.46
CA GLU C 60 14.21 -15.03 -13.25
C GLU C 60 12.85 -14.71 -12.65
N VAL C 61 12.78 -14.61 -11.35
CA VAL C 61 11.49 -14.29 -10.69
C VAL C 61 10.99 -12.91 -11.14
N VAL C 62 11.82 -11.92 -11.02
CA VAL C 62 11.40 -10.54 -11.42
C VAL C 62 11.23 -10.46 -12.94
N LYS C 63 12.08 -11.12 -13.68
CA LYS C 63 11.99 -11.09 -15.17
C LYS C 63 10.80 -11.94 -15.64
N THR C 64 10.66 -13.12 -15.11
CA THR C 64 9.56 -14.03 -15.55
C THR C 64 8.18 -13.49 -15.13
N GLN C 65 7.20 -13.73 -15.96
CA GLN C 65 5.81 -13.27 -15.65
C GLN C 65 5.16 -14.26 -14.67
N HIS C 66 4.26 -13.80 -13.85
CA HIS C 66 3.60 -14.71 -12.87
C HIS C 66 2.07 -14.58 -12.97
N ILE C 67 1.39 -15.70 -13.03
CA ILE C 67 -0.10 -15.65 -13.12
C ILE C 67 -0.70 -16.80 -12.30
N LEU C 68 -1.21 -16.53 -11.13
CA LEU C 68 -1.82 -17.60 -10.30
C LEU C 68 -3.16 -18.02 -10.93
N ASP C 69 -4.09 -17.11 -10.98
CA ASP C 69 -5.43 -17.44 -11.58
C ASP C 69 -5.56 -16.68 -12.90
N GLY C 70 -4.47 -16.14 -13.38
CA GLY C 70 -4.51 -15.37 -14.65
C GLY C 70 -4.60 -13.88 -14.33
N LYS C 71 -4.52 -13.53 -13.08
CA LYS C 71 -4.57 -12.09 -12.69
C LYS C 71 -3.24 -11.45 -13.08
N VAL C 72 -3.01 -10.22 -12.67
CA VAL C 72 -1.72 -9.57 -13.03
C VAL C 72 -0.97 -9.11 -11.78
N ILE C 73 0.02 -9.84 -11.37
CA ILE C 73 0.78 -9.46 -10.14
C ILE C 73 2.11 -8.81 -10.57
N ASP C 74 2.64 -7.92 -9.77
CA ASP C 74 3.91 -7.24 -10.15
C ASP C 74 5.02 -7.53 -9.13
N PRO C 75 6.00 -8.34 -9.48
CA PRO C 75 7.14 -8.66 -8.58
C PRO C 75 8.29 -7.67 -8.76
N LYS C 76 8.87 -7.20 -7.69
CA LYS C 76 9.99 -6.22 -7.83
C LYS C 76 10.98 -6.39 -6.68
N ARG C 77 12.24 -6.18 -6.94
CA ARG C 77 13.25 -6.30 -5.84
C ARG C 77 12.87 -5.35 -4.71
N ALA C 78 13.16 -5.71 -3.49
CA ALA C 78 12.78 -4.79 -2.37
C ALA C 78 13.17 -3.36 -2.74
N ILE C 79 12.29 -2.42 -2.52
CA ILE C 79 12.60 -1.00 -2.88
C ILE C 79 12.77 -0.18 -1.59
N PRO C 80 13.90 0.48 -1.41
CA PRO C 80 14.14 1.32 -0.19
C PRO C 80 12.93 2.17 0.17
N ARG C 81 12.66 2.33 1.44
CA ARG C 81 11.48 3.14 1.87
C ARG C 81 11.58 4.56 1.32
N ASP C 82 12.73 5.17 1.39
CA ASP C 82 12.85 6.57 0.89
C ASP C 82 12.55 6.62 -0.61
N GLU C 83 12.99 5.64 -1.36
CA GLU C 83 12.72 5.64 -2.82
C GLU C 83 11.23 5.43 -3.06
N GLN C 84 10.63 4.53 -2.34
CA GLN C 84 9.17 4.27 -2.53
C GLN C 84 8.37 5.52 -2.14
N ASP C 85 8.72 6.12 -1.04
CA ASP C 85 7.98 7.34 -0.60
C ASP C 85 8.15 8.46 -1.63
N LYS C 86 9.34 8.63 -2.15
CA LYS C 86 9.58 9.70 -3.15
C LYS C 86 8.71 9.45 -4.38
N THR C 87 8.69 8.25 -4.89
CA THR C 87 7.88 7.96 -6.09
C THR C 87 6.43 8.38 -5.86
N GLY C 88 5.82 9.00 -6.83
CA GLY C 88 4.41 9.44 -6.68
C GLY C 88 3.52 8.60 -7.61
N LYS C 89 2.29 8.38 -7.23
CA LYS C 89 1.39 7.56 -8.09
C LYS C 89 0.07 8.30 -8.31
N ILE C 90 -0.37 8.36 -9.54
CA ILE C 90 -1.65 9.06 -9.84
C ILE C 90 -2.61 8.08 -10.50
N PHE C 91 -3.88 8.35 -10.41
CA PHE C 91 -4.89 7.45 -11.02
C PHE C 91 -5.45 8.09 -12.29
N VAL C 92 -5.57 7.33 -13.35
CA VAL C 92 -6.08 7.90 -14.62
C VAL C 92 -7.57 7.60 -14.77
N GLY C 93 -8.32 8.61 -15.10
CA GLY C 93 -9.80 8.46 -15.29
C GLY C 93 -10.14 8.55 -16.77
N GLY C 94 -11.13 7.81 -17.22
CA GLY C 94 -11.50 7.86 -18.66
C GLY C 94 -10.70 6.82 -19.44
N ILE C 95 -10.04 5.94 -18.75
CA ILE C 95 -9.23 4.90 -19.44
C ILE C 95 -9.59 3.52 -18.88
N GLY C 96 -9.40 2.48 -19.64
CA GLY C 96 -9.73 1.12 -19.13
C GLY C 96 -10.58 0.35 -20.15
N PRO C 97 -11.51 1.02 -20.79
CA PRO C 97 -12.42 0.38 -21.79
C PRO C 97 -11.66 -0.47 -22.82
N ASP C 98 -11.77 -0.15 -24.08
CA ASP C 98 -11.08 -0.97 -25.12
C ASP C 98 -9.60 -0.54 -25.23
N VAL C 99 -9.08 0.12 -24.25
CA VAL C 99 -7.65 0.55 -24.31
C VAL C 99 -6.75 -0.53 -23.71
N ARG C 100 -5.63 -0.76 -24.33
CA ARG C 100 -4.68 -1.79 -23.81
C ARG C 100 -3.51 -1.07 -23.13
N PRO C 101 -2.85 -1.72 -22.20
CA PRO C 101 -1.69 -1.11 -21.47
C PRO C 101 -0.53 -0.76 -22.40
N LYS C 102 -0.43 -1.43 -23.50
CA LYS C 102 0.69 -1.17 -24.46
C LYS C 102 0.76 0.33 -24.76
N GLU C 103 -0.24 0.88 -25.38
CA GLU C 103 -0.20 2.33 -25.67
C GLU C 103 -0.11 3.08 -24.36
N PHE C 104 -1.20 3.22 -23.66
CA PHE C 104 -1.20 3.93 -22.32
C PHE C 104 0.24 4.13 -21.83
N GLU C 105 0.93 3.05 -21.54
CA GLU C 105 2.35 3.15 -21.06
C GLU C 105 3.24 3.86 -22.10
N GLU C 106 3.13 3.49 -23.35
CA GLU C 106 3.95 4.17 -24.40
C GLU C 106 3.40 5.59 -24.62
N PHE C 107 2.20 5.82 -24.17
CA PHE C 107 1.58 7.15 -24.31
C PHE C 107 2.15 8.07 -23.23
N PHE C 108 1.65 7.98 -22.02
CA PHE C 108 2.17 8.89 -20.95
C PHE C 108 3.69 9.06 -21.12
N SER C 109 4.35 7.96 -21.41
CA SER C 109 5.83 8.01 -21.61
C SER C 109 6.20 9.39 -22.17
N GLN C 110 5.34 9.91 -23.03
CA GLN C 110 5.57 11.27 -23.62
C GLN C 110 6.01 12.28 -22.55
N TRP C 111 5.70 12.04 -21.32
CA TRP C 111 6.15 13.00 -20.26
C TRP C 111 6.33 12.25 -18.95
N GLY C 112 7.21 12.71 -18.13
CA GLY C 112 7.46 12.02 -16.84
C GLY C 112 8.42 10.87 -17.13
N THR C 113 8.84 10.15 -16.12
CA THR C 113 9.77 9.02 -16.35
C THR C 113 9.09 7.71 -15.97
N ILE C 114 7.78 7.69 -15.90
CA ILE C 114 7.02 6.47 -15.46
C ILE C 114 7.84 5.19 -15.47
N ILE C 115 8.20 4.76 -14.28
CA ILE C 115 8.95 3.49 -14.13
C ILE C 115 7.96 2.33 -14.12
N ASP C 116 6.79 2.56 -13.57
CA ASP C 116 5.76 1.49 -13.50
C ASP C 116 4.41 2.07 -13.96
N ALA C 117 4.07 1.87 -15.20
CA ALA C 117 2.79 2.41 -15.75
C ALA C 117 1.83 1.25 -15.99
N GLN C 118 0.59 1.36 -15.55
CA GLN C 118 -0.34 0.21 -15.78
C GLN C 118 -1.81 0.63 -15.65
N LEU C 119 -2.58 0.27 -16.64
CA LEU C 119 -4.04 0.57 -16.60
C LEU C 119 -4.78 -0.68 -16.10
N MET C 120 -5.98 -0.55 -15.58
CA MET C 120 -6.68 -1.75 -15.07
C MET C 120 -7.60 -2.30 -16.17
N LEU C 121 -8.11 -3.49 -15.99
CA LEU C 121 -8.99 -4.09 -17.04
C LEU C 121 -10.02 -5.03 -16.37
N ASP C 122 -10.52 -5.99 -17.11
CA ASP C 122 -11.53 -6.94 -16.55
C ASP C 122 -11.01 -7.59 -15.27
N LYS C 123 -11.49 -8.75 -14.96
CA LYS C 123 -11.05 -9.44 -13.72
C LYS C 123 -9.52 -9.45 -13.64
N ASP C 124 -8.86 -9.05 -14.68
CA ASP C 124 -7.37 -9.06 -14.68
C ASP C 124 -6.84 -8.20 -13.54
N THR C 125 -7.04 -6.91 -13.62
CA THR C 125 -6.55 -6.01 -12.55
C THR C 125 -7.68 -5.07 -12.13
N GLY C 126 -7.90 -4.94 -10.86
CA GLY C 126 -8.98 -4.03 -10.39
C GLY C 126 -10.30 -4.45 -11.03
N GLN C 127 -10.97 -3.56 -11.71
CA GLN C 127 -12.25 -3.92 -12.35
C GLN C 127 -12.43 -3.13 -13.65
N SER C 128 -13.06 -3.72 -14.62
CA SER C 128 -13.27 -3.02 -15.91
C SER C 128 -14.15 -1.79 -15.72
N ARG C 129 -14.25 -1.26 -14.52
CA ARG C 129 -15.10 -0.04 -14.31
C ARG C 129 -14.68 1.00 -15.36
N GLY C 130 -13.42 1.02 -15.70
CA GLY C 130 -12.92 1.97 -16.72
C GLY C 130 -11.90 2.92 -16.09
N PHE C 131 -10.74 2.45 -15.74
CA PHE C 131 -9.74 3.39 -15.13
C PHE C 131 -8.35 2.78 -15.19
N GLY C 132 -7.35 3.52 -14.78
CA GLY C 132 -5.96 2.99 -14.84
C GLY C 132 -5.08 3.68 -13.81
N PHE C 133 -3.82 3.32 -13.71
CA PHE C 133 -2.94 3.97 -12.70
C PHE C 133 -1.54 4.14 -13.30
N VAL C 134 -0.76 5.05 -12.80
CA VAL C 134 0.62 5.24 -13.36
C VAL C 134 1.55 5.72 -12.23
N THR C 135 2.81 5.37 -12.27
CA THR C 135 3.74 5.81 -11.19
C THR C 135 5.00 6.44 -11.77
N TYR C 136 5.37 7.61 -11.27
CA TYR C 136 6.61 8.27 -11.76
C TYR C 136 7.61 8.28 -10.61
N ASP C 137 8.89 8.10 -10.87
CA ASP C 137 9.87 8.14 -9.75
C ASP C 137 10.08 9.60 -9.38
N SER C 138 9.21 10.44 -9.87
CA SER C 138 9.29 11.88 -9.57
C SER C 138 7.90 12.35 -9.15
N ALA C 139 7.71 12.71 -7.91
CA ALA C 139 6.36 13.18 -7.54
C ALA C 139 6.14 14.45 -8.33
N ASP C 140 7.21 15.18 -8.54
CA ASP C 140 7.12 16.43 -9.33
C ASP C 140 6.40 16.11 -10.64
N ALA C 141 6.65 14.96 -11.22
CA ALA C 141 5.96 14.59 -12.49
C ALA C 141 4.46 14.64 -12.24
N VAL C 142 4.02 14.12 -11.14
CA VAL C 142 2.56 14.16 -10.83
C VAL C 142 2.15 15.63 -10.79
N ASP C 143 2.77 16.40 -9.95
CA ASP C 143 2.44 17.85 -9.85
C ASP C 143 2.59 18.50 -11.23
N ARG C 144 3.33 17.88 -12.10
CA ARG C 144 3.54 18.47 -13.46
C ARG C 144 2.28 18.23 -14.31
N VAL C 145 1.92 17.00 -14.52
CA VAL C 145 0.70 16.73 -15.33
C VAL C 145 -0.51 17.36 -14.63
N CYS C 146 -0.40 17.63 -13.36
CA CYS C 146 -1.56 18.24 -12.63
C CYS C 146 -2.16 19.34 -13.50
N GLN C 147 -1.38 20.32 -13.86
CA GLN C 147 -1.93 21.41 -14.72
C GLN C 147 -2.64 20.76 -15.91
N ASN C 148 -2.21 19.59 -16.28
CA ASN C 148 -2.89 18.85 -17.39
C ASN C 148 -3.82 17.82 -16.78
N LYS C 149 -4.88 18.23 -16.15
CA LYS C 149 -5.81 17.26 -15.52
C LYS C 149 -6.72 16.65 -16.59
N PHE C 150 -6.70 17.19 -17.78
CA PHE C 150 -7.55 16.63 -18.87
C PHE C 150 -6.68 16.41 -20.11
N ILE C 151 -6.66 15.22 -20.66
CA ILE C 151 -5.82 14.98 -21.87
C ILE C 151 -6.61 14.23 -22.94
N ASP C 152 -6.35 14.51 -24.19
CA ASP C 152 -7.06 13.80 -25.29
C ASP C 152 -6.38 12.46 -25.53
N PHE C 153 -6.89 11.42 -24.93
CA PHE C 153 -6.28 10.07 -25.10
C PHE C 153 -7.20 9.27 -26.04
N LYS C 154 -6.92 8.01 -26.29
CA LYS C 154 -7.80 7.23 -27.22
C LYS C 154 -9.27 7.62 -26.99
N ASP C 155 -9.62 7.94 -25.79
CA ASP C 155 -11.02 8.34 -25.49
C ASP C 155 -11.12 9.86 -25.54
N ARG C 156 -12.07 10.42 -24.85
CA ARG C 156 -12.22 11.91 -24.86
C ARG C 156 -11.19 12.51 -23.90
N LYS C 157 -11.32 13.77 -23.58
CA LYS C 157 -10.35 14.43 -22.66
C LYS C 157 -10.26 13.64 -21.35
N ILE C 158 -9.60 12.51 -21.37
CA ILE C 158 -9.50 11.67 -20.14
C ILE C 158 -9.17 12.56 -18.95
N GLU C 159 -9.55 12.17 -17.78
CA GLU C 159 -9.26 13.01 -16.58
C GLU C 159 -8.14 12.36 -15.76
N ILE C 160 -7.43 13.14 -15.00
CA ILE C 160 -6.32 12.58 -14.16
C ILE C 160 -6.54 12.98 -12.70
N LYS C 161 -6.08 12.20 -11.77
CA LYS C 161 -6.24 12.58 -10.33
C LYS C 161 -5.13 11.92 -9.51
N ARG C 162 -4.72 12.55 -8.44
CA ARG C 162 -3.64 11.95 -7.60
C ARG C 162 -4.16 10.67 -6.93
N ALA C 163 -3.32 9.68 -6.76
CA ALA C 163 -3.80 8.42 -6.12
C ALA C 163 -3.88 8.63 -4.61
N GLU C 164 -3.81 9.86 -4.16
CA GLU C 164 -3.88 10.14 -2.70
C GLU C 164 -5.32 10.06 -2.23
N PRO C 165 -5.54 9.71 -0.97
CA PRO C 165 -6.91 9.61 -0.38
C PRO C 165 -7.54 10.99 -0.16
N ARG C 166 -8.84 11.06 -0.07
CA ARG C 166 -9.50 12.37 0.16
C ARG C 166 -9.06 12.93 1.51
N HIS C 167 -7.82 13.32 1.63
CA HIS C 167 -7.33 13.87 2.92
C HIS C 167 -7.87 13.05 4.08
N ASN B 1 10.93 7.31 7.66
CA ASN B 1 10.32 7.91 8.88
C ASN B 1 10.61 7.00 10.09
N PRO B 2 10.49 7.54 11.27
CA PRO B 2 10.75 6.77 12.52
C PRO B 2 9.73 5.64 12.73
N PRO B 3 10.15 4.51 13.24
CA PRO B 3 9.24 3.35 13.48
C PRO B 3 8.36 3.54 14.72
N SER B 4 8.32 4.72 15.26
CA SER B 4 7.48 4.95 16.47
C SER B 4 7.16 6.44 16.60
N ARG B 5 5.91 6.77 16.78
CA ARG B 5 5.53 8.20 16.92
C ARG B 5 4.02 8.30 17.18
N VAL B 6 3.25 7.54 16.45
CA VAL B 6 1.78 7.58 16.64
C VAL B 6 1.24 6.15 16.56
N VAL B 7 0.10 5.90 17.18
CA VAL B 7 -0.47 4.50 17.14
C VAL B 7 -1.81 4.55 16.42
N TYR B 8 -2.10 3.58 15.60
CA TYR B 8 -3.37 3.59 14.83
C TYR B 8 -4.36 2.57 15.39
N LEU B 9 -5.60 2.95 15.53
CA LEU B 9 -6.64 1.99 16.01
C LEU B 9 -7.57 1.68 14.84
N GLY B 10 -7.66 0.45 14.44
CA GLY B 10 -8.56 0.12 13.30
C GLY B 10 -10.00 0.05 13.83
N SER B 11 -10.77 -0.92 13.43
CA SER B 11 -12.17 -0.99 13.92
C SER B 11 -12.17 -1.35 15.41
N ILE B 12 -12.76 -0.52 16.23
CA ILE B 12 -12.82 -0.79 17.69
C ILE B 12 -14.29 -0.72 18.14
N PRO B 13 -14.76 -1.61 18.99
CA PRO B 13 -16.17 -1.58 19.45
C PRO B 13 -16.56 -0.23 20.06
N TYR B 14 -17.82 0.09 20.01
CA TYR B 14 -18.29 1.39 20.57
C TYR B 14 -18.25 1.35 22.09
N ASP B 15 -17.85 0.25 22.67
CA ASP B 15 -17.77 0.17 24.15
C ASP B 15 -16.77 1.21 24.64
N GLN B 16 -15.71 1.42 23.88
CA GLN B 16 -14.70 2.42 24.30
C GLN B 16 -14.37 3.35 23.12
N THR B 17 -14.63 4.62 23.26
CA THR B 17 -14.37 5.56 22.13
C THR B 17 -13.21 6.51 22.48
N GLU B 18 -13.36 7.78 22.20
CA GLU B 18 -12.26 8.75 22.48
C GLU B 18 -12.02 8.83 23.99
N GLU B 19 -13.02 8.67 24.79
CA GLU B 19 -12.81 8.75 26.25
C GLU B 19 -11.93 7.58 26.69
N GLN B 20 -12.32 6.38 26.36
CA GLN B 20 -11.54 5.19 26.76
C GLN B 20 -10.21 5.17 26.01
N ILE B 21 -10.20 5.47 24.75
CA ILE B 21 -8.92 5.45 24.02
C ILE B 21 -7.99 6.48 24.67
N LEU B 22 -8.49 7.69 24.79
CA LEU B 22 -7.69 8.81 25.38
C LEU B 22 -6.85 8.34 26.58
N ASP B 23 -7.20 7.24 27.21
CA ASP B 23 -6.36 6.77 28.35
C ASP B 23 -5.93 5.32 28.14
N LEU B 24 -6.64 4.55 27.37
CA LEU B 24 -6.17 3.16 27.13
C LEU B 24 -4.77 3.26 26.54
N CYS B 25 -4.57 4.22 25.69
CA CYS B 25 -3.22 4.41 25.08
C CYS B 25 -2.34 5.21 26.05
N SER B 26 -2.71 6.44 26.31
CA SER B 26 -1.89 7.31 27.21
C SER B 26 -1.30 6.48 28.35
N ASN B 27 -1.86 5.31 28.63
CA ASN B 27 -1.35 4.44 29.74
C ASN B 27 0.18 4.29 29.66
N VAL B 28 0.88 5.37 29.82
CA VAL B 28 2.36 5.35 29.80
C VAL B 28 2.89 6.77 29.88
N GLY B 29 2.16 7.72 29.37
CA GLY B 29 2.63 9.13 29.42
C GLY B 29 1.67 10.03 28.64
N PRO B 30 2.02 11.28 28.51
CA PRO B 30 1.18 12.28 27.79
C PRO B 30 0.89 11.88 26.34
N VAL B 31 -0.13 12.44 25.77
CA VAL B 31 -0.49 12.14 24.36
C VAL B 31 -0.66 13.45 23.60
N ILE B 32 -0.29 13.48 22.35
CA ILE B 32 -0.41 14.75 21.57
C ILE B 32 -1.76 14.87 20.87
N ASN B 33 -2.02 14.03 19.91
CA ASN B 33 -3.31 14.16 19.15
C ASN B 33 -4.19 12.93 19.32
N LEU B 34 -5.47 13.12 19.47
CA LEU B 34 -6.40 11.97 19.58
C LEU B 34 -7.56 12.21 18.62
N LYS B 35 -7.85 11.26 17.78
CA LYS B 35 -8.98 11.44 16.81
C LYS B 35 -9.79 10.15 16.73
N MET B 36 -11.09 10.25 16.87
CA MET B 36 -11.95 9.04 16.79
C MET B 36 -13.15 9.29 15.89
N MET B 37 -13.58 8.29 15.17
CA MET B 37 -14.75 8.44 14.26
C MET B 37 -15.14 7.06 13.70
N PHE B 38 -16.26 6.98 13.04
CA PHE B 38 -16.70 5.68 12.45
C PHE B 38 -16.74 5.79 10.93
N ASP B 39 -17.34 4.84 10.27
CA ASP B 39 -17.40 4.90 8.77
C ASP B 39 -18.81 5.31 8.30
N PRO B 40 -19.18 6.57 8.44
CA PRO B 40 -20.51 7.06 7.99
C PRO B 40 -20.76 6.80 6.51
N GLN B 41 -19.72 6.81 5.71
CA GLN B 41 -19.90 6.58 4.24
C GLN B 41 -20.47 5.17 3.99
N THR B 42 -20.04 4.20 4.74
CA THR B 42 -20.55 2.82 4.50
C THR B 42 -20.77 2.10 5.84
N GLY B 43 -19.98 2.39 6.82
CA GLY B 43 -20.14 1.72 8.14
C GLY B 43 -19.15 0.57 8.29
N ARG B 44 -18.34 0.33 7.29
CA ARG B 44 -17.34 -0.78 7.40
C ARG B 44 -16.43 -0.54 8.61
N SER B 45 -16.02 0.68 8.82
CA SER B 45 -15.14 0.96 9.99
C SER B 45 -16.02 1.29 11.20
N LYS B 46 -15.96 0.47 12.21
CA LYS B 46 -16.80 0.71 13.42
C LYS B 46 -16.16 1.81 14.27
N GLY B 47 -15.08 1.50 14.92
CA GLY B 47 -14.40 2.52 15.78
C GLY B 47 -12.96 2.68 15.31
N TYR B 48 -12.71 3.66 14.48
CA TYR B 48 -11.32 3.89 13.98
C TYR B 48 -10.75 5.15 14.61
N ALA B 49 -9.56 5.09 15.15
CA ALA B 49 -9.01 6.31 15.83
C ALA B 49 -7.47 6.36 15.77
N PHE B 50 -6.93 7.55 15.61
CA PHE B 50 -5.42 7.71 15.59
C PHE B 50 -4.99 8.54 16.79
N ILE B 51 -4.01 8.04 17.50
CA ILE B 51 -3.52 8.75 18.71
C ILE B 51 -2.03 9.08 18.58
N GLU B 52 -1.68 10.30 18.28
CA GLU B 52 -0.24 10.65 18.13
C GLU B 52 0.38 10.95 19.50
N PHE B 53 1.50 10.35 19.78
CA PHE B 53 2.18 10.58 21.08
C PHE B 53 3.21 11.70 20.95
N ARG B 54 3.86 12.04 22.03
CA ARG B 54 4.86 13.14 22.01
C ARG B 54 5.88 12.91 20.90
N ASP B 55 6.36 11.70 20.78
CA ASP B 55 7.35 11.39 19.71
C ASP B 55 8.09 10.13 20.12
N LEU B 56 9.05 9.72 19.33
CA LEU B 56 9.82 8.47 19.65
C LEU B 56 10.00 8.31 21.15
N GLU B 57 9.95 9.37 21.91
CA GLU B 57 10.10 9.22 23.38
C GLU B 57 8.86 8.51 23.96
N SER B 58 7.79 9.23 24.06
CA SER B 58 6.55 8.63 24.59
C SER B 58 6.12 7.51 23.65
N SER B 59 6.24 7.71 22.38
CA SER B 59 5.84 6.65 21.40
C SER B 59 6.71 5.42 21.63
N ALA B 60 7.98 5.60 21.91
CA ALA B 60 8.86 4.42 22.17
C ALA B 60 8.27 3.64 23.35
N SER B 61 8.17 4.28 24.48
CA SER B 61 7.65 3.60 25.70
C SER B 61 6.19 3.14 25.52
N ALA B 62 5.40 3.90 24.81
CA ALA B 62 3.98 3.50 24.66
C ALA B 62 3.86 2.33 23.70
N VAL B 63 4.15 2.51 22.45
CA VAL B 63 4.00 1.36 21.50
C VAL B 63 4.79 0.15 22.01
N ARG B 64 5.94 0.36 22.59
CA ARG B 64 6.69 -0.81 23.11
C ARG B 64 5.85 -1.46 24.21
N ASN B 65 5.27 -0.65 25.06
CA ASN B 65 4.42 -1.22 26.15
C ASN B 65 3.00 -1.46 25.61
N LEU B 66 2.44 -0.51 24.90
CA LEU B 66 1.06 -0.67 24.36
C LEU B 66 1.05 -0.45 22.85
N ASN B 67 1.37 -1.46 22.08
CA ASN B 67 1.34 -1.34 20.60
C ASN B 67 0.18 -2.17 20.09
N GLY B 68 0.29 -3.47 20.23
CA GLY B 68 -0.79 -4.38 19.80
C GLY B 68 -1.12 -5.30 20.97
N TYR B 69 -2.25 -5.13 21.62
CA TYR B 69 -2.57 -6.01 22.75
C TYR B 69 -4.07 -6.38 22.69
N GLN B 70 -4.40 -7.56 23.14
CA GLN B 70 -5.83 -8.02 23.13
C GLN B 70 -6.79 -6.84 23.31
N LEU B 71 -7.21 -6.21 22.24
CA LEU B 71 -8.16 -5.08 22.37
C LEU B 71 -9.05 -5.02 21.12
N GLY B 72 -10.32 -4.82 21.32
CA GLY B 72 -11.26 -4.74 20.16
C GLY B 72 -10.97 -5.87 19.17
N SER B 73 -11.54 -5.80 18.00
CA SER B 73 -11.33 -6.86 16.97
C SER B 73 -9.87 -6.88 16.52
N ARG B 74 -9.18 -5.77 16.65
CA ARG B 74 -7.76 -5.72 16.22
C ARG B 74 -6.93 -5.10 17.32
N PHE B 75 -5.66 -5.31 17.29
CA PHE B 75 -4.78 -4.76 18.35
C PHE B 75 -4.18 -3.43 17.88
N LEU B 76 -4.10 -2.48 18.76
CA LEU B 76 -3.51 -1.16 18.37
C LEU B 76 -2.23 -1.42 17.56
N LYS B 77 -1.81 -0.47 16.77
CA LYS B 77 -0.57 -0.67 15.97
C LYS B 77 0.33 0.55 16.11
N CYS B 78 1.60 0.40 15.82
CA CYS B 78 2.54 1.55 15.95
C CYS B 78 3.00 2.02 14.57
N GLY B 79 2.90 3.30 14.30
CA GLY B 79 3.34 3.81 12.96
C GLY B 79 3.79 5.27 13.05
N TYR B 80 3.91 5.90 11.92
CA TYR B 80 4.36 7.33 11.90
C TYR B 80 3.41 8.15 11.02
N SER B 81 3.54 9.45 11.03
CA SER B 81 2.64 10.28 10.18
C SER B 81 2.98 11.76 10.36
N SER B 82 4.21 12.07 10.69
CA SER B 82 4.61 13.50 10.87
C SER B 82 5.97 13.74 10.22
N ASN B 83 6.14 14.88 9.59
CA ASN B 83 7.45 15.17 8.94
C ASN B 83 8.07 16.42 9.57
N SER B 84 7.29 17.20 10.26
CA SER B 84 7.85 18.42 10.92
C SER B 84 8.73 18.02 12.09
N LYS C 1 18.85 -1.25 3.36
CA LYS C 1 19.41 -1.97 4.54
C LYS C 1 19.32 -3.47 4.31
N GLU C 2 18.27 -3.92 3.67
CA GLU C 2 18.12 -5.38 3.42
C GLU C 2 18.37 -5.66 1.92
N SER C 3 18.77 -6.86 1.60
CA SER C 3 19.03 -7.19 0.17
C SER C 3 18.58 -8.62 -0.12
N CYS C 4 18.39 -8.95 -1.38
CA CYS C 4 17.95 -10.32 -1.74
C CYS C 4 16.58 -10.58 -1.12
N LYS C 5 15.92 -9.55 -0.68
CA LYS C 5 14.57 -9.71 -0.08
C LYS C 5 13.53 -9.28 -1.13
N MET C 6 12.95 -10.23 -1.82
CA MET C 6 11.94 -9.87 -2.86
C MET C 6 10.66 -9.35 -2.19
N PHE C 7 9.94 -8.50 -2.87
CA PHE C 7 8.68 -7.97 -2.30
C PHE C 7 7.53 -8.21 -3.29
N ILE C 8 7.03 -9.41 -3.34
CA ILE C 8 5.91 -9.71 -4.29
C ILE C 8 4.83 -8.64 -4.12
N GLY C 9 4.28 -8.16 -5.20
CA GLY C 9 3.23 -7.11 -5.10
C GLY C 9 2.14 -7.40 -6.13
N GLY C 10 1.06 -6.68 -6.09
CA GLY C 10 -0.02 -6.91 -7.08
C GLY C 10 -0.32 -8.40 -7.14
N LEU C 11 0.23 -9.15 -6.21
CA LEU C 11 0.00 -10.61 -6.21
C LEU C 11 -1.49 -10.89 -6.03
N ASN C 12 -1.93 -12.09 -6.31
CA ASN C 12 -3.37 -12.40 -6.16
C ASN C 12 -3.75 -12.39 -4.69
N TRP C 13 -4.72 -11.59 -4.33
CA TRP C 13 -5.13 -11.50 -2.91
C TRP C 13 -5.09 -12.88 -2.25
N ASP C 14 -5.36 -13.93 -2.99
CA ASP C 14 -5.34 -15.30 -2.37
C ASP C 14 -4.03 -16.03 -2.72
N THR C 15 -3.08 -16.04 -1.82
CA THR C 15 -1.80 -16.76 -2.09
C THR C 15 -1.13 -17.11 -0.75
N THR C 16 -1.01 -18.36 -0.45
CA THR C 16 -0.35 -18.78 0.83
C THR C 16 1.16 -18.59 0.73
N GLU C 17 1.87 -18.79 1.81
CA GLU C 17 3.36 -18.64 1.79
C GLU C 17 4.00 -19.85 1.11
N ASP C 18 4.01 -21.00 1.74
CA ASP C 18 4.65 -22.19 1.11
C ASP C 18 4.37 -22.19 -0.41
N ASN C 19 3.17 -22.53 -0.79
CA ASN C 19 2.83 -22.57 -2.25
C ASN C 19 3.57 -21.44 -2.98
N LEU C 20 3.56 -20.25 -2.43
CA LEU C 20 4.27 -19.14 -3.11
C LEU C 20 5.72 -19.58 -3.34
N ARG C 21 6.35 -20.14 -2.35
CA ARG C 21 7.74 -20.60 -2.53
C ARG C 21 7.75 -21.84 -3.43
N GLU C 22 7.09 -22.88 -3.00
CA GLU C 22 7.06 -24.13 -3.81
C GLU C 22 6.90 -23.76 -5.28
N TYR C 23 6.38 -22.60 -5.56
CA TYR C 23 6.25 -22.18 -6.97
C TYR C 23 7.46 -21.34 -7.37
N PHE C 24 7.94 -20.51 -6.47
CA PHE C 24 9.11 -19.64 -6.80
C PHE C 24 10.41 -20.36 -6.46
N GLY C 25 10.36 -21.64 -6.20
CA GLY C 25 11.60 -22.40 -5.84
C GLY C 25 12.63 -22.35 -6.98
N LYS C 26 12.26 -22.76 -8.16
CA LYS C 26 13.25 -22.78 -9.29
C LYS C 26 13.85 -21.40 -9.55
N TYR C 27 13.76 -20.50 -8.62
CA TYR C 27 14.35 -19.13 -8.83
C TYR C 27 15.61 -18.99 -7.96
N GLY C 28 15.91 -19.97 -7.16
CA GLY C 28 17.11 -19.90 -6.29
C GLY C 28 16.78 -20.58 -4.96
N THR C 29 17.58 -20.37 -3.95
CA THR C 29 17.27 -21.02 -2.64
C THR C 29 16.59 -19.99 -1.75
N VAL C 30 15.54 -20.37 -1.07
CA VAL C 30 14.83 -19.40 -0.19
C VAL C 30 15.17 -19.70 1.27
N THR C 31 15.58 -18.71 2.01
CA THR C 31 15.93 -18.95 3.44
C THR C 31 14.68 -18.75 4.31
N ASP C 32 14.03 -17.63 4.14
CA ASP C 32 12.80 -17.35 4.94
C ASP C 32 11.88 -16.46 4.09
N LEU C 33 10.61 -16.38 4.39
CA LEU C 33 9.73 -15.52 3.56
C LEU C 33 8.49 -15.14 4.40
N LYS C 34 8.00 -13.94 4.26
CA LYS C 34 6.80 -13.52 5.06
C LYS C 34 5.65 -13.21 4.10
N ILE C 35 4.43 -13.20 4.56
CA ILE C 35 3.28 -12.90 3.66
C ILE C 35 1.99 -13.03 4.48
N MET C 36 1.38 -11.93 4.84
CA MET C 36 0.15 -12.00 5.68
C MET C 36 -1.03 -11.32 4.98
N LYS C 37 -1.65 -12.00 4.06
CA LYS C 37 -2.81 -11.43 3.29
C LYS C 37 -3.49 -10.32 4.09
N ASP C 38 -4.38 -10.66 4.99
CA ASP C 38 -5.07 -9.62 5.80
C ASP C 38 -5.51 -10.23 7.13
N PRO C 39 -5.62 -9.42 8.17
CA PRO C 39 -6.03 -9.92 9.51
C PRO C 39 -7.17 -10.94 9.42
N ALA C 40 -8.29 -10.57 8.83
CA ALA C 40 -9.43 -11.53 8.73
C ALA C 40 -10.55 -10.90 7.91
N THR C 41 -10.73 -9.63 8.13
CA THR C 41 -11.80 -8.86 7.42
C THR C 41 -12.11 -9.45 6.05
N GLY C 42 -11.22 -9.29 5.11
CA GLY C 42 -11.50 -9.83 3.76
C GLY C 42 -10.19 -9.96 2.99
N ARG C 43 -9.49 -8.86 2.90
CA ARG C 43 -8.20 -8.86 2.16
C ARG C 43 -7.47 -7.54 2.43
N SER C 44 -6.18 -7.50 2.23
CA SER C 44 -5.43 -6.24 2.49
C SER C 44 -4.13 -6.25 1.67
N ARG C 45 -3.45 -5.13 1.62
CA ARG C 45 -2.17 -5.03 0.84
C ARG C 45 -1.50 -6.40 0.73
N GLY C 46 -1.82 -7.14 -0.30
CA GLY C 46 -1.22 -8.50 -0.44
C GLY C 46 0.20 -8.36 -0.97
N PHE C 47 1.16 -8.65 -0.13
CA PHE C 47 2.58 -8.56 -0.55
C PHE C 47 3.28 -9.85 -0.17
N GLY C 48 4.46 -10.07 -0.69
CA GLY C 48 5.18 -11.34 -0.34
C GLY C 48 6.66 -11.04 -0.07
N PHE C 49 7.20 -11.49 1.01
CA PHE C 49 8.65 -11.25 1.28
C PHE C 49 9.39 -12.55 1.00
N LEU C 50 10.25 -12.58 0.01
CA LEU C 50 10.99 -13.84 -0.29
C LEU C 50 12.48 -13.64 -0.05
N SER C 51 12.93 -14.04 1.10
CA SER C 51 14.38 -13.88 1.44
C SER C 51 15.22 -14.83 0.57
N PHE C 52 15.50 -14.44 -0.65
CA PHE C 52 16.29 -15.34 -1.54
C PHE C 52 17.77 -15.24 -1.22
N GLU C 53 18.40 -16.36 -0.91
CA GLU C 53 19.86 -16.35 -0.61
C GLU C 53 20.52 -15.33 -1.54
N LYS C 54 21.18 -15.75 -2.58
CA LYS C 54 21.83 -14.75 -3.47
C LYS C 54 20.78 -13.70 -3.86
N PRO C 55 21.18 -12.53 -4.32
CA PRO C 55 20.23 -11.45 -4.69
C PRO C 55 19.91 -11.45 -6.18
N SER C 56 20.24 -12.51 -6.88
CA SER C 56 19.94 -12.55 -8.35
C SER C 56 18.48 -12.99 -8.57
N SER C 57 18.08 -14.07 -7.95
CA SER C 57 16.68 -14.56 -8.12
C SER C 57 15.73 -13.38 -8.13
N VAL C 58 16.11 -12.26 -7.56
CA VAL C 58 15.22 -11.08 -7.59
C VAL C 58 15.08 -10.61 -9.03
N ASP C 59 16.15 -10.67 -9.77
CA ASP C 59 16.11 -10.24 -11.20
C ASP C 59 15.20 -11.18 -11.97
N GLU C 60 15.38 -12.46 -11.84
CA GLU C 60 14.50 -13.43 -12.56
C GLU C 60 13.07 -13.27 -12.03
N VAL C 61 12.95 -13.08 -10.75
CA VAL C 61 11.60 -12.94 -10.14
C VAL C 61 10.85 -11.79 -10.81
N VAL C 62 11.46 -10.64 -10.94
CA VAL C 62 10.75 -9.49 -11.57
C VAL C 62 10.80 -9.57 -13.09
N LYS C 63 11.85 -10.10 -13.64
CA LYS C 63 11.94 -10.17 -15.13
C LYS C 63 11.00 -11.27 -15.65
N THR C 64 10.12 -11.75 -14.82
CA THR C 64 9.16 -12.79 -15.26
C THR C 64 7.75 -12.39 -14.83
N GLN C 65 6.76 -12.65 -15.65
CA GLN C 65 5.37 -12.28 -15.29
C GLN C 65 4.59 -13.55 -14.93
N HIS C 66 4.97 -14.17 -13.86
CA HIS C 66 4.28 -15.43 -13.44
C HIS C 66 2.78 -15.19 -13.32
N ILE C 67 2.01 -16.24 -13.28
CA ILE C 67 0.54 -16.08 -13.15
C ILE C 67 -0.01 -17.19 -12.24
N LEU C 68 0.23 -17.06 -10.96
CA LEU C 68 -0.26 -18.09 -10.00
C LEU C 68 -1.73 -18.43 -10.25
N ASP C 69 -2.64 -17.54 -9.92
CA ASP C 69 -4.09 -17.83 -10.14
C ASP C 69 -4.50 -17.37 -11.53
N GLY C 70 -3.54 -17.05 -12.35
CA GLY C 70 -3.84 -16.58 -13.73
C GLY C 70 -4.20 -15.08 -13.67
N LYS C 71 -3.85 -14.45 -12.58
CA LYS C 71 -4.11 -12.99 -12.43
C LYS C 71 -2.85 -12.24 -12.85
N VAL C 72 -2.64 -11.07 -12.35
CA VAL C 72 -1.41 -10.32 -12.73
C VAL C 72 -0.59 -9.97 -11.48
N ILE C 73 0.31 -10.84 -11.11
CA ILE C 73 1.15 -10.57 -9.91
C ILE C 73 2.34 -9.72 -10.32
N ASP C 74 2.71 -8.76 -9.51
CA ASP C 74 3.86 -7.87 -9.88
C ASP C 74 5.03 -8.08 -8.89
N PRO C 75 5.99 -8.90 -9.25
CA PRO C 75 7.17 -9.15 -8.39
C PRO C 75 8.15 -7.97 -8.42
N LYS C 76 8.51 -7.44 -7.28
CA LYS C 76 9.45 -6.29 -7.25
C LYS C 76 10.47 -6.48 -6.13
N ARG C 77 11.73 -6.26 -6.40
CA ARG C 77 12.77 -6.42 -5.34
C ARG C 77 12.50 -5.42 -4.21
N ALA C 78 12.84 -5.78 -3.00
CA ALA C 78 12.60 -4.83 -1.88
C ALA C 78 13.09 -3.43 -2.26
N ILE C 79 12.36 -2.42 -1.90
CA ILE C 79 12.76 -1.03 -2.26
C ILE C 79 12.91 -0.19 -0.97
N PRO C 80 14.04 0.47 -0.77
CA PRO C 80 14.26 1.30 0.44
C PRO C 80 13.07 2.21 0.74
N ARG C 81 12.82 2.47 2.00
CA ARG C 81 11.66 3.34 2.38
C ARG C 81 11.79 4.73 1.73
N ASP C 82 12.99 5.26 1.66
CA ASP C 82 13.14 6.61 1.04
C ASP C 82 12.56 6.59 -0.37
N GLU C 83 12.79 5.53 -1.10
CA GLU C 83 12.25 5.45 -2.48
C GLU C 83 10.74 5.22 -2.42
N GLN C 84 10.27 4.41 -1.51
CA GLN C 84 8.80 4.15 -1.41
C GLN C 84 8.08 5.48 -1.18
N ASP C 85 8.60 6.30 -0.30
CA ASP C 85 7.94 7.61 -0.01
C ASP C 85 8.07 8.54 -1.22
N LYS C 86 9.22 8.57 -1.84
CA LYS C 86 9.42 9.47 -3.01
C LYS C 86 8.43 9.10 -4.13
N THR C 87 8.31 7.83 -4.42
CA THR C 87 7.38 7.41 -5.51
C THR C 87 6.09 8.23 -5.46
N GLY C 88 5.59 8.63 -6.60
CA GLY C 88 4.33 9.42 -6.65
C GLY C 88 3.28 8.61 -7.40
N LYS C 89 2.03 8.68 -7.00
CA LYS C 89 0.98 7.90 -7.69
C LYS C 89 -0.07 8.85 -8.27
N ILE C 90 -0.41 8.69 -9.53
CA ILE C 90 -1.44 9.56 -10.15
C ILE C 90 -2.60 8.68 -10.65
N PHE C 91 -3.79 9.17 -10.53
CA PHE C 91 -4.99 8.37 -10.95
C PHE C 91 -5.52 8.90 -12.28
N VAL C 92 -5.72 8.03 -13.23
CA VAL C 92 -6.22 8.47 -14.55
C VAL C 92 -7.72 8.20 -14.67
N GLY C 93 -8.44 9.18 -15.12
CA GLY C 93 -9.92 9.05 -15.30
C GLY C 93 -10.24 9.07 -16.79
N GLY C 94 -11.37 8.54 -17.17
CA GLY C 94 -11.74 8.55 -18.63
C GLY C 94 -10.85 7.59 -19.41
N ILE C 95 -11.19 6.33 -19.41
CA ILE C 95 -10.37 5.35 -20.19
C ILE C 95 -11.30 4.56 -21.10
N GLY C 96 -10.98 4.50 -22.36
CA GLY C 96 -11.86 3.74 -23.30
C GLY C 96 -12.07 2.32 -22.75
N PRO C 97 -13.27 1.99 -22.31
CA PRO C 97 -13.54 0.63 -21.75
C PRO C 97 -12.99 -0.47 -22.65
N ASP C 98 -12.76 -0.17 -23.89
CA ASP C 98 -12.20 -1.19 -24.83
C ASP C 98 -10.68 -1.03 -24.91
N VAL C 99 -10.10 -0.32 -23.98
CA VAL C 99 -8.62 -0.12 -24.01
C VAL C 99 -7.94 -1.11 -23.08
N ARG C 100 -6.88 -1.73 -23.51
CA ARG C 100 -6.16 -2.71 -22.66
C ARG C 100 -4.93 -2.03 -22.03
N PRO C 101 -4.39 -2.61 -21.01
CA PRO C 101 -3.19 -2.05 -20.31
C PRO C 101 -1.98 -1.94 -21.23
N LYS C 102 -1.92 -2.77 -22.25
CA LYS C 102 -0.76 -2.73 -23.19
C LYS C 102 -0.54 -1.29 -23.64
N GLU C 103 -1.50 -0.70 -24.31
CA GLU C 103 -1.33 0.70 -24.76
C GLU C 103 -1.14 1.58 -23.53
N PHE C 104 -2.20 1.82 -22.80
CA PHE C 104 -2.14 2.66 -21.55
C PHE C 104 -0.68 2.81 -21.05
N GLU C 105 -0.10 1.72 -20.60
CA GLU C 105 1.30 1.79 -20.10
C GLU C 105 2.24 2.24 -21.22
N GLU C 106 2.07 1.70 -22.40
CA GLU C 106 2.95 2.09 -23.55
C GLU C 106 2.61 3.54 -23.95
N PHE C 107 1.59 4.09 -23.37
CA PHE C 107 1.18 5.48 -23.67
C PHE C 107 1.87 6.40 -22.67
N PHE C 108 1.39 6.47 -21.46
CA PHE C 108 2.05 7.40 -20.49
C PHE C 108 3.58 7.22 -20.58
N SER C 109 4.00 6.02 -20.84
CA SER C 109 5.47 5.72 -20.91
C SER C 109 6.27 6.90 -21.48
N GLN C 110 5.76 7.62 -22.46
CA GLN C 110 6.57 8.76 -23.02
C GLN C 110 6.90 9.76 -21.90
N TRP C 111 6.12 10.80 -21.75
CA TRP C 111 6.40 11.82 -20.69
C TRP C 111 6.13 11.20 -19.32
N GLY C 112 6.12 9.91 -19.24
CA GLY C 112 5.85 9.26 -17.96
C GLY C 112 6.82 8.11 -17.79
N THR C 113 7.49 8.05 -16.67
CA THR C 113 8.47 6.96 -16.45
C THR C 113 7.74 5.74 -15.88
N ILE C 114 6.44 5.79 -15.80
CA ILE C 114 5.62 4.69 -15.19
C ILE C 114 6.39 3.39 -14.98
N ILE C 115 6.89 3.23 -13.79
CA ILE C 115 7.61 1.98 -13.41
C ILE C 115 6.56 0.94 -13.00
N ASP C 116 5.50 1.38 -12.39
CA ASP C 116 4.41 0.46 -11.96
C ASP C 116 3.06 1.11 -12.32
N ALA C 117 2.54 0.78 -13.46
CA ALA C 117 1.27 1.41 -13.92
C ALA C 117 0.33 0.37 -14.52
N GLN C 118 -0.89 0.75 -14.83
CA GLN C 118 -1.82 -0.24 -15.44
C GLN C 118 -3.27 0.24 -15.39
N LEU C 119 -4.08 -0.29 -16.26
CA LEU C 119 -5.51 0.05 -16.30
C LEU C 119 -6.26 -1.04 -15.53
N MET C 120 -7.25 -0.71 -14.75
CA MET C 120 -7.99 -1.76 -14.01
C MET C 120 -9.15 -2.25 -14.87
N LEU C 121 -9.62 -3.44 -14.64
CA LEU C 121 -10.75 -3.96 -15.45
C LEU C 121 -11.58 -4.93 -14.59
N ASP C 122 -12.48 -5.65 -15.21
CA ASP C 122 -13.33 -6.61 -14.43
C ASP C 122 -12.45 -7.67 -13.78
N LYS C 123 -11.44 -8.11 -14.48
CA LYS C 123 -10.55 -9.16 -13.89
C LYS C 123 -9.85 -8.61 -12.64
N ASP C 124 -9.38 -7.40 -12.70
CA ASP C 124 -8.70 -6.82 -11.52
C ASP C 124 -9.71 -6.65 -10.39
N THR C 125 -10.71 -5.85 -10.60
CA THR C 125 -11.75 -5.65 -9.53
C THR C 125 -12.80 -4.64 -10.02
N GLY C 126 -14.05 -4.99 -9.91
CA GLY C 126 -15.12 -4.04 -10.35
C GLY C 126 -15.20 -4.05 -11.88
N GLN C 127 -14.97 -2.92 -12.51
CA GLN C 127 -15.04 -2.91 -14.00
C GLN C 127 -14.42 -1.64 -14.56
N SER C 128 -13.88 -1.73 -15.74
CA SER C 128 -13.25 -0.54 -16.38
C SER C 128 -14.30 0.55 -16.61
N ARG C 129 -14.82 1.11 -15.55
CA ARG C 129 -15.83 2.20 -15.72
C ARG C 129 -15.20 3.29 -16.57
N GLY C 130 -13.90 3.32 -16.59
CA GLY C 130 -13.19 4.36 -17.39
C GLY C 130 -11.99 4.90 -16.58
N PHE C 131 -11.65 4.25 -15.50
CA PHE C 131 -10.53 4.74 -14.65
C PHE C 131 -9.29 3.87 -14.82
N GLY C 132 -8.16 4.35 -14.38
CA GLY C 132 -6.89 3.58 -14.52
C GLY C 132 -5.87 4.14 -13.53
N PHE C 133 -4.68 3.60 -13.45
CA PHE C 133 -3.68 4.15 -12.49
C PHE C 133 -2.32 4.29 -13.19
N VAL C 134 -1.48 5.19 -12.71
CA VAL C 134 -0.12 5.34 -13.30
C VAL C 134 0.80 5.78 -12.15
N THR C 135 1.99 5.24 -12.07
CA THR C 135 2.89 5.61 -10.94
C THR C 135 4.21 6.15 -11.48
N TYR C 136 4.62 7.33 -11.07
CA TYR C 136 5.94 7.86 -11.55
C TYR C 136 6.88 7.94 -10.35
N ASP C 137 8.09 7.46 -10.47
CA ASP C 137 8.99 7.53 -9.30
C ASP C 137 9.04 8.97 -8.79
N SER C 138 9.19 9.92 -9.67
CA SER C 138 9.23 11.34 -9.24
C SER C 138 7.79 11.89 -9.19
N ALA C 139 7.59 13.01 -8.55
CA ALA C 139 6.22 13.60 -8.51
C ALA C 139 6.16 14.77 -9.50
N ASP C 140 7.27 15.32 -9.84
CA ASP C 140 7.27 16.46 -10.80
C ASP C 140 6.45 16.06 -12.03
N ALA C 141 6.55 14.82 -12.45
CA ALA C 141 5.77 14.37 -13.65
C ALA C 141 4.27 14.55 -13.40
N VAL C 142 3.74 13.99 -12.35
CA VAL C 142 2.28 14.16 -12.13
C VAL C 142 1.97 15.66 -12.11
N ASP C 143 2.63 16.41 -11.27
CA ASP C 143 2.38 17.88 -11.22
C ASP C 143 2.62 18.49 -12.60
N ARG C 144 3.36 17.80 -13.43
CA ARG C 144 3.62 18.34 -14.80
C ARG C 144 2.38 18.12 -15.66
N VAL C 145 1.95 16.90 -15.81
CA VAL C 145 0.74 16.62 -16.63
C VAL C 145 -0.50 17.18 -15.94
N CYS C 146 -0.47 17.33 -14.65
CA CYS C 146 -1.66 17.87 -13.94
C CYS C 146 -2.21 19.06 -14.73
N GLN C 147 -1.38 20.01 -15.06
CA GLN C 147 -1.87 21.17 -15.83
C GLN C 147 -2.62 20.68 -17.07
N ASN C 148 -2.37 19.47 -17.48
CA ASN C 148 -3.11 18.91 -18.65
C ASN C 148 -4.23 17.98 -18.15
N LYS C 149 -5.21 18.51 -17.48
CA LYS C 149 -6.31 17.63 -16.99
C LYS C 149 -6.75 16.70 -18.14
N PHE C 150 -7.51 17.20 -19.06
CA PHE C 150 -7.99 16.36 -20.20
C PHE C 150 -6.86 16.16 -21.21
N ILE C 151 -6.65 14.95 -21.67
CA ILE C 151 -5.59 14.69 -22.69
C ILE C 151 -6.20 13.87 -23.83
N ASP C 152 -5.71 14.05 -25.03
CA ASP C 152 -6.25 13.26 -26.17
C ASP C 152 -5.66 11.85 -26.10
N PHE C 153 -6.51 10.85 -26.06
CA PHE C 153 -6.01 9.44 -25.99
C PHE C 153 -6.57 8.65 -27.16
N LYS C 154 -6.12 7.44 -27.32
CA LYS C 154 -6.64 6.57 -28.41
C LYS C 154 -8.16 6.78 -28.51
N ASP C 155 -8.77 7.22 -27.46
CA ASP C 155 -10.23 7.47 -27.48
C ASP C 155 -10.48 8.94 -27.81
N ARG C 156 -11.60 9.47 -27.41
CA ARG C 156 -11.89 10.91 -27.71
C ARG C 156 -11.12 11.81 -26.74
N LYS C 157 -11.30 11.61 -25.46
CA LYS C 157 -10.57 12.46 -24.47
C LYS C 157 -10.50 11.72 -23.14
N ILE C 158 -9.44 11.91 -22.39
CA ILE C 158 -9.33 11.23 -21.08
C ILE C 158 -8.96 12.25 -20.00
N GLU C 159 -9.41 12.06 -18.80
CA GLU C 159 -9.10 13.03 -17.71
C GLU C 159 -7.95 12.52 -16.85
N ILE C 160 -7.10 13.39 -16.38
CA ILE C 160 -5.99 12.94 -15.50
C ILE C 160 -6.14 13.60 -14.12
N LYS C 161 -5.74 12.93 -13.08
CA LYS C 161 -5.86 13.53 -11.71
C LYS C 161 -4.83 12.87 -10.79
N ARG C 162 -4.31 13.58 -9.84
CA ARG C 162 -3.31 12.98 -8.91
C ARG C 162 -4.00 11.93 -8.03
N ALA C 163 -3.27 10.94 -7.58
CA ALA C 163 -3.89 9.89 -6.71
C ALA C 163 -4.36 10.54 -5.41
N GLU C 164 -5.61 10.94 -5.36
CA GLU C 164 -6.14 11.58 -4.12
C GLU C 164 -7.43 10.88 -3.69
N PRO C 165 -7.35 9.69 -3.12
CA PRO C 165 -8.54 8.93 -2.67
C PRO C 165 -9.73 9.82 -2.33
N ARG C 166 -9.62 10.62 -1.29
CA ARG C 166 -10.75 11.52 -0.92
C ARG C 166 -10.26 12.96 -0.89
N HIS C 167 -10.35 13.65 -2.01
CA HIS C 167 -9.89 15.06 -2.06
C HIS C 167 -8.59 15.22 -1.25
#